data_9C8C
#
_entry.id   9C8C
#
_cell.length_a   101.245
_cell.length_b   102.309
_cell.length_c   127.005
_cell.angle_alpha   90.000
_cell.angle_beta   106.531
_cell.angle_gamma   90.000
#
_symmetry.space_group_name_H-M   'P 1 21 1'
#
loop_
_entity.id
_entity.type
_entity.pdbx_description
1 polymer 'Bifunctional protein PutA'
2 non-polymer 'DIHYDROFLAVINE-ADENINE DINUCLEOTIDE'
3 non-polymer PROPANAL
4 non-polymer NICOTINAMIDE-ADENINE-DINUCLEOTIDE
5 non-polymer 'MAGNESIUM ION'
6 non-polymer 'SULFATE ION'
7 non-polymer DI(HYDROXYETHYL)ETHER
8 non-polymer N-(prop-2-en-1-yl)glycine
9 non-polymer 'TRIETHYLENE GLYCOL'
10 water water
#
_entity_poly.entity_id   1
_entity_poly.type   'polypeptide(L)'
_entity_poly.pdbx_seq_one_letter_code
;SMMSPNPLQKPAIDAAPAPFADFAPPVRPQSTLRRAITAAYRRPETECLPPLVEAATQSKEIRDAAASTARKLIEALRGK
HSGSGVEGLVQEYSLSSQEGVALMCLAEALLRIPDTATRDALIRDKIADGNWKSHLGGSRSLFVNAATWGLVVTGKLTST
VNDRSLAAALTRLISRCGEPVIRRGVDMAMRMMGEQFVTGETIREALKRSKELEEKGFSYSYDMLGEAATTAADAERYYR
DYESAIHAIGKASAGRGIYEGPGISIKLSALHPRYSRAQAARVMGELLPRVKALALLAKNYDIGLNIDAEEADRLELSLD
LLEVLCLDGDLSGWNGMGFVVQAYGKRCPFVLDFIIDLARRSGRRIMVRLVKGAYWDAEIKRAQLDGLADFPVFTRKIHT
DVSYIACAAKLLAATDVVFPQFATHNAQTLAAIYHMAGKDFHVGKYEFQCLHGMGEPLYEEVVGRGKLDRPCRIYAPVGT
HETLLAYLVRRLLENGANSSFVHRINDPKVSIDELIADPVEVVRAMPVVGAKHDRIALPAELFGDARTNSAGLDLSNEET
LASLTEALRESAAMKWTALPQLATGPAAGETRTVLNPGDHRDVVGSVTETSEEDARRAVRLAADAAPDWAAVPPSERAAC
LDRAAELMQARMPTLLGLIIREAGKSALNAIAEVREAIDFLRYYAEQTRRTLGPGHGPLGPIVCISPWNFPLAIFTGQIA
AALVAGNPVLAKPAEETPLIAAEGVRILREAGIPASALQLLPGDGRVGAALVAAAETAGVMFTGSTEVARLIQAQLADRL
SPAGRPIPLIAETGGQNAMIVDSSALAEQVVGDVITSAFDSAGQRASALRVLCLQEDVADRILTMLKGALHELHIGRTDR
LSVDVGPVITSEAKDNIEKHIERMRGLGRKVEQIGLASETGVGTFVPPTIIELEKLSDLQREVFGPVLHVIRYRRDDLDR
LVDDVNATGYGLTFGLHTRLDETIAHVTSRIKAGNLYINRNIIGAVVGVQPFGGRGLSGTGPKAGGPLYLGRLVTTAPVP
PQHSSVHTDPVLLDFAKWLDGKGARAEAEAARNAGSSSALGLDLELPGPVGERNLYTLHARGRILLVPATESGLYHQLAA
ALATGNSVAIDAASGLQASLKNLPQTVGLRVSWSKDWAADGPFAGALVEGDAERIRAVNKAIAALPGPLLLVQAASSGEI
ARNPDAYCLNWLVEEVSASINTAAAGGNASLMAIG
;
_entity_poly.pdbx_strand_id   A,B
#
# COMPACT_ATOMS: atom_id res chain seq x y z
N ALA A 16 60.74 -4.33 5.83
CA ALA A 16 59.29 -4.55 5.80
C ALA A 16 58.61 -3.76 6.91
N PRO A 17 57.62 -2.95 6.55
CA PRO A 17 56.97 -2.09 7.54
C PRO A 17 56.22 -2.91 8.59
N ALA A 18 56.29 -2.44 9.83
CA ALA A 18 55.58 -3.12 10.90
C ALA A 18 54.08 -3.03 10.67
N PRO A 19 53.33 -4.10 10.93
CA PRO A 19 51.89 -4.08 10.66
C PRO A 19 51.18 -3.04 11.51
N PHE A 20 50.35 -2.24 10.85
CA PHE A 20 49.47 -1.23 11.44
C PHE A 20 50.23 -0.07 12.07
N ALA A 21 51.54 0.01 11.86
CA ALA A 21 52.31 1.11 12.45
C ALA A 21 51.93 2.46 11.86
N ASP A 22 51.26 2.48 10.71
CA ASP A 22 50.82 3.72 10.06
C ASP A 22 49.35 3.64 9.69
N PHE A 23 48.54 3.02 10.55
CA PHE A 23 47.17 2.68 10.15
C PHE A 23 46.34 3.93 9.87
N ALA A 24 46.26 4.83 10.85
CA ALA A 24 45.42 6.02 10.66
C ALA A 24 45.86 7.16 11.55
N PRO A 25 47.11 7.61 11.46
CA PRO A 25 47.57 8.70 12.33
C PRO A 25 46.79 9.97 12.05
N PRO A 26 46.40 10.71 13.08
CA PRO A 26 45.65 11.95 12.85
C PRO A 26 46.52 13.02 12.20
N VAL A 27 45.83 13.97 11.55
CA VAL A 27 46.51 15.11 10.92
C VAL A 27 47.38 15.84 11.93
N ARG A 28 46.91 16.00 13.15
CA ARG A 28 47.64 16.70 14.20
C ARG A 28 47.25 16.11 15.54
N PRO A 29 48.09 16.25 16.56
CA PRO A 29 47.69 15.82 17.91
C PRO A 29 46.41 16.54 18.31
N GLN A 30 45.49 15.79 18.91
CA GLN A 30 44.18 16.33 19.24
C GLN A 30 44.28 17.16 20.52
N SER A 31 43.98 18.45 20.40
CA SER A 31 43.95 19.35 21.55
C SER A 31 42.78 18.97 22.48
N THR A 32 42.80 19.54 23.70
CA THR A 32 41.69 19.35 24.63
C THR A 32 40.36 19.75 23.98
N LEU A 33 40.36 20.90 23.28
CA LEU A 33 39.14 21.36 22.63
C LEU A 33 38.72 20.43 21.50
N ARG A 34 39.68 19.89 20.73
CA ARG A 34 39.32 18.94 19.68
C ARG A 34 38.79 17.64 20.27
N ARG A 35 39.39 17.16 21.36
CA ARG A 35 38.90 15.94 21.97
C ARG A 35 37.49 16.11 22.52
N ALA A 36 37.14 17.32 22.97
CA ALA A 36 35.78 17.54 23.48
C ALA A 36 34.75 17.46 22.36
N ILE A 37 35.14 17.88 21.15
CA ILE A 37 34.29 17.69 19.98
C ILE A 37 34.06 16.21 19.73
N THR A 38 35.14 15.44 19.62
CA THR A 38 35.02 14.03 19.28
C THR A 38 34.20 13.29 20.34
N ALA A 39 34.37 13.67 21.61
CA ALA A 39 33.62 12.99 22.67
C ALA A 39 32.11 13.16 22.54
N ALA A 40 31.64 14.22 21.87
CA ALA A 40 30.22 14.49 21.73
C ALA A 40 29.61 13.89 20.47
N TYR A 41 30.41 13.24 19.62
CA TYR A 41 29.99 12.84 18.27
C TYR A 41 28.62 12.14 18.29
N ARG A 42 28.47 11.13 19.16
CA ARG A 42 27.24 10.33 19.17
C ARG A 42 26.65 10.26 20.58
N ARG A 43 26.81 11.36 21.32
CA ARG A 43 26.35 11.40 22.70
C ARG A 43 24.84 11.21 22.77
N PRO A 44 24.34 10.43 23.73
CA PRO A 44 22.89 10.24 23.85
C PRO A 44 22.14 11.57 23.89
N GLU A 45 20.99 11.59 23.22
CA GLU A 45 20.23 12.83 23.06
C GLU A 45 19.77 13.39 24.41
N THR A 46 19.43 12.52 25.36
CA THR A 46 19.04 12.97 26.70
C THR A 46 20.18 13.65 27.43
N GLU A 47 21.42 13.38 27.05
CA GLU A 47 22.58 14.03 27.66
C GLU A 47 22.92 15.37 27.01
N CYS A 48 22.60 15.54 25.71
CA CYS A 48 22.95 16.77 25.01
C CYS A 48 22.04 17.93 25.39
N LEU A 49 20.75 17.64 25.64
CA LEU A 49 19.76 18.72 25.68
C LEU A 49 19.84 19.57 26.95
N PRO A 50 19.99 19.02 28.15
CA PRO A 50 19.90 19.87 29.36
C PRO A 50 20.84 21.07 29.32
N PRO A 51 22.13 20.90 28.98
CA PRO A 51 22.99 22.10 28.90
C PRO A 51 22.59 23.07 27.80
N LEU A 52 21.98 22.58 26.72
CA LEU A 52 21.46 23.48 25.69
C LEU A 52 20.25 24.25 26.20
N VAL A 53 19.34 23.59 26.90
CA VAL A 53 18.22 24.29 27.52
C VAL A 53 18.71 25.41 28.44
N GLU A 54 19.73 25.12 29.27
CA GLU A 54 20.23 26.14 30.19
C GLU A 54 20.81 27.34 29.44
N ALA A 55 21.59 27.08 28.38
CA ALA A 55 22.27 28.17 27.68
C ALA A 55 21.29 29.04 26.90
N ALA A 56 20.18 28.47 26.48
CA ALA A 56 19.19 29.14 25.65
C ALA A 56 18.12 29.87 26.46
N THR A 57 18.18 29.82 27.78
CA THR A 57 17.13 30.41 28.60
C THR A 57 17.26 31.93 28.62
N GLN A 58 16.12 32.61 28.52
CA GLN A 58 16.10 34.06 28.60
C GLN A 58 15.01 34.50 29.56
N SER A 59 15.09 35.76 29.97
CA SER A 59 14.17 36.30 30.95
C SER A 59 12.73 36.26 30.43
N LYS A 60 11.79 36.25 31.37
CA LYS A 60 10.38 36.28 31.01
C LYS A 60 10.07 37.52 30.17
N GLU A 61 10.63 38.67 30.53
CA GLU A 61 10.45 39.88 29.75
C GLU A 61 10.92 39.67 28.31
N ILE A 62 12.10 39.08 28.13
CA ILE A 62 12.63 38.87 26.80
C ILE A 62 11.76 37.88 26.02
N ARG A 63 11.34 36.79 26.66
CA ARG A 63 10.53 35.80 25.97
C ARG A 63 9.20 36.40 25.50
N ASP A 64 8.57 37.21 26.35
CA ASP A 64 7.35 37.90 25.93
C ASP A 64 7.61 38.86 24.78
N ALA A 65 8.73 39.59 24.85
CA ALA A 65 9.07 40.53 23.78
C ALA A 65 9.37 39.80 22.49
N ALA A 66 10.09 38.67 22.57
CA ALA A 66 10.36 37.89 21.36
C ALA A 66 9.08 37.36 20.73
N ALA A 67 8.16 36.85 21.56
CA ALA A 67 6.90 36.34 21.02
C ALA A 67 6.13 37.45 20.31
N SER A 68 6.16 38.66 20.87
CA SER A 68 5.48 39.78 20.21
C SER A 68 6.11 40.09 18.87
N THR A 69 7.45 40.14 18.82
CA THR A 69 8.16 40.39 17.57
C THR A 69 7.88 39.29 16.55
N ALA A 70 7.94 38.01 16.98
CA ALA A 70 7.69 36.92 16.06
C ALA A 70 6.26 36.95 15.55
N ARG A 71 5.30 37.31 16.40
CA ARG A 71 3.92 37.43 15.95
C ARG A 71 3.79 38.51 14.88
N LYS A 72 4.46 39.65 15.08
CA LYS A 72 4.38 40.74 14.12
C LYS A 72 4.98 40.34 12.77
N LEU A 73 6.11 39.62 12.79
CA LEU A 73 6.72 39.18 11.54
C LEU A 73 5.82 38.18 10.81
N ILE A 74 5.25 37.22 11.54
CA ILE A 74 4.43 36.19 10.91
C ILE A 74 3.13 36.79 10.38
N GLU A 75 2.57 37.76 11.11
CA GLU A 75 1.40 38.46 10.60
C GLU A 75 1.70 39.19 9.30
N ALA A 76 2.90 39.76 9.19
CA ALA A 76 3.31 40.37 7.92
C ALA A 76 3.44 39.33 6.82
N LEU A 77 4.06 38.19 7.13
CA LEU A 77 4.28 37.16 6.11
C LEU A 77 2.97 36.62 5.57
N ARG A 78 2.01 36.34 6.46
CA ARG A 78 0.74 35.80 6.00
C ARG A 78 -0.11 36.86 5.31
N GLY A 79 0.03 38.11 5.70
CA GLY A 79 -0.69 39.19 5.05
C GLY A 79 -0.17 39.57 3.68
N LYS A 80 0.83 38.87 3.16
CA LYS A 80 1.36 39.17 1.84
C LYS A 80 1.80 37.87 1.15
N GLY A 85 2.26 31.20 -8.08
CA GLY A 85 3.04 30.98 -9.28
C GLY A 85 2.54 29.77 -10.07
N VAL A 86 3.13 28.60 -9.82
CA VAL A 86 2.63 27.38 -10.45
C VAL A 86 1.21 27.11 -9.99
N GLU A 87 0.86 27.54 -8.76
CA GLU A 87 -0.49 27.37 -8.26
C GLU A 87 -1.50 28.09 -9.14
N GLY A 88 -1.20 29.34 -9.51
CA GLY A 88 -2.10 30.08 -10.37
C GLY A 88 -2.25 29.46 -11.73
N LEU A 89 -1.19 28.87 -12.26
CA LEU A 89 -1.25 28.21 -13.56
C LEU A 89 -2.13 26.96 -13.50
N VAL A 90 -1.93 26.13 -12.47
CA VAL A 90 -2.77 24.95 -12.27
C VAL A 90 -4.23 25.35 -12.14
N GLN A 91 -4.51 26.45 -11.44
CA GLN A 91 -5.88 26.93 -11.28
C GLN A 91 -6.45 27.42 -12.60
N GLU A 92 -5.69 28.22 -13.35
CA GLU A 92 -6.21 28.81 -14.57
C GLU A 92 -6.61 27.75 -15.59
N TYR A 93 -5.82 26.69 -15.72
CA TYR A 93 -6.10 25.68 -16.73
C TYR A 93 -6.71 24.41 -16.16
N SER A 94 -7.12 24.43 -14.88
CA SER A 94 -7.76 23.29 -14.22
C SER A 94 -6.92 22.02 -14.39
N LEU A 95 -5.62 22.16 -14.18
CA LEU A 95 -4.69 21.05 -14.31
C LEU A 95 -4.79 20.12 -13.11
N SER A 96 -4.70 18.82 -13.37
CA SER A 96 -4.40 17.89 -12.30
C SER A 96 -2.94 18.05 -11.86
N SER A 97 -2.59 17.41 -10.74
CA SER A 97 -1.21 17.44 -10.27
C SER A 97 -0.27 16.85 -11.31
N GLN A 98 -0.63 15.69 -11.87
CA GLN A 98 0.24 15.07 -12.87
C GLN A 98 0.35 15.93 -14.12
N GLU A 99 -0.74 16.61 -14.52
CA GLU A 99 -0.64 17.51 -15.66
C GLU A 99 0.29 18.68 -15.37
N GLY A 100 0.21 19.25 -14.17
CA GLY A 100 1.11 20.32 -13.81
C GLY A 100 2.57 19.89 -13.87
N VAL A 101 2.87 18.70 -13.33
CA VAL A 101 4.23 18.18 -13.37
C VAL A 101 4.66 17.93 -14.81
N ALA A 102 3.79 17.28 -15.60
CA ALA A 102 4.14 16.99 -17.00
C ALA A 102 4.38 18.27 -17.78
N LEU A 103 3.55 19.29 -17.54
CA LEU A 103 3.72 20.57 -18.23
C LEU A 103 5.07 21.18 -17.91
N MET A 104 5.48 21.14 -16.64
CA MET A 104 6.77 21.74 -16.29
C MET A 104 7.93 20.95 -16.87
N CYS A 105 7.82 19.62 -16.94
CA CYS A 105 8.86 18.84 -17.61
C CYS A 105 8.94 19.19 -19.08
N LEU A 106 7.79 19.40 -19.73
CA LEU A 106 7.81 19.82 -21.13
C LEU A 106 8.45 21.19 -21.27
N ALA A 107 8.10 22.11 -20.38
CA ALA A 107 8.70 23.44 -20.43
C ALA A 107 10.21 23.38 -20.25
N GLU A 108 10.67 22.55 -19.29
CA GLU A 108 12.10 22.34 -19.09
C GLU A 108 12.78 21.88 -20.38
N ALA A 109 12.18 20.92 -21.07
CA ALA A 109 12.77 20.40 -22.30
C ALA A 109 12.77 21.45 -23.41
N LEU A 110 11.68 22.21 -23.54
CA LEU A 110 11.63 23.27 -24.54
C LEU A 110 12.68 24.34 -24.27
N LEU A 111 12.95 24.64 -23.00
CA LEU A 111 13.97 25.63 -22.69
C LEU A 111 15.38 25.13 -22.97
N ARG A 112 15.57 23.82 -23.13
CA ARG A 112 16.86 23.32 -23.58
C ARG A 112 17.12 23.63 -25.05
N ILE A 113 16.10 24.04 -25.80
CA ILE A 113 16.30 24.57 -27.15
C ILE A 113 16.83 25.98 -27.00
N PRO A 114 18.08 26.25 -27.41
CA PRO A 114 18.70 27.54 -27.10
C PRO A 114 18.05 28.72 -27.81
N ASP A 115 17.86 28.62 -29.12
CA ASP A 115 17.35 29.74 -29.89
C ASP A 115 15.85 29.92 -29.64
N THR A 116 15.46 31.13 -29.24
CA THR A 116 14.06 31.39 -28.90
C THR A 116 13.14 31.21 -30.10
N ALA A 117 13.60 31.55 -31.31
CA ALA A 117 12.72 31.47 -32.47
C ALA A 117 12.40 30.04 -32.86
N THR A 118 13.41 29.16 -32.87
CA THR A 118 13.14 27.77 -33.25
C THR A 118 12.28 27.07 -32.20
N ARG A 119 12.41 27.45 -30.93
CA ARG A 119 11.56 26.88 -29.89
C ARG A 119 10.10 27.28 -30.11
N ASP A 120 9.86 28.56 -30.39
CA ASP A 120 8.48 29.03 -30.60
C ASP A 120 7.85 28.38 -31.82
N ALA A 121 8.66 28.09 -32.84
CA ALA A 121 8.12 27.43 -34.03
C ALA A 121 7.82 25.96 -33.74
N LEU A 122 8.67 25.30 -32.96
CA LEU A 122 8.40 23.93 -32.56
C LEU A 122 7.11 23.85 -31.76
N ILE A 123 6.88 24.82 -30.88
CA ILE A 123 5.65 24.84 -30.09
C ILE A 123 4.44 25.02 -31.00
N ARG A 124 4.47 26.04 -31.85
CA ARG A 124 3.29 26.38 -32.66
C ARG A 124 3.01 25.33 -33.72
N ASP A 125 4.05 24.80 -34.36
CA ASP A 125 3.87 23.98 -35.55
C ASP A 125 3.90 22.48 -35.28
N LYS A 126 4.48 22.04 -34.18
CA LYS A 126 4.61 20.60 -33.96
C LYS A 126 4.14 20.13 -32.60
N ILE A 127 4.49 20.84 -31.53
CA ILE A 127 4.13 20.38 -30.18
C ILE A 127 2.64 20.58 -29.93
N ALA A 128 2.12 21.78 -30.21
CA ALA A 128 0.74 22.08 -29.91
C ALA A 128 -0.23 21.35 -30.83
N ASP A 129 0.17 21.11 -32.08
CA ASP A 129 -0.73 20.54 -33.08
C ASP A 129 -0.94 19.04 -32.88
N GLY A 130 -0.07 18.36 -32.15
CA GLY A 130 -0.26 16.95 -31.90
C GLY A 130 0.86 16.27 -31.15
N ASN A 131 1.47 15.28 -31.79
CA ASN A 131 2.47 14.43 -31.16
C ASN A 131 3.66 15.21 -30.66
N TRP A 132 3.77 15.36 -29.34
CA TRP A 132 4.96 15.93 -28.72
C TRP A 132 6.10 14.92 -28.63
N LYS A 133 5.76 13.62 -28.56
CA LYS A 133 6.78 12.59 -28.44
C LYS A 133 7.66 12.53 -29.68
N SER A 134 7.09 12.80 -30.86
CA SER A 134 7.86 12.74 -32.10
C SER A 134 9.01 13.74 -32.11
N HIS A 135 8.88 14.84 -31.36
CA HIS A 135 9.81 15.96 -31.49
C HIS A 135 10.69 16.18 -30.27
N LEU A 136 10.40 15.53 -29.14
CA LEU A 136 11.22 15.71 -27.94
C LEU A 136 11.39 14.40 -27.18
N SER A 139 16.09 10.14 -26.81
CA SER A 139 17.17 9.49 -26.09
C SER A 139 17.08 9.74 -24.58
N ARG A 140 16.40 10.82 -24.20
CA ARG A 140 16.18 11.15 -22.80
C ARG A 140 14.70 11.38 -22.57
N SER A 141 14.14 10.71 -21.57
CA SER A 141 12.76 10.96 -21.16
C SER A 141 12.55 12.45 -20.88
N LEU A 142 11.40 12.97 -21.34
CA LEU A 142 10.99 14.31 -20.93
C LEU A 142 10.96 14.46 -19.42
N PHE A 143 10.78 13.34 -18.71
CA PHE A 143 10.37 13.36 -17.33
C PHE A 143 11.51 13.00 -16.38
N VAL A 144 12.76 13.15 -16.83
CA VAL A 144 13.90 12.75 -15.99
C VAL A 144 13.89 13.50 -14.66
N ASN A 145 13.49 14.77 -14.66
CA ASN A 145 13.50 15.58 -13.44
C ASN A 145 12.11 15.76 -12.84
N ALA A 146 11.17 14.86 -13.15
CA ALA A 146 9.81 15.02 -12.64
C ALA A 146 9.70 14.88 -11.12
N ALA A 147 10.64 14.20 -10.45
CA ALA A 147 10.60 14.19 -9.00
C ALA A 147 10.74 15.60 -8.45
N THR A 148 11.60 16.40 -9.06
CA THR A 148 11.78 17.79 -8.64
C THR A 148 10.54 18.61 -8.93
N TRP A 149 10.00 18.53 -10.15
CA TRP A 149 8.80 19.29 -10.45
C TRP A 149 7.60 18.79 -9.65
N GLY A 150 7.57 17.50 -9.30
CA GLY A 150 6.54 17.02 -8.39
C GLY A 150 6.60 17.71 -7.04
N LEU A 151 7.81 17.91 -6.52
CA LEU A 151 7.96 18.69 -5.30
C LEU A 151 7.43 20.10 -5.48
N VAL A 152 7.78 20.75 -6.60
CA VAL A 152 7.33 22.10 -6.87
C VAL A 152 5.81 22.18 -6.94
N VAL A 153 5.18 21.19 -7.59
CA VAL A 153 3.75 21.27 -7.85
C VAL A 153 2.94 20.80 -6.65
N THR A 154 3.35 19.71 -6.01
CA THR A 154 2.53 19.05 -4.99
C THR A 154 3.06 19.19 -3.56
N GLY A 155 4.31 19.62 -3.38
CA GLY A 155 4.92 19.66 -2.07
C GLY A 155 5.39 18.32 -1.55
N LYS A 156 5.21 17.24 -2.32
CA LYS A 156 5.57 15.90 -1.89
C LYS A 156 6.64 15.33 -2.82
N LEU A 157 7.54 14.54 -2.24
CA LEU A 157 8.65 13.94 -2.98
C LEU A 157 8.37 12.48 -3.29
N THR A 158 8.53 12.11 -4.56
CA THR A 158 8.54 10.72 -4.98
C THR A 158 9.94 10.38 -5.47
N SER A 159 10.42 9.18 -5.13
CA SER A 159 11.79 8.81 -5.49
C SER A 159 11.91 8.54 -6.98
N THR A 160 10.89 7.94 -7.58
CA THR A 160 10.91 7.62 -9.00
C THR A 160 9.68 8.22 -9.66
N VAL A 161 9.71 8.23 -10.99
CA VAL A 161 8.79 8.98 -11.83
C VAL A 161 7.84 7.99 -12.49
N ASN A 162 6.53 8.23 -12.40
CA ASN A 162 5.60 7.40 -13.17
C ASN A 162 5.53 8.03 -14.55
N ASP A 163 6.44 7.62 -15.44
CA ASP A 163 6.56 8.29 -16.74
C ASP A 163 5.39 7.95 -17.66
N ARG A 164 4.71 6.83 -17.46
CA ARG A 164 3.53 6.59 -18.30
C ARG A 164 2.35 7.46 -17.87
N SER A 165 2.20 7.71 -16.57
CA SER A 165 1.17 8.63 -16.10
C SER A 165 1.44 10.05 -16.61
N LEU A 166 2.71 10.46 -16.56
CA LEU A 166 3.05 11.80 -17.02
C LEU A 166 2.86 11.94 -18.53
N ALA A 167 3.20 10.89 -19.29
CA ALA A 167 2.99 10.96 -20.73
C ALA A 167 1.51 11.09 -21.06
N ALA A 168 0.67 10.32 -20.37
CA ALA A 168 -0.77 10.42 -20.57
C ALA A 168 -1.27 11.82 -20.21
N ALA A 169 -0.80 12.37 -19.09
CA ALA A 169 -1.27 13.67 -18.66
C ALA A 169 -0.83 14.77 -19.63
N LEU A 170 0.40 14.68 -20.14
CA LEU A 170 0.87 15.68 -21.10
C LEU A 170 0.03 15.65 -22.37
N THR A 171 -0.22 14.45 -22.91
CA THR A 171 -1.08 14.34 -24.08
C THR A 171 -2.46 14.92 -23.79
N ARG A 172 -3.02 14.59 -22.63
CA ARG A 172 -4.36 15.08 -22.30
C ARG A 172 -4.39 16.60 -22.25
N LEU A 173 -3.41 17.21 -21.55
CA LEU A 173 -3.47 18.65 -21.36
C LEU A 173 -3.21 19.38 -22.67
N ILE A 174 -2.33 18.86 -23.52
CA ILE A 174 -2.08 19.52 -24.80
C ILE A 174 -3.30 19.41 -25.71
N SER A 175 -3.90 18.22 -25.77
CA SER A 175 -5.08 18.05 -26.61
C SER A 175 -6.26 18.88 -26.11
N ARG A 176 -6.29 19.19 -24.82
CA ARG A 176 -7.39 19.95 -24.26
C ARG A 176 -7.20 21.45 -24.45
N CYS A 177 -5.98 21.95 -24.21
CA CYS A 177 -5.72 23.38 -24.12
C CYS A 177 -4.67 23.92 -25.10
N GLY A 178 -3.87 23.07 -25.73
CA GLY A 178 -3.09 23.52 -26.89
C GLY A 178 -1.96 24.49 -26.59
N GLU A 179 -1.64 25.31 -27.58
CA GLU A 179 -0.49 26.21 -27.47
C GLU A 179 -0.54 27.17 -26.28
N PRO A 180 -1.67 27.77 -25.91
CA PRO A 180 -1.66 28.69 -24.77
C PRO A 180 -1.14 28.10 -23.47
N VAL A 181 -1.53 26.86 -23.12
CA VAL A 181 -1.04 26.32 -21.85
C VAL A 181 0.44 26.00 -21.96
N ILE A 182 0.91 25.62 -23.16
CA ILE A 182 2.33 25.35 -23.34
C ILE A 182 3.13 26.62 -23.15
N ARG A 183 2.65 27.72 -23.73
CA ARG A 183 3.36 29.00 -23.60
C ARG A 183 3.44 29.45 -22.14
N ARG A 184 2.34 29.30 -21.40
CA ARG A 184 2.33 29.68 -19.99
C ARG A 184 3.27 28.82 -19.17
N GLY A 185 3.34 27.52 -19.49
CA GLY A 185 4.29 26.66 -18.80
C GLY A 185 5.72 27.04 -19.10
N VAL A 186 6.03 27.35 -20.36
CA VAL A 186 7.38 27.77 -20.73
C VAL A 186 7.78 29.03 -19.98
N ASP A 187 6.88 30.02 -19.92
CA ASP A 187 7.21 31.26 -19.24
C ASP A 187 7.38 31.03 -17.74
N MET A 188 6.55 30.16 -17.16
CA MET A 188 6.68 29.84 -15.74
C MET A 188 8.01 29.17 -15.43
N ALA A 189 8.37 28.14 -16.20
CA ALA A 189 9.63 27.44 -15.95
C ALA A 189 10.83 28.35 -16.17
N MET A 190 10.75 29.23 -17.17
CA MET A 190 11.83 30.17 -17.43
C MET A 190 12.04 31.09 -16.23
N ARG A 191 10.95 31.61 -15.65
CA ARG A 191 11.06 32.46 -14.47
C ARG A 191 11.64 31.69 -13.29
N MET A 192 11.13 30.48 -13.05
CA MET A 192 11.56 29.74 -11.87
C MET A 192 13.03 29.33 -11.96
N MET A 193 13.46 28.80 -13.11
CA MET A 193 14.82 28.30 -13.22
C MET A 193 15.84 29.41 -13.44
N GLY A 194 15.43 30.56 -13.95
CA GLY A 194 16.36 31.63 -14.20
C GLY A 194 16.43 32.69 -13.12
N GLU A 195 15.38 32.77 -12.28
CA GLU A 195 15.22 33.93 -11.39
C GLU A 195 14.85 33.57 -9.97
N GLN A 196 14.20 32.42 -9.76
CA GLN A 196 13.72 32.01 -8.45
C GLN A 196 14.62 30.97 -7.78
N PHE A 197 14.92 29.88 -8.50
CA PHE A 197 15.79 28.84 -7.95
C PHE A 197 17.25 29.23 -7.99
N VAL A 198 17.62 30.18 -8.84
CA VAL A 198 18.96 30.75 -8.86
C VAL A 198 18.81 32.26 -8.93
N THR A 199 19.83 32.96 -8.47
CA THR A 199 19.86 34.41 -8.66
C THR A 199 20.22 34.77 -10.10
N GLY A 200 21.04 33.97 -10.75
CA GLY A 200 21.33 34.14 -12.16
C GLY A 200 21.97 32.89 -12.71
N GLU A 201 22.01 32.80 -14.05
CA GLU A 201 22.61 31.64 -14.71
C GLU A 201 24.13 31.67 -14.61
N THR A 202 24.72 32.87 -14.60
CA THR A 202 26.15 33.08 -14.48
C THR A 202 26.40 34.08 -13.37
N ILE A 203 27.66 34.12 -12.88
CA ILE A 203 27.96 35.05 -11.79
C ILE A 203 27.73 36.50 -12.21
N ARG A 204 28.01 36.84 -13.48
CA ARG A 204 27.76 38.22 -13.93
C ARG A 204 26.28 38.55 -13.89
N GLU A 205 25.43 37.63 -14.34
CA GLU A 205 24.00 37.87 -14.29
C GLU A 205 23.50 37.98 -12.85
N ALA A 206 24.01 37.10 -11.96
CA ALA A 206 23.62 37.17 -10.56
C ALA A 206 24.02 38.50 -9.94
N LEU A 207 25.24 38.96 -10.23
CA LEU A 207 25.71 40.24 -9.70
C LEU A 207 24.84 41.40 -10.17
N LYS A 208 24.42 41.38 -11.44
CA LYS A 208 23.54 42.42 -11.96
C LYS A 208 22.22 42.44 -11.20
N ARG A 209 21.65 41.27 -10.93
CA ARG A 209 20.36 41.17 -10.26
C ARG A 209 20.44 41.43 -8.77
N SER A 210 21.64 41.55 -8.20
CA SER A 210 21.79 41.78 -6.77
C SER A 210 21.72 43.25 -6.39
N LYS A 211 21.86 44.15 -7.36
CA LYS A 211 21.90 45.58 -7.06
C LYS A 211 20.62 46.05 -6.37
N GLU A 212 19.47 45.50 -6.78
CA GLU A 212 18.19 45.96 -6.26
C GLU A 212 18.13 45.83 -4.73
N LEU A 213 18.33 44.62 -4.22
CA LEU A 213 18.25 44.39 -2.78
C LEU A 213 19.47 44.90 -2.02
N GLU A 214 20.63 45.02 -2.67
CA GLU A 214 21.76 45.64 -1.97
C GLU A 214 21.47 47.10 -1.66
N GLU A 215 20.74 47.79 -2.53
CA GLU A 215 20.34 49.17 -2.25
C GLU A 215 19.34 49.25 -1.11
N LYS A 216 18.67 48.16 -0.77
CA LYS A 216 17.72 48.12 0.33
C LYS A 216 18.33 47.66 1.65
N GLY A 217 19.64 47.36 1.69
CA GLY A 217 20.31 46.96 2.91
C GLY A 217 20.72 45.50 2.99
N PHE A 218 20.43 44.69 1.97
CA PHE A 218 20.88 43.31 1.95
C PHE A 218 22.32 43.20 1.45
N SER A 219 22.96 42.09 1.78
CA SER A 219 24.22 41.69 1.18
C SER A 219 24.04 40.30 0.58
N TYR A 220 25.09 39.79 -0.08
CA TYR A 220 25.02 38.53 -0.82
C TYR A 220 26.21 37.62 -0.55
N SER A 221 25.97 36.32 -0.61
CA SER A 221 27.01 35.30 -0.67
C SER A 221 26.64 34.34 -1.80
N TYR A 222 27.54 34.16 -2.76
CA TYR A 222 27.19 33.43 -3.97
C TYR A 222 27.65 31.97 -3.89
N ASP A 223 26.78 31.07 -4.35
CA ASP A 223 27.04 29.63 -4.35
C ASP A 223 27.03 29.12 -5.79
N MET A 224 28.21 28.72 -6.27
CA MET A 224 28.36 28.21 -7.63
C MET A 224 27.89 26.76 -7.80
N LEU A 225 27.16 26.23 -6.83
CA LEU A 225 26.40 24.97 -6.98
C LEU A 225 27.31 23.79 -7.31
N GLY A 226 28.57 23.87 -6.92
CA GLY A 226 29.51 22.77 -7.08
C GLY A 226 29.59 21.93 -5.81
N GLU A 227 29.64 20.62 -5.99
CA GLU A 227 29.86 19.70 -4.87
C GLU A 227 30.08 18.29 -5.41
N ALA A 228 30.70 17.48 -4.56
CA ALA A 228 30.95 16.07 -4.84
C ALA A 228 31.67 15.88 -6.18
N ALA A 229 32.93 16.34 -6.21
CA ALA A 229 33.77 16.00 -7.35
C ALA A 229 34.03 14.49 -7.35
N THR A 230 33.90 13.89 -8.55
CA THR A 230 34.14 12.47 -8.76
C THR A 230 35.52 12.19 -9.34
N THR A 231 36.10 13.15 -10.06
CA THR A 231 37.36 12.97 -10.73
C THR A 231 38.24 14.19 -10.48
N ALA A 232 39.54 14.02 -10.74
CA ALA A 232 40.45 15.17 -10.70
C ALA A 232 40.00 16.27 -11.65
N ALA A 233 39.55 15.88 -12.85
CA ALA A 233 39.13 16.89 -13.82
C ALA A 233 37.93 17.68 -13.32
N ASP A 234 36.97 17.00 -12.66
CA ASP A 234 35.83 17.69 -12.09
C ASP A 234 36.25 18.64 -10.97
N ALA A 235 37.17 18.21 -10.12
CA ALA A 235 37.64 19.08 -9.05
C ALA A 235 38.35 20.30 -9.62
N GLU A 236 39.13 20.11 -10.68
CA GLU A 236 39.79 21.26 -11.31
C GLU A 236 38.76 22.20 -11.95
N ARG A 237 37.71 21.65 -12.55
CA ARG A 237 36.64 22.47 -13.09
C ARG A 237 35.98 23.31 -11.99
N TYR A 238 35.65 22.69 -10.85
CA TYR A 238 35.03 23.46 -9.79
C TYR A 238 35.99 24.51 -9.25
N TYR A 239 37.29 24.20 -9.20
CA TYR A 239 38.27 25.19 -8.77
C TYR A 239 38.26 26.39 -9.71
N ARG A 240 38.36 26.17 -11.02
CA ARG A 240 38.43 27.35 -11.86
C ARG A 240 37.09 28.09 -11.89
N ASP A 241 35.97 27.40 -11.63
CA ASP A 241 34.68 28.09 -11.49
C ASP A 241 34.68 29.00 -10.26
N TYR A 242 35.18 28.51 -9.12
CA TYR A 242 35.27 29.36 -7.93
C TYR A 242 36.22 30.53 -8.14
N GLU A 243 37.37 30.27 -8.76
CA GLU A 243 38.34 31.33 -8.99
C GLU A 243 37.75 32.42 -9.87
N SER A 244 37.06 32.03 -10.95
CA SER A 244 36.46 33.04 -11.82
C SER A 244 35.36 33.81 -11.10
N ALA A 245 34.59 33.13 -10.23
CA ALA A 245 33.56 33.82 -9.48
C ALA A 245 34.15 34.80 -8.47
N ILE A 246 35.21 34.41 -7.77
CA ILE A 246 35.85 35.34 -6.83
C ILE A 246 36.29 36.61 -7.54
N HIS A 247 36.84 36.48 -8.76
CA HIS A 247 37.23 37.69 -9.50
C HIS A 247 36.02 38.58 -9.79
N ALA A 248 34.91 37.98 -10.26
CA ALA A 248 33.73 38.76 -10.60
C ALA A 248 33.12 39.40 -9.36
N ILE A 249 33.04 38.66 -8.26
CA ILE A 249 32.49 39.19 -7.02
C ILE A 249 33.39 40.28 -6.45
N GLY A 250 34.70 40.06 -6.48
CA GLY A 250 35.61 41.07 -5.94
C GLY A 250 35.65 42.34 -6.76
N LYS A 251 35.57 42.21 -8.10
CA LYS A 251 35.48 43.38 -8.95
C LYS A 251 34.23 44.18 -8.64
N ALA A 252 33.10 43.49 -8.43
CA ALA A 252 31.84 44.16 -8.13
C ALA A 252 31.83 44.71 -6.71
N SER A 253 32.45 43.98 -5.77
CA SER A 253 32.52 44.48 -4.40
C SER A 253 33.12 45.87 -4.35
N ALA A 254 34.21 46.07 -5.11
CA ALA A 254 34.83 47.39 -5.27
C ALA A 254 35.16 48.04 -3.92
N GLY A 255 35.78 47.26 -3.04
CA GLY A 255 36.23 47.78 -1.77
C GLY A 255 35.18 47.97 -0.71
N ARG A 256 33.97 47.43 -0.89
CA ARG A 256 32.94 47.54 0.15
C ARG A 256 33.28 46.73 1.40
N GLY A 257 34.20 45.78 1.31
CA GLY A 257 34.62 45.03 2.48
C GLY A 257 33.76 43.80 2.73
N ILE A 258 34.12 43.08 3.80
CA ILE A 258 33.56 41.76 3.99
C ILE A 258 32.16 41.77 4.61
N TYR A 259 31.74 42.89 5.23
CA TYR A 259 30.42 42.94 5.86
C TYR A 259 29.36 43.56 4.94
N GLU A 260 29.65 44.72 4.34
CA GLU A 260 28.70 45.35 3.42
C GLU A 260 28.72 44.71 2.04
N GLY A 261 29.88 44.23 1.59
CA GLY A 261 30.05 43.74 0.25
C GLY A 261 29.83 42.25 0.15
N PRO A 262 29.74 41.76 -1.07
CA PRO A 262 29.38 40.36 -1.30
C PRO A 262 30.56 39.42 -1.05
N GLY A 263 30.20 38.15 -0.83
CA GLY A 263 31.19 37.11 -0.64
C GLY A 263 30.85 35.85 -1.42
N ILE A 264 31.65 34.80 -1.23
CA ILE A 264 31.43 33.53 -1.91
C ILE A 264 31.36 32.42 -0.86
N SER A 265 30.66 31.34 -1.20
CA SER A 265 30.60 30.14 -0.38
C SER A 265 31.09 28.96 -1.21
N ILE A 266 31.91 28.09 -0.60
CA ILE A 266 32.49 26.95 -1.30
C ILE A 266 32.19 25.68 -0.52
N LYS A 267 32.21 24.55 -1.23
CA LYS A 267 32.12 23.26 -0.59
C LYS A 267 33.43 22.52 -0.81
N LEU A 268 34.02 22.01 0.27
CA LEU A 268 35.30 21.33 0.14
C LEU A 268 35.20 20.09 -0.72
N SER A 269 34.05 19.40 -0.70
CA SER A 269 33.90 18.20 -1.51
C SER A 269 33.94 18.51 -3.00
N ALA A 270 33.74 19.78 -3.40
CA ALA A 270 33.87 20.15 -4.80
C ALA A 270 35.32 20.20 -5.25
N LEU A 271 36.26 20.32 -4.33
CA LEU A 271 37.63 20.68 -4.68
C LEU A 271 38.58 19.50 -4.63
N HIS A 272 38.09 18.31 -4.29
CA HIS A 272 38.95 17.14 -4.29
C HIS A 272 38.04 15.93 -4.42
N PRO A 273 38.40 14.95 -5.26
CA PRO A 273 37.52 13.77 -5.43
C PRO A 273 37.58 12.78 -4.29
N ARG A 274 38.53 12.91 -3.37
CA ARG A 274 38.64 11.98 -2.23
C ARG A 274 38.68 12.74 -0.91
N TYR A 275 37.69 13.62 -0.71
CA TYR A 275 37.58 14.43 0.50
C TYR A 275 36.94 13.55 1.58
N SER A 276 37.78 12.92 2.40
CA SER A 276 37.32 12.03 3.46
C SER A 276 38.44 11.85 4.47
N ARG A 277 38.05 11.46 5.69
CA ARG A 277 39.04 11.17 6.72
C ARG A 277 39.98 10.04 6.30
N ALA A 278 39.48 9.03 5.60
CA ALA A 278 40.35 7.95 5.16
C ALA A 278 41.48 8.44 4.26
N GLN A 279 41.29 9.55 3.57
CA GLN A 279 42.29 10.12 2.67
C GLN A 279 42.80 11.45 3.22
N ALA A 280 42.89 11.57 4.55
CA ALA A 280 43.28 12.83 5.18
C ALA A 280 44.62 13.35 4.66
N ALA A 281 45.59 12.46 4.46
CA ALA A 281 46.89 12.90 3.97
C ALA A 281 46.78 13.56 2.60
N ARG A 282 45.98 12.97 1.70
CA ARG A 282 45.80 13.61 0.41
C ARG A 282 45.02 14.91 0.55
N VAL A 283 44.06 14.96 1.49
CA VAL A 283 43.30 16.18 1.68
C VAL A 283 44.21 17.33 2.10
N MET A 284 45.07 17.10 3.10
CA MET A 284 45.95 18.17 3.55
C MET A 284 47.02 18.50 2.51
N GLY A 285 47.45 17.51 1.72
CA GLY A 285 48.50 17.75 0.75
C GLY A 285 48.03 18.38 -0.53
N GLU A 286 46.78 18.11 -0.93
CA GLU A 286 46.29 18.46 -2.25
C GLU A 286 45.09 19.40 -2.21
N LEU A 287 44.16 19.19 -1.28
CA LEU A 287 43.00 20.06 -1.19
C LEU A 287 43.36 21.37 -0.51
N LEU A 288 44.07 21.31 0.62
CA LEU A 288 44.42 22.53 1.36
C LEU A 288 45.10 23.59 0.51
N PRO A 289 46.11 23.29 -0.32
CA PRO A 289 46.70 24.37 -1.13
C PRO A 289 45.72 25.02 -2.08
N ARG A 290 44.71 24.28 -2.55
CA ARG A 290 43.72 24.86 -3.43
C ARG A 290 42.85 25.86 -2.69
N VAL A 291 42.40 25.50 -1.48
CA VAL A 291 41.58 26.43 -0.70
C VAL A 291 42.41 27.66 -0.35
N LYS A 292 43.68 27.45 -0.01
CA LYS A 292 44.54 28.58 0.29
C LYS A 292 44.63 29.53 -0.90
N ALA A 293 44.76 28.99 -2.11
CA ALA A 293 44.89 29.86 -3.26
C ALA A 293 43.61 30.67 -3.50
N LEU A 294 42.44 30.04 -3.31
CA LEU A 294 41.20 30.78 -3.40
C LEU A 294 41.09 31.82 -2.30
N ALA A 295 41.52 31.47 -1.08
CA ALA A 295 41.44 32.41 0.03
C ALA A 295 42.36 33.61 -0.19
N LEU A 296 43.53 33.37 -0.81
CA LEU A 296 44.43 34.49 -1.10
C LEU A 296 43.80 35.47 -2.08
N LEU A 297 43.04 34.96 -3.05
CA LEU A 297 42.34 35.83 -3.98
C LEU A 297 41.22 36.59 -3.28
N ALA A 298 40.45 35.90 -2.43
CA ALA A 298 39.43 36.59 -1.64
C ALA A 298 40.04 37.68 -0.77
N LYS A 299 41.20 37.38 -0.15
CA LYS A 299 41.89 38.38 0.64
C LYS A 299 42.25 39.60 -0.19
N ASN A 300 42.74 39.40 -1.43
CA ASN A 300 43.17 40.58 -2.17
C ASN A 300 42.00 41.48 -2.54
N TYR A 301 40.83 40.91 -2.79
CA TYR A 301 39.63 41.70 -3.04
C TYR A 301 38.90 42.12 -1.77
N ASP A 302 39.31 41.59 -0.62
CA ASP A 302 38.65 41.81 0.69
C ASP A 302 37.16 41.45 0.64
N ILE A 303 36.88 40.20 0.23
CA ILE A 303 35.53 39.65 0.26
C ILE A 303 35.52 38.45 1.20
N GLY A 304 34.32 38.07 1.62
CA GLY A 304 34.19 36.88 2.45
C GLY A 304 34.32 35.61 1.61
N LEU A 305 34.92 34.59 2.23
CA LEU A 305 35.00 33.24 1.64
C LEU A 305 34.57 32.26 2.71
N ASN A 306 33.42 31.63 2.51
CA ASN A 306 32.78 30.80 3.53
C ASN A 306 32.92 29.33 3.14
N ILE A 307 33.35 28.49 4.08
CA ILE A 307 33.38 27.04 3.88
C ILE A 307 32.06 26.45 4.36
N ASP A 308 31.26 25.95 3.41
CA ASP A 308 29.98 25.33 3.74
C ASP A 308 30.20 24.02 4.49
N ALA A 309 29.21 23.64 5.30
CA ALA A 309 29.27 22.40 6.08
C ALA A 309 28.50 21.29 5.37
N GLU A 310 29.07 20.08 5.41
CA GLU A 310 28.50 18.95 4.65
C GLU A 310 28.14 17.81 5.59
N GLU A 311 28.47 16.57 5.25
CA GLU A 311 28.05 15.43 6.05
C GLU A 311 28.79 15.40 7.38
N ALA A 312 28.20 14.69 8.35
CA ALA A 312 28.75 14.66 9.70
C ALA A 312 30.16 14.07 9.72
N ASP A 313 30.47 13.12 8.82
CA ASP A 313 31.80 12.51 8.85
C ASP A 313 32.87 13.38 8.17
N ARG A 314 32.54 14.59 7.76
CA ARG A 314 33.51 15.54 7.23
C ARG A 314 33.73 16.72 8.17
N LEU A 315 32.97 16.82 9.26
CA LEU A 315 33.05 17.99 10.14
C LEU A 315 34.46 18.15 10.71
N GLU A 316 34.94 17.13 11.41
CA GLU A 316 36.21 17.33 12.11
C GLU A 316 37.37 17.43 11.12
N LEU A 317 37.31 16.68 10.00
CA LEU A 317 38.33 16.87 8.96
C LEU A 317 38.40 18.32 8.51
N SER A 318 37.23 18.96 8.31
CA SER A 318 37.26 20.34 7.83
C SER A 318 37.88 21.28 8.86
N LEU A 319 37.84 20.94 10.15
CA LEU A 319 38.48 21.78 11.16
C LEU A 319 39.99 21.82 10.99
N ASP A 320 40.57 20.73 10.50
CA ASP A 320 42.02 20.73 10.27
C ASP A 320 42.40 21.69 9.16
N LEU A 321 41.55 21.80 8.13
CA LEU A 321 41.82 22.78 7.09
C LEU A 321 41.61 24.20 7.61
N LEU A 322 40.53 24.41 8.39
CA LEU A 322 40.29 25.74 8.96
C LEU A 322 41.46 26.17 9.85
N GLU A 323 41.99 25.24 10.65
CA GLU A 323 43.10 25.55 11.54
C GLU A 323 44.34 25.99 10.76
N VAL A 324 44.74 25.21 9.75
CA VAL A 324 45.93 25.57 8.98
C VAL A 324 45.74 26.90 8.30
N LEU A 325 44.57 27.13 7.70
CA LEU A 325 44.33 28.38 6.98
C LEU A 325 44.40 29.57 7.93
N CYS A 326 43.79 29.45 9.10
CA CYS A 326 43.78 30.60 10.02
C CYS A 326 45.14 30.86 10.64
N LEU A 327 46.04 29.87 10.64
CA LEU A 327 47.38 30.05 11.18
C LEU A 327 48.40 30.38 10.10
N ASP A 328 48.00 30.43 8.84
CA ASP A 328 48.91 30.68 7.73
C ASP A 328 49.13 32.18 7.59
N GLY A 329 50.37 32.62 7.80
CA GLY A 329 50.68 34.04 7.75
C GLY A 329 50.40 34.69 6.41
N ASP A 330 50.39 33.94 5.31
CA ASP A 330 50.11 34.54 4.01
C ASP A 330 48.68 35.09 3.94
N LEU A 331 47.78 34.62 4.79
CA LEU A 331 46.39 35.08 4.78
C LEU A 331 46.13 36.14 5.84
N SER A 332 47.17 36.58 6.54
CA SER A 332 46.95 37.54 7.62
C SER A 332 46.52 38.90 7.08
N GLY A 333 45.79 39.63 7.91
CA GLY A 333 45.28 40.93 7.54
C GLY A 333 43.88 40.92 6.94
N TRP A 334 43.31 39.74 6.76
CA TRP A 334 42.00 39.55 6.15
C TRP A 334 41.12 38.79 7.11
N ASN A 335 39.90 39.30 7.36
CA ASN A 335 38.95 38.67 8.27
C ASN A 335 37.79 38.01 7.53
N GLY A 336 37.95 37.75 6.24
CA GLY A 336 36.87 37.21 5.43
C GLY A 336 36.67 35.71 5.46
N MET A 337 37.58 34.93 6.07
CA MET A 337 37.38 33.49 6.15
CA MET A 337 37.38 33.49 6.15
C MET A 337 36.15 33.17 6.99
N GLY A 338 35.24 32.37 6.42
CA GLY A 338 34.00 31.98 7.06
C GLY A 338 33.83 30.48 7.17
N PHE A 339 32.98 30.03 8.08
CA PHE A 339 32.84 28.61 8.36
C PHE A 339 31.45 28.33 8.92
N VAL A 340 30.78 27.32 8.36
CA VAL A 340 29.43 26.95 8.78
C VAL A 340 29.50 25.93 9.91
N VAL A 341 28.62 26.07 10.90
CA VAL A 341 28.41 25.01 11.88
C VAL A 341 26.92 24.69 11.94
N GLN A 342 26.61 23.41 12.06
CA GLN A 342 25.25 22.90 11.96
C GLN A 342 24.67 22.62 13.35
N ALA A 343 23.62 23.37 13.70
CA ALA A 343 23.03 23.23 15.04
C ALA A 343 22.29 21.91 15.22
N TYR A 344 21.94 21.20 14.14
CA TYR A 344 21.35 19.89 14.39
C TYR A 344 22.39 18.86 14.81
N GLY A 345 23.67 19.23 14.84
CA GLY A 345 24.71 18.30 15.23
C GLY A 345 25.02 18.37 16.72
N LYS A 346 25.24 17.19 17.31
CA LYS A 346 25.53 17.09 18.73
C LYS A 346 26.84 17.76 19.11
N ARG A 347 27.76 17.92 18.16
CA ARG A 347 29.05 18.52 18.46
C ARG A 347 29.05 20.05 18.37
N CYS A 348 27.94 20.65 17.93
CA CYS A 348 27.94 22.07 17.58
C CYS A 348 28.52 23.00 18.65
N PRO A 349 28.08 22.97 19.92
CA PRO A 349 28.66 23.92 20.88
C PRO A 349 30.14 23.71 21.11
N PHE A 350 30.61 22.47 21.01
CA PHE A 350 32.03 22.17 21.19
C PHE A 350 32.84 22.59 19.98
N VAL A 351 32.27 22.47 18.78
CA VAL A 351 32.89 23.04 17.59
C VAL A 351 33.01 24.56 17.72
N LEU A 352 31.97 25.21 18.23
CA LEU A 352 32.03 26.66 18.39
C LEU A 352 33.10 27.06 19.41
N ASP A 353 33.22 26.31 20.52
CA ASP A 353 34.31 26.58 21.46
C ASP A 353 35.66 26.50 20.77
N PHE A 354 35.84 25.49 19.90
CA PHE A 354 37.09 25.36 19.17
C PHE A 354 37.32 26.53 18.23
N ILE A 355 36.30 26.93 17.48
CA ILE A 355 36.43 28.03 16.52
C ILE A 355 36.71 29.35 17.22
N ILE A 356 36.00 29.62 18.32
CA ILE A 356 36.21 30.88 19.03
C ILE A 356 37.63 30.96 19.57
N ASP A 357 38.14 29.84 20.11
CA ASP A 357 39.52 29.80 20.57
C ASP A 357 40.50 29.96 19.42
N LEU A 358 40.22 29.32 18.26
CA LEU A 358 41.08 29.49 17.10
C LEU A 358 41.09 30.95 16.64
N ALA A 359 39.94 31.62 16.70
CA ALA A 359 39.88 33.03 16.35
C ALA A 359 40.75 33.85 17.31
N ARG A 360 40.74 33.50 18.60
CA ARG A 360 41.60 34.20 19.56
C ARG A 360 43.07 33.95 19.27
N ARG A 361 43.46 32.70 19.07
CA ARG A 361 44.88 32.38 18.81
C ARG A 361 45.39 33.03 17.53
N SER A 362 44.59 32.99 16.47
CA SER A 362 45.02 33.51 15.18
C SER A 362 44.83 35.01 15.06
N GLY A 363 43.98 35.60 15.90
CA GLY A 363 43.62 36.99 15.71
C GLY A 363 42.76 37.26 14.51
N ARG A 364 42.17 36.23 13.89
CA ARG A 364 41.26 36.35 12.76
C ARG A 364 39.83 36.36 13.27
N ARG A 365 39.04 37.34 12.85
CA ARG A 365 37.64 37.40 13.26
C ARG A 365 36.82 36.47 12.37
N ILE A 366 36.75 35.21 12.75
CA ILE A 366 36.17 34.20 11.87
C ILE A 366 34.69 34.46 11.69
N MET A 367 34.22 34.39 10.43
CA MET A 367 32.80 34.55 10.16
C MET A 367 32.14 33.19 10.38
N VAL A 368 31.22 33.10 11.32
CA VAL A 368 30.62 31.82 11.69
C VAL A 368 29.16 31.84 11.27
N ARG A 369 28.81 31.04 10.27
CA ARG A 369 27.43 30.90 9.84
C ARG A 369 26.80 29.75 10.60
N LEU A 370 25.82 30.07 11.43
CA LEU A 370 25.07 29.06 12.17
C LEU A 370 23.84 28.66 11.36
N VAL A 371 23.76 27.39 11.01
CA VAL A 371 22.63 26.84 10.26
C VAL A 371 22.05 25.72 11.11
N LYS A 372 20.86 25.25 10.72
CA LYS A 372 20.38 24.06 11.42
C LYS A 372 21.01 22.78 10.84
N GLY A 373 20.94 22.59 9.53
CA GLY A 373 21.64 21.49 8.88
C GLY A 373 20.83 20.86 7.74
N ALA A 374 21.48 20.49 6.64
CA ALA A 374 20.75 20.15 5.42
C ALA A 374 20.75 18.67 5.07
N TYR A 375 21.37 17.82 5.88
CA TYR A 375 21.56 16.42 5.50
C TYR A 375 20.85 15.46 6.45
N TRP A 376 19.77 15.92 7.09
CA TRP A 376 19.22 15.15 8.22
C TRP A 376 18.85 13.73 7.82
N ASP A 377 18.02 13.58 6.77
CA ASP A 377 17.58 12.26 6.30
C ASP A 377 18.75 11.34 6.07
N ALA A 378 19.76 11.85 5.35
CA ALA A 378 20.91 11.03 5.01
C ALA A 378 21.70 10.62 6.24
N GLU A 379 21.77 11.49 7.26
CA GLU A 379 22.50 11.13 8.47
C GLU A 379 21.80 10.00 9.22
N ILE A 380 20.46 10.03 9.27
CA ILE A 380 19.74 8.94 9.94
C ILE A 380 20.02 7.63 9.23
N LYS A 381 19.90 7.64 7.89
CA LYS A 381 20.10 6.41 7.12
C LYS A 381 21.52 5.89 7.29
N ARG A 382 22.52 6.78 7.26
CA ARG A 382 23.90 6.32 7.30
C ARG A 382 24.25 5.70 8.65
N ALA A 383 23.77 6.29 9.76
CA ALA A 383 24.07 5.72 11.08
C ALA A 383 23.40 4.36 11.24
N GLN A 384 22.19 4.20 10.69
CA GLN A 384 21.53 2.90 10.75
C GLN A 384 22.30 1.88 9.93
N LEU A 385 22.66 2.23 8.69
CA LEU A 385 23.40 1.32 7.83
C LEU A 385 24.69 0.87 8.49
N ASP A 386 25.38 1.78 9.17
CA ASP A 386 26.69 1.47 9.70
C ASP A 386 26.63 0.85 11.10
N GLY A 387 25.43 0.65 11.65
CA GLY A 387 25.32 0.03 12.97
C GLY A 387 26.00 0.78 14.08
N LEU A 388 25.96 2.11 14.06
CA LEU A 388 26.72 2.87 15.02
C LEU A 388 25.90 3.13 16.29
N ALA A 389 26.57 3.63 17.32
CA ALA A 389 25.98 3.66 18.65
C ALA A 389 24.77 4.59 18.72
N ASP A 390 24.78 5.68 17.97
CA ASP A 390 23.72 6.67 18.02
C ASP A 390 23.89 7.56 16.79
N PHE A 391 23.02 8.56 16.67
CA PHE A 391 23.09 9.48 15.54
C PHE A 391 24.01 10.66 15.87
N PRO A 392 24.62 11.27 14.86
CA PRO A 392 25.42 12.49 15.08
C PRO A 392 24.61 13.77 14.99
N VAL A 393 23.30 13.63 14.82
CA VAL A 393 22.35 14.73 14.76
C VAL A 393 21.20 14.41 15.71
N PHE A 394 20.46 15.45 16.09
CA PHE A 394 19.25 15.25 16.88
C PHE A 394 18.18 14.56 16.04
N THR A 395 17.22 13.94 16.72
CA THR A 395 16.12 13.27 16.04
C THR A 395 14.77 13.96 16.22
N ARG A 396 14.67 14.97 17.08
CA ARG A 396 13.48 15.80 17.18
C ARG A 396 13.81 17.20 16.71
N LYS A 397 12.98 17.72 15.80
CA LYS A 397 13.23 19.06 15.26
C LYS A 397 13.34 20.11 16.37
N ILE A 398 12.52 19.98 17.42
CA ILE A 398 12.56 20.97 18.49
C ILE A 398 13.92 20.96 19.20
N HIS A 399 14.61 19.82 19.21
CA HIS A 399 15.96 19.77 19.79
C HIS A 399 16.93 20.62 18.98
N THR A 400 16.85 20.55 17.66
CA THR A 400 17.69 21.40 16.81
C THR A 400 17.40 22.87 17.07
N ASP A 401 16.13 23.23 17.31
CA ASP A 401 15.83 24.64 17.57
C ASP A 401 16.46 25.11 18.87
N VAL A 402 16.38 24.29 19.94
CA VAL A 402 17.02 24.66 21.20
C VAL A 402 18.52 24.76 21.03
N SER A 403 19.12 23.77 20.35
CA SER A 403 20.55 23.81 20.06
C SER A 403 20.93 25.10 19.34
N TYR A 404 20.15 25.48 18.32
CA TYR A 404 20.44 26.70 17.58
C TYR A 404 20.45 27.92 18.50
N ILE A 405 19.43 28.02 19.37
CA ILE A 405 19.34 29.20 20.22
C ILE A 405 20.46 29.21 21.26
N ALA A 406 20.81 28.03 21.80
CA ALA A 406 21.91 27.95 22.75
C ALA A 406 23.24 28.33 22.11
N CYS A 407 23.46 27.89 20.88
CA CYS A 407 24.69 28.21 20.18
C CYS A 407 24.73 29.68 19.79
N ALA A 408 23.57 30.29 19.51
CA ALA A 408 23.54 31.73 19.26
C ALA A 408 23.96 32.52 20.49
N ALA A 409 23.53 32.07 21.67
CA ALA A 409 23.94 32.74 22.91
C ALA A 409 25.44 32.68 23.08
N LYS A 410 26.03 31.53 22.74
CA LYS A 410 27.49 31.40 22.82
C LYS A 410 28.17 32.35 21.83
N LEU A 411 27.64 32.44 20.61
CA LEU A 411 28.24 33.32 19.60
C LEU A 411 28.06 34.79 19.96
N LEU A 412 26.90 35.17 20.50
CA LEU A 412 26.67 36.57 20.84
C LEU A 412 27.54 37.05 22.00
N ALA A 413 28.07 36.13 22.79
CA ALA A 413 29.02 36.49 23.85
C ALA A 413 30.44 36.66 23.33
N ALA A 414 30.68 36.41 22.05
CA ALA A 414 32.04 36.45 21.49
C ALA A 414 32.11 37.31 20.24
N THR A 415 31.24 38.31 20.09
CA THR A 415 31.29 39.14 18.88
C THR A 415 32.58 39.95 18.77
N ASP A 416 33.38 40.05 19.84
CA ASP A 416 34.66 40.71 19.67
C ASP A 416 35.66 39.84 18.91
N VAL A 417 35.48 38.52 18.88
CA VAL A 417 36.45 37.66 18.22
C VAL A 417 35.88 36.89 17.02
N VAL A 418 34.56 36.73 16.90
CA VAL A 418 33.96 36.10 15.73
C VAL A 418 32.82 36.99 15.25
N PHE A 419 32.42 36.77 13.99
CA PHE A 419 31.30 37.47 13.37
C PHE A 419 30.16 36.48 13.20
N PRO A 420 29.16 36.48 14.08
CA PRO A 420 28.06 35.51 13.96
C PRO A 420 27.12 35.85 12.80
N GLN A 421 26.67 34.80 12.12
CA GLN A 421 25.80 34.94 10.95
C GLN A 421 24.67 33.96 11.14
N PHE A 422 23.47 34.44 11.44
CA PHE A 422 22.37 33.57 11.85
C PHE A 422 21.49 33.28 10.65
N ALA A 423 21.74 32.13 10.02
CA ALA A 423 21.04 31.72 8.82
C ALA A 423 19.79 30.96 9.23
N THR A 424 18.62 31.57 9.02
CA THR A 424 17.38 30.89 9.35
C THR A 424 16.22 31.65 8.71
N HIS A 425 15.17 30.90 8.36
CA HIS A 425 13.90 31.46 7.90
C HIS A 425 12.81 31.36 8.96
N ASN A 426 13.16 30.90 10.15
CA ASN A 426 12.19 30.67 11.22
C ASN A 426 12.03 31.96 12.00
N ALA A 427 10.84 32.57 11.93
CA ALA A 427 10.62 33.88 12.55
C ALA A 427 10.69 33.83 14.07
N GLN A 428 10.39 32.68 14.67
CA GLN A 428 10.55 32.53 16.12
C GLN A 428 12.01 32.49 16.50
N THR A 429 12.83 31.74 15.75
CA THR A 429 14.26 31.71 15.98
C THR A 429 14.85 33.11 15.83
N LEU A 430 14.49 33.80 14.75
CA LEU A 430 14.98 35.15 14.46
C LEU A 430 14.66 36.10 15.61
N ALA A 431 13.39 36.14 16.02
CA ALA A 431 12.96 37.05 17.08
C ALA A 431 13.69 36.78 18.38
N ALA A 432 13.89 35.51 18.71
CA ALA A 432 14.60 35.16 19.94
C ALA A 432 16.01 35.72 19.94
N ILE A 433 16.70 35.60 18.80
CA ILE A 433 18.08 36.07 18.69
C ILE A 433 18.13 37.59 18.65
N TYR A 434 17.17 38.20 17.95
CA TYR A 434 17.10 39.66 17.87
C TYR A 434 17.05 40.27 19.26
N HIS A 435 16.18 39.75 20.13
CA HIS A 435 16.09 40.29 21.48
C HIS A 435 17.25 39.84 22.36
N MET A 436 17.77 38.64 22.13
CA MET A 436 18.95 38.17 22.86
C MET A 436 20.14 39.08 22.62
N ALA A 437 20.29 39.58 21.39
CA ALA A 437 21.43 40.43 21.05
C ALA A 437 21.35 41.81 21.68
N GLY A 438 20.17 42.24 22.09
CA GLY A 438 20.05 43.50 22.80
C GLY A 438 20.09 44.72 21.90
N LYS A 439 20.22 45.88 22.56
CA LYS A 439 19.99 47.16 21.91
C LYS A 439 21.21 47.66 21.12
N ASP A 440 22.42 47.29 21.52
CA ASP A 440 23.61 47.83 20.88
C ASP A 440 23.86 47.11 19.57
N PHE A 441 23.91 47.85 18.48
CA PHE A 441 24.21 47.21 17.21
C PHE A 441 25.03 48.14 16.34
N HIS A 442 25.98 47.56 15.63
CA HIS A 442 26.71 48.24 14.57
C HIS A 442 26.91 47.23 13.44
N VAL A 443 26.99 47.72 12.21
CA VAL A 443 27.24 46.82 11.10
C VAL A 443 28.63 46.21 11.28
N GLY A 444 28.70 44.88 11.16
CA GLY A 444 29.88 44.13 11.52
C GLY A 444 29.79 43.40 12.85
N LYS A 445 28.78 43.69 13.67
CA LYS A 445 28.66 42.98 14.94
C LYS A 445 28.15 41.56 14.73
N TYR A 446 27.02 41.42 14.04
CA TYR A 446 26.52 40.14 13.57
C TYR A 446 25.57 40.43 12.43
N GLU A 447 25.08 39.37 11.76
CA GLU A 447 24.09 39.57 10.73
C GLU A 447 23.16 38.37 10.73
N PHE A 448 22.03 38.52 10.05
CA PHE A 448 21.20 37.38 9.67
C PHE A 448 21.54 36.95 8.24
N GLN A 449 21.09 35.73 7.88
CA GLN A 449 21.21 35.25 6.50
C GLN A 449 19.96 34.47 6.10
N CYS A 450 19.74 34.40 4.78
CA CYS A 450 18.59 33.70 4.23
C CYS A 450 18.93 33.22 2.83
N LEU A 451 18.03 32.40 2.28
CA LEU A 451 18.21 31.83 0.95
C LEU A 451 17.49 32.71 -0.08
N HIS A 452 18.14 32.92 -1.22
CA HIS A 452 17.52 33.63 -2.33
C HIS A 452 16.16 33.01 -2.69
N GLY A 453 15.19 33.88 -2.99
CA GLY A 453 13.89 33.44 -3.45
C GLY A 453 13.04 32.71 -2.43
N MET A 454 13.43 32.74 -1.16
CA MET A 454 12.71 32.08 -0.09
C MET A 454 12.66 32.88 1.20
N GLY A 455 13.69 33.65 1.54
CA GLY A 455 13.67 34.38 2.79
C GLY A 455 13.45 35.88 2.70
N GLU A 456 13.43 36.44 1.48
CA GLU A 456 13.26 37.88 1.36
C GLU A 456 11.94 38.39 1.91
N PRO A 457 10.79 37.70 1.74
CA PRO A 457 9.56 38.17 2.40
C PRO A 457 9.71 38.34 3.90
N LEU A 458 10.36 37.38 4.58
CA LEU A 458 10.59 37.54 6.02
C LEU A 458 11.55 38.68 6.29
N TYR A 459 12.68 38.71 5.59
CA TYR A 459 13.71 39.68 5.93
C TYR A 459 13.46 41.07 5.36
N GLU A 460 12.53 41.22 4.41
CA GLU A 460 12.05 42.55 4.08
C GLU A 460 11.35 43.22 5.26
N GLU A 461 10.94 42.43 6.25
CA GLU A 461 10.42 42.96 7.51
C GLU A 461 11.49 43.14 8.58
N VAL A 462 12.77 42.91 8.24
CA VAL A 462 13.86 42.97 9.19
C VAL A 462 14.86 44.06 8.82
N VAL A 463 15.29 44.08 7.55
CA VAL A 463 16.33 44.98 7.10
C VAL A 463 15.81 46.42 7.05
N GLY A 464 16.67 47.35 7.44
CA GLY A 464 16.38 48.76 7.23
C GLY A 464 15.89 49.46 8.49
N ARG A 465 16.11 50.78 8.52
CA ARG A 465 15.75 51.59 9.67
C ARG A 465 14.27 51.53 9.98
N GLY A 466 13.42 51.37 8.96
CA GLY A 466 11.99 51.30 9.18
C GLY A 466 11.49 49.97 9.70
N LYS A 467 12.38 49.00 9.90
CA LYS A 467 12.00 47.67 10.38
C LYS A 467 12.79 47.40 11.65
N LEU A 468 13.55 46.31 11.72
CA LEU A 468 14.39 46.01 12.88
C LEU A 468 15.82 46.52 12.72
N ASP A 469 16.18 47.00 11.54
CA ASP A 469 17.50 47.60 11.28
C ASP A 469 18.61 46.61 11.61
N ARG A 470 18.42 45.36 11.17
CA ARG A 470 19.44 44.35 11.21
C ARG A 470 19.70 43.85 9.80
N PRO A 471 20.95 43.69 9.41
CA PRO A 471 21.26 43.29 8.03
C PRO A 471 21.04 41.80 7.81
N CYS A 472 20.86 41.46 6.54
CA CYS A 472 20.65 40.07 6.13
C CYS A 472 21.48 39.82 4.88
N ARG A 473 22.21 38.71 4.88
CA ARG A 473 22.97 38.27 3.71
C ARG A 473 22.20 37.19 2.97
N ILE A 474 21.99 37.38 1.68
CA ILE A 474 21.25 36.44 0.84
C ILE A 474 22.22 35.42 0.25
N TYR A 475 21.98 34.14 0.52
CA TYR A 475 22.73 33.03 -0.09
C TYR A 475 22.17 32.78 -1.48
N ALA A 476 22.98 33.02 -2.50
CA ALA A 476 22.50 33.14 -3.88
C ALA A 476 23.05 32.03 -4.75
N PRO A 477 22.25 31.04 -5.10
CA PRO A 477 22.74 30.01 -6.03
C PRO A 477 22.93 30.60 -7.41
N VAL A 478 23.94 30.11 -8.11
CA VAL A 478 24.27 30.57 -9.46
C VAL A 478 24.54 29.35 -10.33
N GLY A 479 23.90 29.26 -11.48
CA GLY A 479 24.14 28.13 -12.35
C GLY A 479 23.09 27.98 -13.42
N THR A 480 23.42 27.15 -14.40
CA THR A 480 22.50 26.84 -15.48
C THR A 480 21.40 25.90 -14.99
N HIS A 481 20.44 25.63 -15.88
CA HIS A 481 19.35 24.71 -15.56
C HIS A 481 19.87 23.33 -15.18
N GLU A 482 20.86 22.83 -15.92
CA GLU A 482 21.45 21.53 -15.62
C GLU A 482 21.96 21.48 -14.18
N THR A 483 22.84 22.42 -13.82
CA THR A 483 23.43 22.42 -12.49
C THR A 483 22.36 22.57 -11.43
N LEU A 484 21.39 23.46 -11.66
CA LEU A 484 20.36 23.74 -10.67
C LEU A 484 19.59 22.48 -10.28
N LEU A 485 19.20 21.68 -11.28
CA LEU A 485 18.32 20.54 -10.98
C LEU A 485 19.03 19.41 -10.24
N ALA A 486 20.37 19.43 -10.21
CA ALA A 486 21.12 18.30 -9.65
C ALA A 486 20.80 18.09 -8.17
N TYR A 487 20.87 19.15 -7.36
CA TYR A 487 20.63 19.05 -5.93
C TYR A 487 19.48 19.93 -5.46
N LEU A 488 18.57 20.29 -6.38
CA LEU A 488 17.46 21.16 -6.01
C LEU A 488 16.49 20.47 -5.06
N VAL A 489 16.39 19.14 -5.11
CA VAL A 489 15.49 18.42 -4.22
C VAL A 489 15.89 18.62 -2.77
N ARG A 490 17.18 18.48 -2.46
CA ARG A 490 17.64 18.67 -1.08
C ARG A 490 17.33 20.07 -0.59
N ARG A 491 17.47 21.08 -1.46
CA ARG A 491 17.20 22.46 -1.07
C ARG A 491 15.72 22.68 -0.76
N LEU A 492 14.83 22.02 -1.50
CA LEU A 492 13.40 22.20 -1.25
C LEU A 492 12.98 21.56 0.07
N LEU A 493 13.53 20.39 0.39
CA LEU A 493 13.24 19.73 1.66
C LEU A 493 13.80 20.51 2.84
N GLY A 496 10.63 22.61 3.11
CA GLY A 496 9.19 22.50 2.97
C GLY A 496 8.66 21.12 3.35
N ALA A 497 9.32 20.48 4.31
CA ALA A 497 8.99 19.13 4.74
C ALA A 497 7.61 19.06 5.39
N ASN A 498 7.57 19.08 6.73
CA ASN A 498 6.31 19.06 7.48
C ASN A 498 6.49 19.81 8.80
N SER A 499 7.62 19.59 9.46
CA SER A 499 8.02 20.39 10.61
C SER A 499 8.70 21.68 10.21
N SER A 500 8.86 21.94 8.91
CA SER A 500 9.52 23.14 8.43
C SER A 500 8.67 24.37 8.68
N PHE A 501 9.31 25.44 9.15
CA PHE A 501 8.62 26.71 9.37
C PHE A 501 7.96 27.21 8.09
N VAL A 502 8.67 27.15 6.97
CA VAL A 502 8.12 27.62 5.70
C VAL A 502 6.88 26.81 5.34
N HIS A 503 6.89 25.52 5.63
CA HIS A 503 5.71 24.70 5.38
C HIS A 503 4.58 25.06 6.33
N ARG A 504 4.90 25.36 7.59
CA ARG A 504 3.88 25.61 8.59
C ARG A 504 3.29 27.01 8.46
N ILE A 505 4.10 28.01 8.12
CA ILE A 505 3.58 29.35 7.91
C ILE A 505 2.54 29.35 6.81
N ASN A 506 2.72 28.50 5.80
CA ASN A 506 1.76 28.39 4.70
C ASN A 506 0.54 27.54 5.07
N ASP A 507 0.65 26.67 6.05
CA ASP A 507 -0.46 25.80 6.45
C ASP A 507 -1.50 26.62 7.20
N PRO A 508 -2.72 26.78 6.66
CA PRO A 508 -3.74 27.59 7.36
C PRO A 508 -4.25 26.95 8.63
N LYS A 509 -4.07 25.64 8.81
CA LYS A 509 -4.46 24.97 10.04
C LYS A 509 -3.50 25.24 11.18
N VAL A 510 -2.37 25.88 10.93
CA VAL A 510 -1.37 26.19 11.94
C VAL A 510 -1.55 27.64 12.37
N SER A 511 -1.90 27.85 13.63
CA SER A 511 -2.10 29.20 14.15
C SER A 511 -0.76 29.89 14.40
N ILE A 512 -0.82 31.20 14.55
CA ILE A 512 0.38 31.97 14.90
C ILE A 512 0.86 31.59 16.29
N ASP A 513 -0.07 31.36 17.22
CA ASP A 513 0.29 30.92 18.57
C ASP A 513 1.14 29.65 18.52
N GLU A 514 0.80 28.73 17.62
CA GLU A 514 1.65 27.56 17.41
C GLU A 514 3.01 27.94 16.83
N LEU A 515 3.05 28.96 15.97
CA LEU A 515 4.29 29.31 15.30
C LEU A 515 5.24 30.08 16.20
N ILE A 516 4.73 30.78 17.21
CA ILE A 516 5.57 31.55 18.11
C ILE A 516 5.84 30.80 19.42
N ALA A 517 5.44 29.53 19.50
CA ALA A 517 5.76 28.69 20.65
C ALA A 517 7.27 28.63 20.86
N ASP A 518 7.69 28.78 22.11
CA ASP A 518 9.09 28.81 22.51
C ASP A 518 9.64 27.40 22.64
N PRO A 519 10.53 26.96 21.74
CA PRO A 519 11.02 25.58 21.83
C PRO A 519 11.79 25.29 23.11
N VAL A 520 12.46 26.29 23.67
CA VAL A 520 13.21 26.10 24.92
C VAL A 520 12.27 25.68 26.03
N GLU A 521 11.16 26.39 26.19
CA GLU A 521 10.21 26.05 27.25
C GLU A 521 9.45 24.76 26.96
N VAL A 522 9.21 24.45 25.69
CA VAL A 522 8.54 23.19 25.37
C VAL A 522 9.43 22.00 25.71
N VAL A 523 10.72 22.09 25.38
CA VAL A 523 11.64 21.02 25.74
C VAL A 523 11.79 20.94 27.26
N ARG A 524 11.86 22.10 27.94
CA ARG A 524 12.06 22.09 29.39
C ARG A 524 10.96 21.34 30.12
N ALA A 525 9.75 21.34 29.57
CA ALA A 525 8.59 20.80 30.24
C ALA A 525 8.21 19.40 29.76
N MET A 526 8.98 18.80 28.85
CA MET A 526 8.70 17.44 28.44
C MET A 526 9.07 16.48 29.57
N PRO A 527 8.41 15.30 29.64
CA PRO A 527 8.67 14.39 30.77
C PRO A 527 10.12 13.94 30.84
N VAL A 528 10.68 13.48 29.73
CA VAL A 528 12.09 13.14 29.62
C VAL A 528 12.73 14.17 28.70
N VAL A 529 13.59 15.02 29.26
CA VAL A 529 14.24 16.06 28.46
C VAL A 529 15.21 15.41 27.48
N GLY A 530 15.05 15.73 26.20
CA GLY A 530 15.96 15.22 25.19
C GLY A 530 15.70 13.81 24.70
N ALA A 531 14.52 13.24 24.98
CA ALA A 531 14.24 11.87 24.52
C ALA A 531 14.33 11.77 23.01
N LYS A 532 14.91 10.67 22.53
CA LYS A 532 14.94 10.34 21.11
C LYS A 532 13.52 10.33 20.53
N HIS A 533 13.42 10.65 19.24
CA HIS A 533 12.16 10.53 18.54
C HIS A 533 11.60 9.12 18.65
N ASP A 534 10.29 9.03 18.94
CA ASP A 534 9.66 7.71 19.16
C ASP A 534 9.68 6.83 17.93
N ARG A 535 9.63 7.41 16.73
CA ARG A 535 9.45 6.64 15.51
C ARG A 535 10.74 6.44 14.73
N ILE A 536 11.90 6.71 15.33
CA ILE A 536 13.18 6.50 14.67
C ILE A 536 13.98 5.51 15.50
N ALA A 537 14.39 4.41 14.86
CA ALA A 537 15.09 3.36 15.59
C ALA A 537 16.57 3.70 15.71
N LEU A 538 17.12 3.54 16.91
CA LEU A 538 18.56 3.46 17.04
C LEU A 538 19.07 2.32 16.16
N PRO A 539 20.30 2.44 15.63
CA PRO A 539 20.80 1.34 14.78
C PRO A 539 20.75 -0.03 15.44
N ALA A 540 21.06 -0.15 16.73
CA ALA A 540 21.00 -1.43 17.42
C ALA A 540 19.60 -2.02 17.44
N GLU A 541 18.56 -1.20 17.27
CA GLU A 541 17.19 -1.64 17.43
C GLU A 541 16.45 -1.71 16.09
N LEU A 542 17.19 -1.81 14.97
CA LEU A 542 16.58 -1.84 13.65
C LEU A 542 15.59 -2.99 13.49
N PHE A 543 15.83 -4.10 14.17
CA PHE A 543 14.98 -5.27 13.99
C PHE A 543 14.05 -5.49 15.17
N GLY A 544 13.96 -4.51 16.07
CA GLY A 544 13.02 -4.59 17.18
C GLY A 544 13.24 -5.83 18.02
N ASP A 545 12.16 -6.52 18.33
CA ASP A 545 12.22 -7.65 19.25
C ASP A 545 12.75 -8.92 18.60
N ALA A 546 12.91 -8.94 17.28
CA ALA A 546 13.35 -10.16 16.60
C ALA A 546 14.78 -10.51 16.98
N ARG A 547 15.68 -9.53 16.95
CA ARG A 547 17.08 -9.77 17.27
C ARG A 547 17.80 -8.45 17.35
N THR A 548 18.99 -8.50 17.95
CA THR A 548 19.80 -7.30 18.14
C THR A 548 20.71 -7.11 16.93
N ASN A 549 20.66 -5.93 16.33
CA ASN A 549 21.54 -5.63 15.21
C ASN A 549 22.99 -5.71 15.65
N SER A 550 23.86 -6.16 14.76
CA SER A 550 25.29 -6.07 15.02
C SER A 550 25.72 -4.60 15.06
N ALA A 551 26.79 -4.32 15.80
CA ALA A 551 27.34 -2.97 15.92
C ALA A 551 28.61 -2.84 15.09
N GLY A 552 28.75 -1.70 14.41
CA GLY A 552 29.94 -1.39 13.65
C GLY A 552 30.90 -0.47 14.39
N LEU A 553 31.77 0.16 13.62
CA LEU A 553 32.79 1.06 14.16
C LEU A 553 32.90 2.25 13.25
N ASP A 554 33.07 3.43 13.83
CA ASP A 554 33.08 4.68 13.05
C ASP A 554 34.52 5.03 12.71
N LEU A 555 34.91 4.81 11.46
CA LEU A 555 36.29 5.11 11.06
C LEU A 555 36.52 6.59 10.80
N SER A 556 35.54 7.44 11.09
CA SER A 556 35.77 8.88 11.11
C SER A 556 35.98 9.43 12.51
N ASN A 557 35.88 8.59 13.54
CA ASN A 557 36.00 9.00 14.93
C ASN A 557 37.45 8.80 15.38
N GLU A 558 38.14 9.88 15.80
CA GLU A 558 39.55 9.76 16.15
C GLU A 558 39.76 8.87 17.36
N GLU A 559 38.81 8.85 18.31
CA GLU A 559 38.97 7.94 19.45
C GLU A 559 38.92 6.49 18.98
N THR A 560 37.96 6.19 18.10
CA THR A 560 37.88 4.86 17.52
C THR A 560 39.15 4.51 16.75
N LEU A 561 39.65 5.45 15.95
CA LEU A 561 40.84 5.14 15.16
C LEU A 561 42.04 4.90 16.07
N ALA A 562 42.15 5.64 17.16
CA ALA A 562 43.29 5.46 18.06
C ALA A 562 43.21 4.12 18.79
N SER A 563 42.01 3.78 19.28
CA SER A 563 41.83 2.48 19.94
C SER A 563 42.04 1.33 18.97
N LEU A 564 41.50 1.46 17.76
CA LEU A 564 41.64 0.40 16.77
C LEU A 564 43.10 0.21 16.36
N THR A 565 43.84 1.32 16.21
CA THR A 565 45.26 1.22 15.91
C THR A 565 45.97 0.29 16.88
N GLU A 566 45.73 0.46 18.18
CA GLU A 566 46.39 -0.37 19.17
C GLU A 566 45.88 -1.82 19.13
N ALA A 567 44.57 -2.00 18.99
CA ALA A 567 44.05 -3.36 18.93
C ALA A 567 44.55 -4.10 17.70
N LEU A 568 44.69 -3.38 16.57
CA LEU A 568 45.17 -4.01 15.35
C LEU A 568 46.65 -4.38 15.48
N ARG A 569 47.46 -3.48 16.03
CA ARG A 569 48.86 -3.81 16.27
C ARG A 569 48.99 -5.03 17.19
N GLU A 570 48.16 -5.09 18.23
CA GLU A 570 48.23 -6.22 19.14
C GLU A 570 47.82 -7.52 18.46
N SER A 571 46.85 -7.45 17.53
CA SER A 571 46.45 -8.65 16.81
C SER A 571 47.58 -9.18 15.94
N ALA A 572 48.44 -8.31 15.42
CA ALA A 572 49.55 -8.74 14.59
C ALA A 572 50.68 -9.36 15.39
N ALA A 573 50.67 -9.18 16.72
CA ALA A 573 51.67 -9.79 17.58
C ALA A 573 51.27 -11.17 18.07
N MET A 574 50.08 -11.65 17.70
CA MET A 574 49.60 -12.93 18.20
C MET A 574 50.09 -14.07 17.32
N LYS A 575 50.33 -15.22 17.95
CA LYS A 575 50.79 -16.42 17.24
C LYS A 575 49.56 -17.23 16.84
N TRP A 576 48.89 -16.75 15.79
CA TRP A 576 47.69 -17.40 15.27
C TRP A 576 48.03 -18.78 14.70
N THR A 577 47.20 -19.77 15.04
CA THR A 577 47.34 -21.11 14.49
C THR A 577 45.98 -21.69 14.13
N ALA A 578 46.01 -22.67 13.23
CA ALA A 578 44.85 -23.46 12.86
C ALA A 578 45.29 -24.91 12.85
N LEU A 579 44.54 -25.77 13.52
CA LEU A 579 44.88 -27.18 13.67
C LEU A 579 43.66 -28.03 13.33
N PRO A 580 43.87 -29.28 12.92
CA PRO A 580 42.74 -30.22 12.85
C PRO A 580 42.20 -30.46 14.24
N GLN A 581 41.00 -29.95 14.52
CA GLN A 581 40.41 -30.01 15.86
C GLN A 581 39.32 -31.08 15.80
N LEU A 582 39.70 -32.30 16.12
CA LEU A 582 38.80 -33.43 16.10
C LEU A 582 38.02 -33.50 17.41
N ALA A 583 37.02 -34.38 17.44
CA ALA A 583 36.21 -34.53 18.64
C ALA A 583 37.06 -34.93 19.83
N THR A 584 38.16 -35.66 19.58
CA THR A 584 39.04 -36.20 20.60
C THR A 584 40.18 -35.26 20.99
N GLY A 585 40.38 -34.18 20.24
CA GLY A 585 41.47 -33.27 20.45
C GLY A 585 42.19 -32.95 19.16
N PRO A 586 43.19 -32.07 19.22
CA PRO A 586 43.90 -31.67 18.01
C PRO A 586 44.75 -32.80 17.48
N ALA A 587 44.87 -32.86 16.16
CA ALA A 587 45.60 -33.91 15.48
C ALA A 587 46.88 -33.36 14.87
N ALA A 588 47.85 -34.25 14.65
CA ALA A 588 49.08 -33.88 13.99
C ALA A 588 48.89 -33.86 12.47
N GLY A 589 49.73 -33.09 11.79
CA GLY A 589 49.65 -33.02 10.35
C GLY A 589 50.81 -32.25 9.77
N GLU A 590 50.71 -31.98 8.48
CA GLU A 590 51.71 -31.16 7.79
C GLU A 590 51.43 -29.69 8.09
N THR A 591 52.48 -28.97 8.50
CA THR A 591 52.37 -27.61 9.02
C THR A 591 53.10 -26.64 8.11
N ARG A 592 52.46 -25.53 7.79
CA ARG A 592 53.08 -24.49 6.98
C ARG A 592 52.60 -23.13 7.46
N THR A 593 53.32 -22.08 7.07
CA THR A 593 52.97 -20.72 7.44
C THR A 593 51.82 -20.19 6.58
N VAL A 594 51.14 -19.18 7.09
CA VAL A 594 50.12 -18.42 6.38
C VAL A 594 50.65 -17.01 6.16
N LEU A 595 50.63 -16.55 4.92
CA LEU A 595 51.26 -15.27 4.56
C LEU A 595 50.21 -14.24 4.19
N ASN A 596 50.54 -12.97 4.47
CA ASN A 596 49.70 -11.84 4.08
C ASN A 596 49.70 -11.73 2.56
N PRO A 597 48.55 -11.78 1.89
CA PRO A 597 48.57 -11.65 0.42
C PRO A 597 49.06 -10.30 -0.06
N GLY A 598 49.03 -9.27 0.78
CA GLY A 598 49.55 -7.97 0.41
C GLY A 598 51.05 -7.81 0.60
N ASP A 599 51.70 -8.81 1.20
CA ASP A 599 53.13 -8.74 1.51
C ASP A 599 53.56 -10.08 2.09
N HIS A 600 54.15 -10.94 1.26
CA HIS A 600 54.48 -12.30 1.68
C HIS A 600 55.56 -12.34 2.74
N ARG A 601 56.23 -11.22 3.00
CA ARG A 601 57.17 -11.14 4.12
C ARG A 601 56.46 -11.13 5.47
N ASP A 602 55.16 -10.76 5.50
CA ASP A 602 54.39 -10.65 6.73
C ASP A 602 53.74 -12.00 7.01
N VAL A 603 54.34 -12.77 7.92
CA VAL A 603 53.81 -14.08 8.30
C VAL A 603 52.68 -13.88 9.30
N VAL A 604 51.50 -14.39 8.98
CA VAL A 604 50.34 -14.17 9.84
C VAL A 604 50.19 -15.28 10.88
N GLY A 605 50.54 -16.51 10.53
CA GLY A 605 50.34 -17.62 11.44
C GLY A 605 50.77 -18.92 10.81
N SER A 606 50.33 -20.01 11.41
CA SER A 606 50.70 -21.34 10.97
CA SER A 606 50.71 -21.33 10.98
C SER A 606 49.48 -22.23 10.93
N VAL A 607 49.39 -23.05 9.89
CA VAL A 607 48.27 -23.98 9.75
C VAL A 607 48.81 -25.41 9.70
N THR A 608 48.17 -26.29 10.47
CA THR A 608 48.41 -27.73 10.39
C THR A 608 47.23 -28.34 9.67
N GLU A 609 47.47 -28.97 8.53
CA GLU A 609 46.39 -29.43 7.69
C GLU A 609 46.07 -30.90 7.96
N THR A 610 44.86 -31.29 7.56
CA THR A 610 44.25 -32.55 7.97
C THR A 610 44.63 -33.66 7.00
N SER A 611 45.02 -34.81 7.53
CA SER A 611 45.19 -35.99 6.69
C SER A 611 43.83 -36.52 6.24
N GLU A 612 43.82 -37.20 5.10
CA GLU A 612 42.55 -37.74 4.62
C GLU A 612 42.02 -38.81 5.55
N GLU A 613 42.91 -39.55 6.22
CA GLU A 613 42.47 -40.51 7.22
C GLU A 613 41.74 -39.80 8.37
N ASP A 614 42.29 -38.68 8.85
CA ASP A 614 41.67 -37.96 9.96
C ASP A 614 40.36 -37.30 9.54
N ALA A 615 40.25 -36.85 8.29
CA ALA A 615 38.98 -36.33 7.80
C ALA A 615 37.91 -37.40 7.87
N ARG A 616 38.24 -38.62 7.40
CA ARG A 616 37.29 -39.72 7.50
C ARG A 616 36.99 -40.08 8.95
N ARG A 617 38.02 -40.05 9.81
CA ARG A 617 37.80 -40.27 11.24
C ARG A 617 36.86 -39.22 11.82
N ALA A 618 37.02 -37.96 11.41
CA ALA A 618 36.17 -36.88 11.92
C ALA A 618 34.70 -37.13 11.61
N VAL A 619 34.40 -37.57 10.39
CA VAL A 619 33.01 -37.84 10.05
C VAL A 619 32.47 -38.94 10.94
N ARG A 620 33.26 -39.99 11.17
CA ARG A 620 32.81 -41.08 12.02
C ARG A 620 32.53 -40.61 13.44
N LEU A 621 33.39 -39.74 13.97
CA LEU A 621 33.16 -39.18 15.31
C LEU A 621 31.91 -38.30 15.33
N ALA A 622 31.70 -37.52 14.26
CA ALA A 622 30.48 -36.72 14.16
C ALA A 622 29.23 -37.60 14.17
N ALA A 623 29.27 -38.71 13.43
CA ALA A 623 28.10 -39.59 13.41
C ALA A 623 27.83 -40.19 14.79
N ASP A 624 28.89 -40.55 15.52
CA ASP A 624 28.72 -41.10 16.86
C ASP A 624 28.13 -40.08 17.81
N ALA A 625 28.55 -38.81 17.67
CA ALA A 625 28.10 -37.71 18.52
C ALA A 625 26.76 -37.12 18.11
N ALA A 626 26.24 -37.48 16.94
CA ALA A 626 25.04 -36.81 16.44
C ALA A 626 23.85 -36.91 17.39
N PRO A 627 23.51 -38.07 17.99
CA PRO A 627 22.37 -38.09 18.92
C PRO A 627 22.52 -37.14 20.10
N ASP A 628 23.72 -37.02 20.66
CA ASP A 628 23.89 -36.16 21.82
C ASP A 628 23.64 -34.69 21.47
N TRP A 629 24.06 -34.26 20.27
CA TRP A 629 23.86 -32.87 19.90
C TRP A 629 22.42 -32.62 19.49
N ALA A 630 21.81 -33.57 18.77
CA ALA A 630 20.40 -33.42 18.41
C ALA A 630 19.51 -33.31 19.64
N ALA A 631 19.95 -33.86 20.77
CA ALA A 631 19.15 -33.85 21.99
C ALA A 631 19.23 -32.54 22.76
N VAL A 632 20.16 -31.66 22.40
CA VAL A 632 20.19 -30.32 22.99
C VAL A 632 18.98 -29.58 22.43
N PRO A 633 18.08 -29.09 23.28
CA PRO A 633 16.84 -28.46 22.79
C PRO A 633 17.14 -27.29 21.87
N PRO A 634 16.32 -27.08 20.84
CA PRO A 634 16.58 -26.00 19.86
C PRO A 634 16.86 -24.66 20.50
N SER A 635 16.11 -24.31 21.55
CA SER A 635 16.31 -23.03 22.23
C SER A 635 17.71 -22.92 22.81
N GLU A 636 18.25 -24.03 23.34
CA GLU A 636 19.59 -23.98 23.91
C GLU A 636 20.66 -23.96 22.83
N ARG A 637 20.43 -24.68 21.72
CA ARG A 637 21.34 -24.54 20.59
C ARG A 637 21.37 -23.08 20.10
N ALA A 638 20.21 -22.44 20.03
CA ALA A 638 20.17 -21.04 19.61
C ALA A 638 20.87 -20.13 20.62
N ALA A 639 20.82 -20.49 21.90
CA ALA A 639 21.52 -19.72 22.92
C ALA A 639 23.03 -19.78 22.70
N CYS A 640 23.54 -20.93 22.25
CA CYS A 640 24.96 -20.99 21.92
C CYS A 640 25.30 -20.03 20.81
N LEU A 641 24.45 -19.95 19.77
CA LEU A 641 24.70 -19.02 18.68
C LEU A 641 24.69 -17.58 19.18
N ASP A 642 23.71 -17.22 20.02
CA ASP A 642 23.67 -15.86 20.54
C ASP A 642 24.89 -15.55 21.39
N ARG A 643 25.35 -16.53 22.18
CA ARG A 643 26.56 -16.30 22.98
C ARG A 643 27.77 -16.12 22.07
N ALA A 644 27.87 -16.90 20.99
CA ALA A 644 28.98 -16.73 20.06
C ALA A 644 28.94 -15.36 19.40
N ALA A 645 27.74 -14.86 19.10
CA ALA A 645 27.61 -13.51 18.55
C ALA A 645 28.11 -12.46 19.53
N GLU A 646 27.79 -12.60 20.81
CA GLU A 646 28.30 -11.65 21.79
C GLU A 646 29.81 -11.69 21.83
N LEU A 647 30.40 -12.88 21.75
CA LEU A 647 31.85 -12.99 21.82
C LEU A 647 32.49 -12.36 20.60
N MET A 648 31.91 -12.56 19.42
CA MET A 648 32.47 -11.97 18.22
C MET A 648 32.34 -10.46 18.24
N GLN A 649 31.23 -9.93 18.78
CA GLN A 649 31.08 -8.48 18.88
C GLN A 649 32.16 -7.91 19.79
N ALA A 650 32.43 -8.57 20.90
CA ALA A 650 33.43 -8.08 21.84
C ALA A 650 34.83 -8.16 21.25
N ARG A 651 35.09 -9.18 20.46
CA ARG A 651 36.40 -9.40 19.89
C ARG A 651 36.57 -8.76 18.52
N MET A 652 35.61 -7.95 18.08
CA MET A 652 35.66 -7.42 16.71
C MET A 652 36.98 -6.78 16.35
N PRO A 653 37.59 -5.92 17.18
CA PRO A 653 38.85 -5.30 16.74
C PRO A 653 39.95 -6.32 16.44
N THR A 654 40.08 -7.35 17.27
CA THR A 654 41.07 -8.39 17.03
C THR A 654 40.73 -9.21 15.79
N LEU A 655 39.46 -9.58 15.63
CA LEU A 655 39.05 -10.31 14.43
C LEU A 655 39.30 -9.49 13.16
N LEU A 656 39.02 -8.17 13.20
CA LEU A 656 39.34 -7.29 12.08
C LEU A 656 40.79 -7.44 11.67
N GLY A 657 41.69 -7.36 12.65
CA GLY A 657 43.10 -7.38 12.34
C GLY A 657 43.50 -8.66 11.65
N LEU A 658 42.94 -9.79 12.09
CA LEU A 658 43.26 -11.05 11.48
C LEU A 658 42.74 -11.11 10.05
N ILE A 659 41.51 -10.65 9.82
CA ILE A 659 40.94 -10.67 8.48
C ILE A 659 41.73 -9.76 7.55
N ILE A 660 42.14 -8.59 8.05
CA ILE A 660 42.93 -7.66 7.23
C ILE A 660 44.20 -8.34 6.72
N ARG A 661 44.93 -9.01 7.62
CA ARG A 661 46.24 -9.54 7.24
C ARG A 661 46.16 -10.91 6.58
N GLU A 662 45.20 -11.76 6.98
CA GLU A 662 45.16 -13.10 6.39
C GLU A 662 44.46 -13.09 5.04
N ALA A 663 43.41 -12.30 4.90
CA ALA A 663 42.60 -12.32 3.69
C ALA A 663 42.82 -11.10 2.81
N GLY A 664 43.63 -10.14 3.24
CA GLY A 664 43.91 -8.99 2.39
C GLY A 664 42.80 -7.97 2.30
N LYS A 665 41.98 -7.84 3.33
CA LYS A 665 40.81 -6.98 3.31
C LYS A 665 41.12 -5.62 3.92
N SER A 666 40.42 -4.60 3.45
CA SER A 666 40.47 -3.29 4.09
C SER A 666 39.72 -3.34 5.43
N ALA A 667 40.01 -2.35 6.29
CA ALA A 667 39.37 -2.33 7.60
C ALA A 667 37.86 -2.20 7.47
N LEU A 668 37.40 -1.32 6.58
CA LEU A 668 35.96 -1.14 6.38
C LEU A 668 35.29 -2.46 6.02
N ASN A 669 35.88 -3.21 5.08
CA ASN A 669 35.29 -4.48 4.68
C ASN A 669 35.39 -5.53 5.78
N ALA A 670 36.46 -5.49 6.59
CA ALA A 670 36.57 -6.45 7.68
C ALA A 670 35.51 -6.19 8.74
N ILE A 671 35.25 -4.92 9.06
CA ILE A 671 34.17 -4.58 9.99
C ILE A 671 32.85 -5.16 9.49
N ALA A 672 32.53 -4.90 8.22
CA ALA A 672 31.28 -5.38 7.66
C ALA A 672 31.21 -6.91 7.65
N GLU A 673 32.35 -7.56 7.50
CA GLU A 673 32.35 -9.03 7.55
C GLU A 673 32.10 -9.54 8.96
N VAL A 674 32.76 -8.98 9.98
CA VAL A 674 32.48 -9.44 11.34
C VAL A 674 31.02 -9.16 11.70
N ARG A 675 30.50 -7.99 11.29
CA ARG A 675 29.08 -7.72 11.47
C ARG A 675 28.21 -8.81 10.86
N GLU A 676 28.54 -9.22 9.62
CA GLU A 676 27.75 -10.24 8.95
C GLU A 676 27.79 -11.57 9.69
N ALA A 677 28.96 -11.91 10.27
CA ALA A 677 29.04 -13.15 11.05
C ALA A 677 28.13 -13.07 12.27
N ILE A 678 28.16 -11.94 12.97
CA ILE A 678 27.30 -11.73 14.13
C ILE A 678 25.84 -11.81 13.71
N ASP A 679 25.52 -11.21 12.56
CA ASP A 679 24.15 -11.20 12.04
C ASP A 679 23.68 -12.61 11.70
N PHE A 680 24.51 -13.41 11.02
CA PHE A 680 24.16 -14.82 10.77
C PHE A 680 23.82 -15.54 12.08
N LEU A 681 24.70 -15.44 13.07
CA LEU A 681 24.50 -16.14 14.33
C LEU A 681 23.18 -15.77 14.97
N ARG A 682 22.89 -14.46 15.02
CA ARG A 682 21.66 -14.02 15.67
C ARG A 682 20.43 -14.30 14.84
N TYR A 683 20.56 -14.22 13.52
CA TYR A 683 19.42 -14.49 12.64
C TYR A 683 19.02 -15.97 12.69
N TYR A 684 19.99 -16.87 12.57
CA TYR A 684 19.64 -18.29 12.62
C TYR A 684 19.18 -18.70 14.02
N ALA A 685 19.68 -18.05 15.06
CA ALA A 685 19.15 -18.31 16.40
C ALA A 685 17.68 -17.92 16.49
N GLU A 686 17.33 -16.73 16.01
CA GLU A 686 15.93 -16.30 16.06
C GLU A 686 15.06 -17.19 15.17
N GLN A 687 15.53 -17.51 13.96
CA GLN A 687 14.74 -18.38 13.10
C GLN A 687 14.50 -19.73 13.76
N THR A 688 15.51 -20.22 14.50
CA THR A 688 15.34 -21.47 15.24
C THR A 688 14.25 -21.33 16.30
N ARG A 689 14.32 -20.24 17.09
CA ARG A 689 13.31 -20.03 18.12
C ARG A 689 11.92 -19.90 17.53
N ARG A 690 11.81 -19.42 16.29
CA ARG A 690 10.51 -19.30 15.66
C ARG A 690 9.97 -20.61 15.08
N THR A 691 10.83 -21.63 14.83
CA THR A 691 10.37 -22.72 13.98
C THR A 691 10.60 -24.14 14.52
N LEU A 692 11.77 -24.43 15.10
CA LEU A 692 12.19 -25.83 15.22
C LEU A 692 11.58 -26.52 16.43
N GLY A 693 11.04 -27.71 16.22
CA GLY A 693 10.48 -28.51 17.28
C GLY A 693 10.94 -29.96 17.17
N PRO A 694 10.33 -30.84 17.97
CA PRO A 694 10.81 -32.24 18.02
C PRO A 694 10.70 -32.99 16.71
N GLY A 695 9.72 -32.68 15.87
CA GLY A 695 9.53 -33.39 14.64
C GLY A 695 10.39 -32.95 13.48
N HIS A 696 11.25 -31.94 13.69
CA HIS A 696 12.14 -31.45 12.64
C HIS A 696 13.52 -32.07 12.91
N GLY A 697 13.65 -33.35 12.57
CA GLY A 697 14.84 -34.10 12.88
C GLY A 697 16.05 -33.69 12.08
N PRO A 698 17.22 -33.73 12.70
CA PRO A 698 18.45 -33.36 11.98
C PRO A 698 18.75 -34.33 10.86
N LEU A 699 19.52 -33.84 9.89
CA LEU A 699 20.02 -34.73 8.83
C LEU A 699 21.08 -35.68 9.36
N GLY A 700 21.96 -35.17 10.22
CA GLY A 700 23.14 -35.90 10.62
C GLY A 700 24.37 -35.08 10.31
N PRO A 701 25.55 -35.70 10.26
CA PRO A 701 26.78 -34.93 10.03
C PRO A 701 26.71 -34.13 8.73
N ILE A 702 27.03 -32.84 8.82
CA ILE A 702 26.99 -31.95 7.68
C ILE A 702 28.40 -31.43 7.43
N VAL A 703 28.83 -31.52 6.18
CA VAL A 703 30.14 -31.04 5.76
C VAL A 703 29.97 -29.60 5.25
N CYS A 704 30.62 -28.65 5.91
CA CYS A 704 30.55 -27.25 5.53
C CYS A 704 31.86 -26.85 4.88
N ILE A 705 31.80 -26.49 3.60
CA ILE A 705 32.98 -26.12 2.83
C ILE A 705 32.82 -24.66 2.44
N SER A 706 33.79 -23.83 2.82
CA SER A 706 33.63 -22.39 2.70
C SER A 706 34.75 -21.77 1.87
N PRO A 707 34.53 -20.60 1.31
CA PRO A 707 35.51 -19.96 0.43
C PRO A 707 36.44 -19.05 1.21
N TRP A 708 37.48 -18.57 0.51
CA TRP A 708 38.47 -17.72 1.15
C TRP A 708 37.98 -16.27 1.29
N ASN A 709 37.01 -15.84 0.47
CA ASN A 709 36.77 -14.41 0.28
C ASN A 709 35.88 -13.79 1.34
N PHE A 710 35.08 -14.59 2.05
CA PHE A 710 34.45 -14.16 3.29
C PHE A 710 34.80 -15.22 4.32
N PRO A 711 36.04 -15.20 4.80
CA PRO A 711 36.57 -16.33 5.56
C PRO A 711 36.04 -16.42 6.98
N LEU A 712 35.40 -15.38 7.50
CA LEU A 712 34.67 -15.49 8.75
C LEU A 712 33.16 -15.58 8.54
N ALA A 713 32.59 -14.74 7.68
CA ALA A 713 31.13 -14.63 7.67
C ALA A 713 30.48 -15.85 7.01
N ILE A 714 30.92 -16.22 5.82
CA ILE A 714 30.30 -17.38 5.17
C ILE A 714 30.66 -18.66 5.93
N PHE A 715 31.90 -18.76 6.39
CA PHE A 715 32.31 -19.84 7.26
C PHE A 715 31.34 -19.98 8.43
N THR A 716 31.11 -18.88 9.15
CA THR A 716 30.25 -18.92 10.33
C THR A 716 28.80 -19.20 9.95
N GLY A 717 28.32 -18.56 8.88
CA GLY A 717 26.92 -18.72 8.49
C GLY A 717 26.53 -20.16 8.25
N GLN A 718 27.31 -20.87 7.43
CA GLN A 718 26.96 -22.26 7.14
C GLN A 718 27.03 -23.11 8.38
N ILE A 719 28.07 -22.94 9.19
CA ILE A 719 28.24 -23.79 10.36
C ILE A 719 27.15 -23.52 11.39
N ALA A 720 26.82 -22.26 11.62
CA ALA A 720 25.83 -21.91 12.62
C ALA A 720 24.47 -22.47 12.24
N ALA A 721 24.09 -22.34 10.96
CA ALA A 721 22.83 -22.89 10.49
C ALA A 721 22.78 -24.40 10.72
N ALA A 722 23.81 -25.12 10.29
CA ALA A 722 23.81 -26.57 10.43
C ALA A 722 23.75 -26.98 11.91
N LEU A 723 24.57 -26.33 12.74
CA LEU A 723 24.59 -26.65 14.17
C LEU A 723 23.23 -26.39 14.83
N VAL A 724 22.64 -25.23 14.54
CA VAL A 724 21.41 -24.89 15.26
C VAL A 724 20.25 -25.75 14.79
N ALA A 725 20.31 -26.26 13.57
CA ALA A 725 19.34 -27.24 13.10
C ALA A 725 19.51 -28.61 13.75
N GLY A 726 20.54 -28.80 14.58
CA GLY A 726 20.70 -30.05 15.31
C GLY A 726 21.70 -31.03 14.73
N ASN A 727 22.50 -30.61 13.76
CA ASN A 727 23.49 -31.44 13.08
C ASN A 727 24.89 -31.16 13.60
N PRO A 728 25.69 -32.20 13.83
CA PRO A 728 27.12 -31.98 14.04
C PRO A 728 27.79 -31.62 12.73
N VAL A 729 28.87 -30.84 12.83
CA VAL A 729 29.46 -30.17 11.68
C VAL A 729 30.93 -30.55 11.52
N LEU A 730 31.33 -30.82 10.28
CA LEU A 730 32.73 -30.90 9.88
C LEU A 730 33.01 -29.65 9.06
N ALA A 731 33.83 -28.76 9.62
CA ALA A 731 34.10 -27.45 9.02
C ALA A 731 35.42 -27.50 8.25
N LYS A 732 35.33 -27.33 6.93
CA LYS A 732 36.52 -27.36 6.07
C LYS A 732 36.74 -25.98 5.48
N PRO A 733 37.59 -25.14 6.06
CA PRO A 733 37.78 -23.79 5.53
C PRO A 733 38.69 -23.79 4.32
N ALA A 734 38.59 -22.71 3.54
CA ALA A 734 39.46 -22.54 2.39
C ALA A 734 40.91 -22.65 2.80
N GLU A 735 41.73 -23.27 1.95
CA GLU A 735 43.13 -23.44 2.29
C GLU A 735 43.86 -22.11 2.47
N GLU A 736 43.37 -21.03 1.85
CA GLU A 736 44.04 -19.74 1.97
C GLU A 736 43.80 -19.06 3.31
N THR A 737 42.70 -19.35 4.00
CA THR A 737 42.28 -18.56 5.17
C THR A 737 41.88 -19.43 6.37
N PRO A 738 42.77 -20.32 6.83
CA PRO A 738 42.42 -21.18 7.96
C PRO A 738 42.45 -20.49 9.31
N LEU A 739 43.21 -19.40 9.49
CA LEU A 739 43.42 -18.87 10.83
C LEU A 739 42.14 -18.28 11.39
N ILE A 740 41.46 -17.44 10.60
CA ILE A 740 40.21 -16.84 11.10
C ILE A 740 39.15 -17.92 11.27
N ALA A 741 39.19 -18.98 10.45
CA ALA A 741 38.29 -20.12 10.66
C ALA A 741 38.54 -20.77 12.01
N ALA A 742 39.82 -21.03 12.34
CA ALA A 742 40.13 -21.65 13.62
C ALA A 742 39.65 -20.77 14.77
N GLU A 743 39.76 -19.45 14.61
CA GLU A 743 39.30 -18.54 15.65
C GLU A 743 37.77 -18.56 15.77
N GLY A 744 37.07 -18.66 14.64
CA GLY A 744 35.62 -18.79 14.70
C GLY A 744 35.19 -20.06 15.43
N VAL A 745 35.85 -21.18 15.14
CA VAL A 745 35.54 -22.43 15.84
C VAL A 745 35.87 -22.31 17.33
N ARG A 746 37.00 -21.67 17.67
CA ARG A 746 37.32 -21.46 19.07
C ARG A 746 36.22 -20.69 19.78
N ILE A 747 35.70 -19.64 19.13
CA ILE A 747 34.63 -18.82 19.69
C ILE A 747 33.34 -19.63 19.85
N LEU A 748 32.96 -20.40 18.83
CA LEU A 748 31.74 -21.21 18.94
C LEU A 748 31.86 -22.26 20.04
N ARG A 749 33.05 -22.84 20.19
CA ARG A 749 33.23 -23.80 21.27
C ARG A 749 33.17 -23.11 22.62
N GLU A 750 33.75 -21.89 22.72
CA GLU A 750 33.65 -21.16 23.97
C GLU A 750 32.20 -20.85 24.32
N ALA A 751 31.38 -20.60 23.28
CA ALA A 751 29.97 -20.28 23.46
C ALA A 751 29.12 -21.50 23.84
N GLY A 752 29.68 -22.70 23.83
CA GLY A 752 28.99 -23.89 24.29
C GLY A 752 28.84 -25.00 23.28
N ILE A 753 29.25 -24.79 22.02
CA ILE A 753 29.17 -25.87 21.04
C ILE A 753 30.16 -26.95 21.45
N PRO A 754 29.70 -28.18 21.71
CA PRO A 754 30.64 -29.24 22.13
C PRO A 754 31.64 -29.56 21.03
N ALA A 755 32.83 -29.99 21.46
CA ALA A 755 33.88 -30.33 20.49
C ALA A 755 33.42 -31.42 19.53
N SER A 756 32.59 -32.35 19.99
CA SER A 756 32.09 -33.40 19.12
C SER A 756 31.10 -32.88 18.09
N ALA A 757 30.45 -31.75 18.35
CA ALA A 757 29.49 -31.18 17.41
C ALA A 757 30.13 -30.28 16.36
N LEU A 758 31.38 -29.84 16.57
CA LEU A 758 32.01 -28.91 15.63
C LEU A 758 33.49 -29.24 15.55
N GLN A 759 33.91 -29.82 14.43
CA GLN A 759 35.28 -30.22 14.20
C GLN A 759 35.86 -29.40 13.06
N LEU A 760 37.08 -28.92 13.24
CA LEU A 760 37.75 -28.08 12.24
C LEU A 760 38.79 -28.91 11.49
N LEU A 761 38.70 -28.91 10.16
CA LEU A 761 39.58 -29.72 9.31
C LEU A 761 40.25 -28.82 8.28
N PRO A 762 41.34 -28.17 8.63
CA PRO A 762 42.04 -27.33 7.65
C PRO A 762 42.68 -28.17 6.55
N GLY A 763 42.79 -27.58 5.38
CA GLY A 763 43.44 -28.23 4.26
C GLY A 763 42.80 -27.80 2.95
N ASP A 764 43.21 -28.47 1.88
CA ASP A 764 42.80 -28.07 0.54
C ASP A 764 41.57 -28.85 0.10
N GLY A 765 41.30 -28.86 -1.21
CA GLY A 765 40.13 -29.54 -1.74
C GLY A 765 40.13 -31.04 -1.52
N ARG A 766 41.31 -31.65 -1.36
CA ARG A 766 41.37 -33.09 -1.08
C ARG A 766 40.74 -33.42 0.27
N VAL A 767 40.89 -32.52 1.25
CA VAL A 767 40.19 -32.69 2.52
C VAL A 767 38.70 -32.51 2.33
N GLY A 768 38.31 -31.49 1.56
CA GLY A 768 36.91 -31.33 1.22
C GLY A 768 36.34 -32.57 0.56
N ALA A 769 37.08 -33.14 -0.39
CA ALA A 769 36.57 -34.29 -1.13
C ALA A 769 36.44 -35.52 -0.23
N ALA A 770 37.42 -35.75 0.65
CA ALA A 770 37.35 -36.89 1.55
C ALA A 770 36.16 -36.76 2.50
N LEU A 771 35.85 -35.53 2.93
CA LEU A 771 34.69 -35.32 3.77
C LEU A 771 33.40 -35.58 3.00
N VAL A 772 33.30 -35.06 1.78
CA VAL A 772 32.09 -35.25 0.98
C VAL A 772 31.86 -36.72 0.72
N ALA A 773 32.93 -37.47 0.42
CA ALA A 773 32.79 -38.88 0.08
C ALA A 773 32.53 -39.78 1.29
N ALA A 774 32.67 -39.28 2.51
CA ALA A 774 32.58 -40.14 3.68
C ALA A 774 31.17 -40.71 3.85
N ALA A 775 31.11 -41.98 4.24
CA ALA A 775 29.83 -42.69 4.18
C ALA A 775 28.77 -42.08 5.08
N GLU A 776 29.15 -41.51 6.22
CA GLU A 776 28.16 -40.97 7.15
C GLU A 776 27.81 -39.50 6.89
N THR A 777 28.38 -38.87 5.89
CA THR A 777 28.03 -37.50 5.55
C THR A 777 26.57 -37.44 5.09
N ALA A 778 25.77 -36.64 5.80
CA ALA A 778 24.33 -36.57 5.57
C ALA A 778 23.89 -35.32 4.82
N GLY A 779 24.80 -34.39 4.59
CA GLY A 779 24.47 -33.15 3.91
C GLY A 779 25.74 -32.36 3.66
N VAL A 780 25.75 -31.54 2.60
CA VAL A 780 26.91 -30.74 2.26
C VAL A 780 26.45 -29.31 2.04
N MET A 781 27.10 -28.37 2.72
CA MET A 781 26.91 -26.94 2.47
C MET A 781 28.19 -26.42 1.82
N PHE A 782 28.05 -25.97 0.58
CA PHE A 782 29.19 -25.51 -0.22
C PHE A 782 28.96 -24.08 -0.67
N THR A 783 29.97 -23.25 -0.49
CA THR A 783 30.04 -21.95 -1.12
C THR A 783 31.42 -21.83 -1.77
N GLY A 784 31.45 -21.52 -3.06
CA GLY A 784 32.67 -21.54 -3.83
C GLY A 784 32.34 -21.49 -5.31
N SER A 785 33.30 -21.96 -6.11
CA SER A 785 33.14 -21.88 -7.57
C SER A 785 32.10 -22.88 -8.09
N THR A 786 31.47 -22.52 -9.22
CA THR A 786 30.52 -23.43 -9.86
C THR A 786 31.20 -24.74 -10.28
N GLU A 787 32.45 -24.66 -10.74
CA GLU A 787 33.16 -25.86 -11.21
C GLU A 787 33.37 -26.85 -10.07
N VAL A 788 33.73 -26.37 -8.89
CA VAL A 788 33.94 -27.29 -7.78
C VAL A 788 32.61 -27.83 -7.28
N ALA A 789 31.58 -26.99 -7.23
CA ALA A 789 30.26 -27.48 -6.83
C ALA A 789 29.81 -28.59 -7.74
N ARG A 790 30.13 -28.50 -9.04
CA ARG A 790 29.72 -29.54 -9.97
C ARG A 790 30.46 -30.86 -9.69
N LEU A 791 31.74 -30.78 -9.25
CA LEU A 791 32.44 -31.99 -8.84
C LEU A 791 31.82 -32.59 -7.59
N ILE A 792 31.42 -31.74 -6.63
CA ILE A 792 30.76 -32.26 -5.42
C ILE A 792 29.42 -32.91 -5.79
N GLN A 793 28.63 -32.26 -6.66
CA GLN A 793 27.37 -32.83 -7.13
C GLN A 793 27.58 -34.21 -7.74
N ALA A 794 28.61 -34.37 -8.56
CA ALA A 794 28.86 -35.65 -9.21
C ALA A 794 29.19 -36.73 -8.18
N GLN A 795 29.96 -36.38 -7.16
CA GLN A 795 30.29 -37.36 -6.13
C GLN A 795 29.06 -37.72 -5.30
N LEU A 796 28.21 -36.74 -4.97
CA LEU A 796 27.00 -37.04 -4.21
C LEU A 796 25.98 -37.83 -5.02
N ALA A 797 26.05 -37.78 -6.35
CA ALA A 797 25.06 -38.50 -7.14
C ALA A 797 25.15 -40.00 -6.95
N ASP A 798 26.31 -40.52 -6.52
CA ASP A 798 26.50 -41.93 -6.24
C ASP A 798 25.87 -42.36 -4.91
N ARG A 799 25.41 -41.42 -4.10
CA ARG A 799 25.08 -41.70 -2.70
C ARG A 799 23.61 -41.45 -2.40
N LEU A 800 23.09 -42.24 -1.45
CA LEU A 800 21.76 -42.03 -0.90
C LEU A 800 21.84 -42.07 0.62
N SER A 801 20.88 -41.42 1.25
CA SER A 801 20.76 -41.48 2.70
C SER A 801 20.32 -42.88 3.12
N PRO A 802 20.45 -43.22 4.41
CA PRO A 802 19.88 -44.48 4.89
C PRO A 802 18.42 -44.67 4.50
N ALA A 803 17.65 -43.59 4.46
CA ALA A 803 16.25 -43.65 4.03
C ALA A 803 16.10 -43.79 2.52
N GLY A 804 17.18 -43.72 1.75
CA GLY A 804 17.08 -43.85 0.31
C GLY A 804 16.72 -42.57 -0.43
N ARG A 805 17.11 -41.42 0.10
CA ARG A 805 16.89 -40.13 -0.55
C ARG A 805 18.23 -39.48 -0.88
N PRO A 806 18.25 -38.56 -1.86
CA PRO A 806 19.49 -37.85 -2.17
C PRO A 806 20.01 -37.10 -0.95
N ILE A 807 21.34 -36.96 -0.90
CA ILE A 807 22.04 -36.22 0.14
C ILE A 807 21.89 -34.74 -0.17
N PRO A 808 21.29 -33.94 0.70
CA PRO A 808 21.06 -32.53 0.37
C PRO A 808 22.36 -31.78 0.16
N LEU A 809 22.36 -30.93 -0.86
CA LEU A 809 23.49 -30.08 -1.19
C LEU A 809 22.98 -28.66 -1.32
N ILE A 810 23.53 -27.75 -0.53
CA ILE A 810 23.34 -26.32 -0.74
C ILE A 810 24.62 -25.84 -1.38
N ALA A 811 24.52 -25.27 -2.58
CA ALA A 811 25.69 -24.89 -3.36
C ALA A 811 25.49 -23.46 -3.85
N GLU A 812 26.24 -22.53 -3.29
CA GLU A 812 26.08 -21.13 -3.65
C GLU A 812 27.35 -20.71 -4.39
N THR A 813 27.20 -20.38 -5.69
CA THR A 813 28.36 -20.36 -6.57
C THR A 813 28.53 -19.01 -7.26
N GLY A 814 29.09 -18.98 -8.46
CA GLY A 814 29.55 -17.72 -9.03
C GLY A 814 28.44 -16.78 -9.52
N GLY A 815 28.87 -15.62 -10.01
CA GLY A 815 27.95 -14.71 -10.68
C GLY A 815 28.61 -14.10 -11.90
N GLN A 816 27.78 -13.55 -12.78
CA GLN A 816 28.24 -12.71 -13.89
C GLN A 816 27.36 -11.47 -13.88
N ASN A 817 27.55 -10.64 -12.86
CA ASN A 817 26.52 -9.70 -12.46
C ASN A 817 26.58 -8.42 -13.27
N ALA A 818 25.41 -7.95 -13.71
CA ALA A 818 25.28 -6.77 -14.55
C ALA A 818 24.60 -5.63 -13.81
N MET A 819 24.88 -4.42 -14.27
CA MET A 819 24.13 -3.23 -13.87
C MET A 819 23.73 -2.50 -15.14
N ILE A 820 22.45 -2.18 -15.26
CA ILE A 820 21.93 -1.43 -16.41
C ILE A 820 21.68 0.00 -15.99
N VAL A 821 22.17 0.96 -16.78
CA VAL A 821 22.09 2.37 -16.49
C VAL A 821 21.46 3.06 -17.69
N ASP A 822 20.38 3.82 -17.47
CA ASP A 822 19.79 4.53 -18.59
C ASP A 822 20.07 6.03 -18.46
N SER A 823 19.58 6.80 -19.43
CA SER A 823 19.89 8.22 -19.52
C SER A 823 19.21 9.06 -18.46
N SER A 824 18.35 8.48 -17.61
CA SER A 824 17.73 9.23 -16.53
C SER A 824 18.52 9.16 -15.24
N ALA A 825 19.51 8.28 -15.15
CA ALA A 825 20.25 8.11 -13.91
C ALA A 825 21.20 9.28 -13.70
N LEU A 826 21.61 9.48 -12.45
CA LEU A 826 22.53 10.57 -12.09
C LEU A 826 23.96 10.04 -12.17
N ALA A 827 24.76 10.62 -13.07
CA ALA A 827 26.07 10.04 -13.38
C ALA A 827 26.95 9.91 -12.14
N GLU A 828 26.96 10.92 -11.26
CA GLU A 828 27.81 10.85 -10.08
C GLU A 828 27.42 9.71 -9.15
N GLN A 829 26.11 9.51 -8.97
CA GLN A 829 25.59 8.36 -8.21
C GLN A 829 26.00 7.05 -8.86
N VAL A 830 25.82 6.94 -10.18
CA VAL A 830 26.21 5.74 -10.91
C VAL A 830 27.68 5.44 -10.67
N VAL A 831 28.54 6.43 -10.88
CA VAL A 831 29.98 6.16 -10.81
C VAL A 831 30.38 5.68 -9.42
N GLY A 832 29.86 6.32 -8.37
CA GLY A 832 30.15 5.85 -7.03
C GLY A 832 29.70 4.41 -6.81
N ASP A 833 28.51 4.06 -7.29
CA ASP A 833 28.02 2.70 -7.07
C ASP A 833 28.77 1.69 -7.93
N VAL A 834 29.25 2.11 -9.10
CA VAL A 834 30.00 1.21 -9.97
C VAL A 834 31.40 0.98 -9.41
N ILE A 835 32.09 2.05 -8.99
CA ILE A 835 33.43 1.91 -8.43
C ILE A 835 33.40 1.00 -7.21
N THR A 836 32.42 1.19 -6.34
CA THR A 836 32.30 0.35 -5.15
C THR A 836 31.94 -1.09 -5.55
N SER A 837 30.94 -1.26 -6.44
CA SER A 837 30.47 -2.61 -6.75
C SER A 837 31.53 -3.43 -7.47
N ALA A 838 32.31 -2.80 -8.35
CA ALA A 838 33.27 -3.55 -9.16
C ALA A 838 34.59 -3.77 -8.43
N PHE A 839 35.05 -2.83 -7.62
CA PHE A 839 36.43 -2.87 -7.15
C PHE A 839 36.59 -3.01 -5.64
N ASP A 840 35.54 -2.81 -4.85
CA ASP A 840 35.59 -3.14 -3.44
C ASP A 840 36.08 -4.57 -3.30
N SER A 841 36.97 -4.80 -2.32
CA SER A 841 37.51 -6.14 -2.08
C SER A 841 38.23 -6.69 -3.30
N ALA A 842 38.73 -5.80 -4.14
CA ALA A 842 39.41 -6.16 -5.39
C ALA A 842 38.52 -7.05 -6.27
N GLY A 843 37.21 -6.76 -6.25
CA GLY A 843 36.26 -7.54 -7.03
C GLY A 843 36.09 -8.96 -6.56
N GLN A 844 36.60 -9.32 -5.39
CA GLN A 844 36.51 -10.70 -4.89
C GLN A 844 35.28 -10.90 -4.02
N ARG A 845 34.13 -10.52 -4.57
CA ARG A 845 32.83 -10.83 -4.02
C ARG A 845 32.06 -11.58 -5.09
N ALA A 846 31.31 -12.59 -4.66
CA ALA A 846 30.42 -13.23 -5.62
C ALA A 846 29.45 -12.22 -6.21
N SER A 847 29.08 -11.21 -5.43
CA SER A 847 28.11 -10.18 -5.80
C SER A 847 28.70 -9.07 -6.67
N ALA A 848 30.01 -9.06 -6.92
CA ALA A 848 30.66 -7.91 -7.53
C ALA A 848 30.14 -7.63 -8.93
N LEU A 849 30.15 -6.35 -9.30
CA LEU A 849 29.71 -5.94 -10.62
C LEU A 849 30.74 -6.34 -11.68
N ARG A 850 30.31 -7.14 -12.65
CA ARG A 850 31.18 -7.61 -13.72
C ARG A 850 30.92 -6.92 -15.06
N VAL A 851 29.67 -6.55 -15.35
CA VAL A 851 29.30 -6.00 -16.64
C VAL A 851 28.42 -4.77 -16.42
N LEU A 852 28.95 -3.60 -16.77
CA LEU A 852 28.17 -2.36 -16.71
C LEU A 852 27.60 -2.07 -18.08
N CYS A 853 26.29 -1.84 -18.16
CA CYS A 853 25.60 -1.63 -19.43
C CYS A 853 25.07 -0.20 -19.46
N LEU A 854 25.60 0.61 -20.38
CA LEU A 854 25.34 2.04 -20.42
C LEU A 854 24.52 2.38 -21.65
N GLN A 855 23.41 3.10 -21.46
CA GLN A 855 22.65 3.58 -22.60
C GLN A 855 23.53 4.47 -23.46
N GLU A 856 23.41 4.31 -24.79
CA GLU A 856 24.38 4.87 -25.72
C GLU A 856 24.55 6.38 -25.54
N ASP A 857 23.48 7.11 -25.25
CA ASP A 857 23.58 8.56 -25.27
C ASP A 857 24.26 9.14 -24.04
N VAL A 858 24.43 8.36 -22.96
CA VAL A 858 25.17 8.82 -21.80
C VAL A 858 26.45 8.02 -21.58
N ALA A 859 26.76 7.07 -22.46
CA ALA A 859 27.88 6.15 -22.21
C ALA A 859 29.21 6.87 -22.20
N ASP A 860 29.45 7.81 -23.13
CA ASP A 860 30.75 8.48 -23.17
C ASP A 860 31.00 9.30 -21.91
N ARG A 861 29.97 10.03 -21.46
CA ARG A 861 30.14 10.88 -20.28
C ARG A 861 30.36 10.05 -19.03
N ILE A 862 29.60 8.98 -18.85
CA ILE A 862 29.77 8.15 -17.67
C ILE A 862 31.11 7.43 -17.71
N LEU A 863 31.52 6.95 -18.88
CA LEU A 863 32.78 6.24 -18.99
C LEU A 863 33.96 7.16 -18.67
N THR A 864 33.91 8.40 -19.16
CA THR A 864 34.96 9.37 -18.81
C THR A 864 35.04 9.56 -17.31
N MET A 865 33.90 9.77 -16.65
CA MET A 865 33.86 9.94 -15.21
CA MET A 865 33.87 9.94 -15.21
C MET A 865 34.36 8.68 -14.50
N LEU A 866 33.95 7.51 -14.99
CA LEU A 866 34.36 6.26 -14.37
C LEU A 866 35.88 6.08 -14.42
N LYS A 867 36.49 6.37 -15.56
CA LYS A 867 37.94 6.25 -15.67
C LYS A 867 38.64 7.23 -14.75
N GLY A 868 38.11 8.45 -14.64
CA GLY A 868 38.70 9.42 -13.74
C GLY A 868 38.62 8.98 -12.29
N ALA A 869 37.50 8.37 -11.91
CA ALA A 869 37.33 7.89 -10.56
C ALA A 869 38.24 6.70 -10.29
N LEU A 870 38.42 5.84 -11.29
CA LEU A 870 39.34 4.70 -11.18
C LEU A 870 40.71 5.14 -10.71
N HIS A 871 41.23 6.24 -11.27
CA HIS A 871 42.59 6.64 -10.96
C HIS A 871 42.75 7.31 -9.60
N GLU A 872 41.67 7.52 -8.86
CA GLU A 872 41.74 8.04 -7.51
C GLU A 872 41.81 6.95 -6.45
N LEU A 873 41.80 5.67 -6.85
CA LEU A 873 41.86 4.58 -5.89
C LEU A 873 43.29 4.31 -5.45
N HIS A 874 43.46 3.98 -4.16
CA HIS A 874 44.75 3.65 -3.58
C HIS A 874 44.81 2.14 -3.39
N ILE A 875 45.79 1.50 -4.03
CA ILE A 875 45.97 0.05 -3.97
C ILE A 875 47.21 -0.24 -3.15
N GLY A 876 47.09 -1.13 -2.16
CA GLY A 876 48.26 -1.50 -1.38
C GLY A 876 47.91 -2.44 -0.25
N ARG A 877 48.95 -2.74 0.56
CA ARG A 877 48.75 -3.55 1.76
C ARG A 877 47.71 -2.89 2.65
N THR A 878 46.77 -3.70 3.16
CA THR A 878 45.53 -3.15 3.70
C THR A 878 45.60 -2.80 5.18
N ASP A 879 46.79 -2.75 5.78
CA ASP A 879 46.92 -2.27 7.15
C ASP A 879 47.08 -0.76 7.22
N ARG A 880 46.57 -0.04 6.21
CA ARG A 880 46.48 1.42 6.21
C ARG A 880 45.07 1.83 5.83
N LEU A 881 44.48 2.73 6.63
CA LEU A 881 43.11 3.19 6.38
C LEU A 881 42.95 3.81 4.99
N SER A 882 44.02 4.40 4.46
CA SER A 882 43.97 5.05 3.15
C SER A 882 43.88 4.06 1.99
N VAL A 883 44.04 2.76 2.21
CA VAL A 883 43.99 1.81 1.11
C VAL A 883 42.53 1.52 0.76
N ASP A 884 42.20 1.66 -0.52
CA ASP A 884 40.86 1.37 -1.03
C ASP A 884 40.71 -0.04 -1.53
N VAL A 885 41.74 -0.56 -2.18
CA VAL A 885 41.72 -1.86 -2.83
C VAL A 885 42.96 -2.62 -2.42
N GLY A 886 42.76 -3.81 -1.87
CA GLY A 886 43.88 -4.64 -1.47
C GLY A 886 44.29 -5.64 -2.53
N PRO A 887 45.06 -6.64 -2.13
CA PRO A 887 45.57 -7.63 -3.08
C PRO A 887 44.50 -8.67 -3.42
N VAL A 888 44.80 -9.45 -4.46
CA VAL A 888 44.07 -10.68 -4.70
C VAL A 888 44.74 -11.80 -3.88
N ILE A 889 43.99 -12.88 -3.66
CA ILE A 889 44.32 -13.78 -2.55
C ILE A 889 45.62 -14.55 -2.79
N THR A 890 45.89 -14.93 -4.04
CA THR A 890 47.06 -15.76 -4.35
C THR A 890 47.70 -15.35 -5.65
N SER A 891 48.93 -15.82 -5.85
CA SER A 891 49.61 -15.69 -7.14
C SER A 891 48.80 -16.36 -8.26
N GLU A 892 48.18 -17.50 -7.95
CA GLU A 892 47.40 -18.20 -8.97
C GLU A 892 46.18 -17.37 -9.39
N ALA A 893 45.50 -16.77 -8.43
CA ALA A 893 44.39 -15.90 -8.76
C ALA A 893 44.86 -14.72 -9.61
N LYS A 894 45.97 -14.11 -9.22
CA LYS A 894 46.52 -13.00 -10.00
C LYS A 894 46.81 -13.41 -11.43
N ASP A 895 47.45 -14.58 -11.61
CA ASP A 895 47.79 -15.03 -12.96
C ASP A 895 46.55 -15.30 -13.79
N ASN A 896 45.53 -15.90 -13.18
CA ASN A 896 44.29 -16.18 -13.89
C ASN A 896 43.62 -14.89 -14.36
N ILE A 897 43.55 -13.90 -13.47
CA ILE A 897 42.90 -12.64 -13.80
C ILE A 897 43.68 -11.91 -14.89
N GLU A 898 45.01 -11.84 -14.75
CA GLU A 898 45.82 -11.12 -15.74
C GLU A 898 45.78 -11.79 -17.10
N LYS A 899 45.63 -13.12 -17.14
CA LYS A 899 45.50 -13.81 -18.41
C LYS A 899 44.24 -13.36 -19.14
N HIS A 900 43.15 -13.17 -18.40
CA HIS A 900 41.92 -12.68 -19.03
C HIS A 900 42.11 -11.27 -19.57
N ILE A 901 42.72 -10.40 -18.77
CA ILE A 901 42.93 -9.02 -19.19
C ILE A 901 43.73 -8.97 -20.48
N GLU A 902 44.79 -9.77 -20.56
CA GLU A 902 45.65 -9.73 -21.74
C GLU A 902 44.97 -10.34 -22.96
N ARG A 903 44.15 -11.37 -22.78
CA ARG A 903 43.35 -11.88 -23.89
C ARG A 903 42.44 -10.78 -24.46
N MET A 904 41.72 -10.08 -23.58
CA MET A 904 40.89 -8.96 -24.01
C MET A 904 41.73 -7.90 -24.71
N ARG A 905 42.88 -7.56 -24.14
CA ARG A 905 43.74 -6.57 -24.76
C ARG A 905 44.24 -7.06 -26.12
N GLY A 906 44.57 -8.35 -26.23
CA GLY A 906 45.00 -8.91 -27.48
C GLY A 906 43.93 -8.92 -28.56
N LEU A 907 42.65 -8.86 -28.18
CA LEU A 907 41.57 -8.82 -29.15
C LEU A 907 41.23 -7.40 -29.61
N GLY A 908 41.98 -6.40 -29.16
CA GLY A 908 41.72 -5.03 -29.53
C GLY A 908 40.74 -4.29 -28.64
N ARG A 909 40.26 -4.91 -27.56
CA ARG A 909 39.36 -4.21 -26.65
C ARG A 909 40.14 -3.16 -25.85
N LYS A 910 39.49 -2.01 -25.64
CA LYS A 910 40.13 -0.94 -24.88
CA LYS A 910 40.14 -0.94 -24.88
C LYS A 910 40.21 -1.31 -23.40
N VAL A 911 41.41 -1.19 -22.83
CA VAL A 911 41.69 -1.57 -21.45
C VAL A 911 42.25 -0.36 -20.72
N GLU A 912 41.64 -0.01 -19.60
CA GLU A 912 42.09 1.07 -18.73
C GLU A 912 42.53 0.46 -17.40
N GLN A 913 43.74 0.81 -16.96
CA GLN A 913 44.27 0.27 -15.71
C GLN A 913 44.97 1.39 -14.94
N ILE A 914 44.83 1.38 -13.64
CA ILE A 914 45.64 2.30 -12.85
C ILE A 914 47.02 1.71 -12.64
N GLY A 915 48.01 2.57 -12.52
CA GLY A 915 49.36 2.11 -12.28
C GLY A 915 49.55 1.78 -10.81
N LEU A 916 50.26 0.70 -10.54
CA LEU A 916 50.48 0.24 -9.17
C LEU A 916 51.79 0.77 -8.62
N ALA A 917 51.84 0.97 -7.31
CA ALA A 917 53.07 1.42 -6.67
C ALA A 917 54.06 0.26 -6.57
N SER A 918 55.34 0.60 -6.51
CA SER A 918 56.37 -0.44 -6.44
C SER A 918 56.19 -1.33 -5.22
N GLU A 919 55.63 -0.77 -4.13
CA GLU A 919 55.43 -1.53 -2.91
C GLU A 919 54.52 -2.73 -3.10
N THR A 920 53.73 -2.76 -4.16
CA THR A 920 52.84 -3.90 -4.37
C THR A 920 53.61 -5.15 -4.81
N GLY A 921 54.87 -4.99 -5.19
CA GLY A 921 55.65 -6.13 -5.68
C GLY A 921 55.84 -7.25 -4.68
N VAL A 922 55.77 -6.95 -3.38
CA VAL A 922 55.96 -7.98 -2.35
C VAL A 922 54.69 -8.79 -2.09
N GLY A 923 53.56 -8.40 -2.68
CA GLY A 923 52.33 -9.17 -2.59
C GLY A 923 51.79 -9.51 -3.96
N THR A 924 50.52 -9.93 -4.03
CA THR A 924 49.89 -10.35 -5.28
C THR A 924 48.74 -9.40 -5.59
N PHE A 925 49.00 -8.37 -6.39
CA PHE A 925 48.01 -7.34 -6.70
C PHE A 925 47.64 -7.37 -8.19
N VAL A 926 46.38 -7.07 -8.46
CA VAL A 926 45.89 -6.80 -9.81
C VAL A 926 45.32 -5.39 -9.81
N PRO A 927 45.71 -4.52 -10.73
CA PRO A 927 45.17 -3.16 -10.72
C PRO A 927 43.71 -3.18 -11.14
N PRO A 928 42.85 -2.41 -10.47
CA PRO A 928 41.51 -2.17 -11.00
C PRO A 928 41.55 -1.82 -12.48
N THR A 929 40.67 -2.47 -13.24
CA THR A 929 40.74 -2.51 -14.70
C THR A 929 39.34 -2.31 -15.27
N ILE A 930 39.23 -1.51 -16.33
CA ILE A 930 37.98 -1.34 -17.09
C ILE A 930 38.24 -1.83 -18.51
N ILE A 931 37.38 -2.73 -19.00
CA ILE A 931 37.50 -3.31 -20.34
C ILE A 931 36.22 -3.02 -21.10
N GLU A 932 36.33 -2.38 -22.26
CA GLU A 932 35.17 -2.06 -23.07
C GLU A 932 34.91 -3.21 -24.04
N LEU A 933 33.74 -3.84 -23.92
CA LEU A 933 33.38 -4.97 -24.77
C LEU A 933 32.40 -4.52 -25.85
N GLU A 934 32.32 -5.32 -26.91
CA GLU A 934 31.34 -5.09 -27.96
C GLU A 934 30.00 -5.74 -27.63
N LYS A 935 30.02 -6.99 -27.17
CA LYS A 935 28.80 -7.71 -26.84
C LYS A 935 29.02 -8.45 -25.54
N LEU A 936 27.92 -8.73 -24.83
CA LEU A 936 28.02 -9.46 -23.58
C LEU A 936 28.60 -10.85 -23.78
N SER A 937 28.41 -11.43 -24.95
CA SER A 937 28.96 -12.74 -25.25
C SER A 937 30.48 -12.75 -25.37
N ASP A 938 31.13 -11.59 -25.45
CA ASP A 938 32.59 -11.56 -25.39
C ASP A 938 33.12 -12.09 -24.07
N LEU A 939 32.27 -12.17 -23.05
CA LEU A 939 32.65 -12.55 -21.71
C LEU A 939 32.08 -13.92 -21.41
N GLN A 940 32.95 -14.90 -21.16
CA GLN A 940 32.56 -16.30 -21.17
C GLN A 940 32.62 -17.00 -19.81
N ARG A 941 33.24 -16.41 -18.80
CA ARG A 941 33.31 -17.06 -17.49
C ARG A 941 33.50 -16.00 -16.43
N GLU A 942 33.13 -16.34 -15.19
CA GLU A 942 33.33 -15.42 -14.08
C GLU A 942 34.82 -15.16 -13.90
N VAL A 943 35.20 -13.88 -13.86
CA VAL A 943 36.58 -13.46 -13.64
C VAL A 943 36.61 -12.80 -12.27
N PHE A 944 37.16 -13.51 -11.29
CA PHE A 944 36.98 -13.19 -9.87
C PHE A 944 38.09 -12.23 -9.43
N GLY A 945 37.97 -10.98 -9.87
CA GLY A 945 38.97 -9.99 -9.59
C GLY A 945 38.47 -8.60 -9.94
N PRO A 946 39.35 -7.58 -9.87
CA PRO A 946 38.91 -6.18 -10.03
C PRO A 946 38.85 -5.77 -11.49
N VAL A 947 37.92 -6.37 -12.23
CA VAL A 947 37.85 -6.21 -13.68
C VAL A 947 36.41 -5.93 -14.07
N LEU A 948 36.15 -4.68 -14.44
CA LEU A 948 34.83 -4.23 -14.88
C LEU A 948 34.77 -4.24 -16.40
N HIS A 949 33.73 -4.85 -16.94
CA HIS A 949 33.49 -4.84 -18.37
C HIS A 949 32.35 -3.88 -18.65
N VAL A 950 32.45 -3.14 -19.76
CA VAL A 950 31.49 -2.10 -20.09
C VAL A 950 30.93 -2.38 -21.47
N ILE A 951 29.59 -2.35 -21.58
CA ILE A 951 28.96 -2.43 -22.89
C ILE A 951 27.95 -1.31 -23.01
N ARG A 952 27.66 -0.94 -24.25
CA ARG A 952 26.70 0.12 -24.57
C ARG A 952 25.47 -0.48 -25.24
N TYR A 953 24.32 0.15 -25.05
CA TYR A 953 23.10 -0.34 -25.68
C TYR A 953 22.22 0.82 -26.12
N ARG A 954 21.44 0.58 -27.18
CA ARG A 954 20.40 1.52 -27.59
C ARG A 954 19.13 1.26 -26.79
N ARG A 955 18.42 2.33 -26.43
CA ARG A 955 17.27 2.19 -25.53
C ARG A 955 16.25 1.20 -26.08
N ASP A 956 16.00 1.22 -27.40
CA ASP A 956 15.04 0.27 -27.95
C ASP A 956 15.48 -1.17 -27.79
N ASP A 957 16.77 -1.43 -27.56
CA ASP A 957 17.26 -2.80 -27.38
C ASP A 957 17.36 -3.20 -25.92
N LEU A 958 16.71 -2.46 -25.01
CA LEU A 958 16.77 -2.83 -23.58
C LEU A 958 16.30 -4.25 -23.33
N ASP A 959 15.17 -4.65 -23.93
CA ASP A 959 14.68 -6.00 -23.66
C ASP A 959 15.64 -7.06 -24.16
N ARG A 960 16.23 -6.86 -25.34
CA ARG A 960 17.24 -7.80 -25.82
C ARG A 960 18.45 -7.81 -24.89
N LEU A 961 18.82 -6.67 -24.34
CA LEU A 961 19.93 -6.61 -23.39
C LEU A 961 19.64 -7.47 -22.16
N VAL A 962 18.44 -7.33 -21.59
CA VAL A 962 18.07 -8.17 -20.46
C VAL A 962 18.19 -9.65 -20.83
N ASP A 963 17.77 -10.01 -22.06
CA ASP A 963 17.98 -11.36 -22.57
C ASP A 963 19.45 -11.76 -22.49
N ASP A 964 20.32 -10.90 -23.02
CA ASP A 964 21.76 -11.18 -23.04
C ASP A 964 22.31 -11.39 -21.64
N VAL A 965 21.85 -10.59 -20.67
CA VAL A 965 22.30 -10.78 -19.29
C VAL A 965 21.85 -12.15 -18.78
N ASN A 966 20.57 -12.48 -18.98
CA ASN A 966 20.07 -13.78 -18.57
C ASN A 966 20.78 -14.91 -19.29
N ALA A 967 21.28 -14.67 -20.51
CA ALA A 967 21.81 -15.72 -21.36
C ALA A 967 23.13 -16.30 -20.84
N THR A 968 23.81 -15.62 -19.92
CA THR A 968 25.02 -16.20 -19.35
C THR A 968 24.73 -17.47 -18.57
N GLY A 969 23.51 -17.64 -18.09
CA GLY A 969 23.16 -18.75 -17.22
C GLY A 969 23.33 -18.46 -15.74
N TYR A 970 24.03 -17.38 -15.39
CA TYR A 970 24.15 -16.97 -14.00
C TYR A 970 22.91 -16.18 -13.59
N GLY A 971 22.82 -15.89 -12.29
CA GLY A 971 21.65 -15.19 -11.79
C GLY A 971 21.77 -14.79 -10.34
N LEU A 972 22.86 -14.09 -10.00
CA LEU A 972 23.10 -13.77 -8.60
C LEU A 972 22.66 -12.34 -8.28
N THR A 973 23.51 -11.33 -8.52
CA THR A 973 23.12 -9.96 -8.28
C THR A 973 22.90 -9.21 -9.59
N PHE A 974 22.10 -8.15 -9.50
CA PHE A 974 21.75 -7.35 -10.67
C PHE A 974 21.40 -5.95 -10.19
N GLY A 975 21.91 -4.93 -10.89
CA GLY A 975 21.61 -3.56 -10.54
C GLY A 975 20.91 -2.83 -11.68
N LEU A 976 20.05 -1.87 -11.31
CA LEU A 976 19.41 -0.98 -12.26
C LEU A 976 19.45 0.44 -11.72
N HIS A 977 19.96 1.38 -12.54
CA HIS A 977 19.93 2.81 -12.23
C HIS A 977 19.00 3.49 -13.21
N THR A 978 17.86 3.95 -12.73
CA THR A 978 16.88 4.66 -13.54
C THR A 978 15.95 5.38 -12.61
N ARG A 979 15.35 6.46 -13.09
CA ARG A 979 14.30 7.12 -12.33
C ARG A 979 12.91 6.81 -12.85
N LEU A 980 12.80 5.96 -13.88
CA LEU A 980 11.57 5.82 -14.65
C LEU A 980 10.85 4.53 -14.27
N ASP A 981 9.61 4.66 -13.77
CA ASP A 981 8.87 3.48 -13.32
C ASP A 981 8.64 2.47 -14.43
N GLU A 982 8.41 2.92 -15.66
CA GLU A 982 8.18 1.96 -16.73
C GLU A 982 9.43 1.10 -16.94
N THR A 983 10.60 1.72 -16.83
CA THR A 983 11.83 0.95 -17.01
C THR A 983 12.06 0.00 -15.84
N ILE A 984 11.80 0.46 -14.61
CA ILE A 984 11.89 -0.43 -13.44
C ILE A 984 10.98 -1.64 -13.61
N ALA A 985 9.72 -1.40 -13.97
CA ALA A 985 8.76 -2.50 -14.10
C ALA A 985 9.22 -3.49 -15.17
N HIS A 986 9.62 -2.98 -16.32
CA HIS A 986 10.08 -3.82 -17.42
C HIS A 986 11.27 -4.67 -17.00
N VAL A 987 12.34 -4.01 -16.54
CA VAL A 987 13.59 -4.71 -16.29
C VAL A 987 13.44 -5.70 -15.14
N THR A 988 12.80 -5.30 -14.03
CA THR A 988 12.70 -6.22 -12.91
C THR A 988 11.76 -7.37 -13.20
N SER A 989 10.83 -7.21 -14.14
CA SER A 989 9.97 -8.33 -14.47
C SER A 989 10.64 -9.33 -15.42
N ARG A 990 11.69 -8.93 -16.12
CA ARG A 990 12.31 -9.79 -17.13
C ARG A 990 13.66 -10.34 -16.71
N ILE A 991 14.38 -9.65 -15.79
CA ILE A 991 15.63 -10.18 -15.29
C ILE A 991 15.37 -11.40 -14.41
N LYS A 992 16.30 -12.36 -14.46
CA LYS A 992 16.23 -13.59 -13.67
C LYS A 992 17.45 -13.66 -12.76
N ALA A 993 17.37 -13.04 -11.59
CA ALA A 993 18.47 -13.01 -10.64
C ALA A 993 17.90 -12.98 -9.24
N GLY A 994 18.70 -13.45 -8.28
CA GLY A 994 18.19 -13.60 -6.93
C GLY A 994 18.25 -12.35 -6.07
N ASN A 995 19.15 -11.42 -6.37
CA ASN A 995 19.32 -10.20 -5.57
C ASN A 995 19.32 -9.00 -6.49
N LEU A 996 18.25 -8.21 -6.46
CA LEU A 996 18.11 -7.03 -7.30
C LEU A 996 18.33 -5.78 -6.47
N TYR A 997 18.91 -4.76 -7.10
CA TYR A 997 19.24 -3.51 -6.44
C TYR A 997 18.89 -2.36 -7.37
N ILE A 998 18.09 -1.41 -6.88
CA ILE A 998 17.63 -0.30 -7.69
C ILE A 998 18.22 0.99 -7.11
N ASN A 999 19.01 1.70 -7.94
CA ASN A 999 19.58 3.02 -7.61
C ASN A 999 20.51 2.96 -6.39
N ARG A 1000 21.26 1.88 -6.27
CA ARG A 1000 22.28 1.71 -5.24
C ARG A 1000 23.32 0.72 -5.76
N ASN A 1001 24.34 0.47 -4.94
CA ASN A 1001 25.31 -0.55 -5.33
C ASN A 1001 24.68 -1.95 -5.21
N ILE A 1002 25.40 -2.96 -5.69
CA ILE A 1002 24.87 -4.31 -5.74
C ILE A 1002 25.61 -5.26 -4.79
N ILE A 1003 26.35 -4.72 -3.81
CA ILE A 1003 27.17 -5.54 -2.93
C ILE A 1003 26.74 -5.36 -1.48
N GLY A 1004 27.27 -6.23 -0.62
CA GLY A 1004 27.03 -6.08 0.80
C GLY A 1004 25.61 -6.39 1.23
N ALA A 1005 25.01 -7.44 0.66
CA ALA A 1005 23.73 -7.92 1.13
C ALA A 1005 23.76 -8.13 2.64
N VAL A 1006 22.66 -7.77 3.29
CA VAL A 1006 22.53 -7.78 4.75
C VAL A 1006 21.63 -8.94 5.16
N VAL A 1007 22.11 -9.73 6.13
CA VAL A 1007 21.36 -10.88 6.63
C VAL A 1007 19.96 -10.47 7.07
N GLY A 1008 18.94 -11.22 6.63
CA GLY A 1008 17.56 -10.96 7.02
C GLY A 1008 16.94 -9.71 6.43
N VAL A 1009 17.67 -8.99 5.59
CA VAL A 1009 17.20 -7.76 4.96
C VAL A 1009 17.26 -7.87 3.45
N GLN A 1010 18.41 -8.28 2.92
CA GLN A 1010 18.52 -8.82 1.56
C GLN A 1010 19.06 -10.24 1.68
N PRO A 1011 18.20 -11.20 2.02
CA PRO A 1011 18.62 -12.60 1.94
C PRO A 1011 19.32 -12.86 0.62
N PHE A 1012 20.45 -13.56 0.68
CA PHE A 1012 21.41 -13.56 -0.41
C PHE A 1012 21.49 -14.93 -1.08
N GLY A 1013 21.39 -14.94 -2.39
CA GLY A 1013 21.56 -16.18 -3.12
C GLY A 1013 20.83 -16.10 -4.44
N GLY A 1014 21.35 -16.80 -5.43
CA GLY A 1014 20.78 -16.72 -6.75
C GLY A 1014 20.36 -18.04 -7.35
N ARG A 1015 20.25 -18.06 -8.68
CA ARG A 1015 19.67 -19.18 -9.41
C ARG A 1015 20.60 -19.56 -10.54
N GLY A 1016 20.21 -20.60 -11.28
CA GLY A 1016 20.99 -21.01 -12.43
C GLY A 1016 22.39 -21.42 -12.01
N LEU A 1017 23.40 -20.93 -12.74
CA LEU A 1017 24.79 -21.26 -12.40
C LEU A 1017 25.24 -20.62 -11.10
N SER A 1018 24.39 -19.79 -10.48
CA SER A 1018 24.78 -19.08 -9.27
C SER A 1018 24.37 -19.80 -7.99
N GLY A 1019 23.57 -20.85 -8.07
CA GLY A 1019 23.28 -21.55 -6.84
C GLY A 1019 22.05 -22.41 -6.93
N THR A 1020 21.91 -23.25 -5.90
CA THR A 1020 20.75 -24.10 -5.69
C THR A 1020 19.69 -23.43 -4.82
N GLY A 1021 20.11 -22.47 -3.99
CA GLY A 1021 19.31 -22.07 -2.86
C GLY A 1021 19.22 -23.18 -1.83
N PRO A 1022 18.50 -22.94 -0.73
CA PRO A 1022 17.81 -21.68 -0.40
C PRO A 1022 18.81 -20.59 -0.01
N LYS A 1023 18.32 -19.36 0.09
CA LYS A 1023 19.17 -18.20 0.35
C LYS A 1023 19.75 -18.24 1.75
N ALA A 1024 21.06 -17.99 1.86
CA ALA A 1024 21.68 -17.70 3.14
C ALA A 1024 21.10 -16.41 3.71
N GLY A 1025 20.91 -16.39 5.03
CA GLY A 1025 20.34 -15.22 5.66
C GLY A 1025 18.90 -15.01 5.32
N GLY A 1026 18.20 -16.06 4.90
CA GLY A 1026 16.78 -16.00 4.61
C GLY A 1026 16.04 -17.08 5.35
N PRO A 1027 14.70 -17.05 5.26
CA PRO A 1027 13.86 -17.87 6.13
C PRO A 1027 13.67 -19.31 5.69
N LEU A 1028 14.08 -19.66 4.48
CA LEU A 1028 14.01 -21.05 4.02
C LEU A 1028 15.27 -21.85 4.31
N TYR A 1029 16.31 -21.20 4.85
CA TYR A 1029 17.62 -21.84 4.96
C TYR A 1029 17.62 -23.01 5.93
N LEU A 1030 17.16 -22.79 7.16
CA LEU A 1030 17.25 -23.85 8.16
C LEU A 1030 16.46 -25.08 7.74
N GLY A 1031 15.35 -24.88 7.03
CA GLY A 1031 14.49 -26.00 6.70
C GLY A 1031 15.14 -27.02 5.79
N ARG A 1032 16.17 -26.63 5.06
CA ARG A 1032 16.92 -27.56 4.22
C ARG A 1032 17.82 -28.47 5.03
N LEU A 1033 18.05 -28.15 6.30
CA LEU A 1033 19.03 -28.84 7.13
C LEU A 1033 18.38 -29.78 8.12
N VAL A 1034 17.10 -30.09 7.93
CA VAL A 1034 16.37 -31.04 8.75
C VAL A 1034 15.64 -31.97 7.81
N THR A 1035 15.17 -33.11 8.35
CA THR A 1035 14.53 -34.08 7.48
C THR A 1035 13.08 -33.73 7.17
N THR A 1036 12.40 -33.05 8.08
CA THR A 1036 11.06 -32.50 7.86
C THR A 1036 11.14 -30.99 8.04
N ALA A 1037 10.87 -30.24 6.97
CA ALA A 1037 11.08 -28.80 7.06
C ALA A 1037 9.93 -28.14 7.83
N PRO A 1038 10.25 -27.16 8.68
CA PRO A 1038 9.21 -26.40 9.38
C PRO A 1038 8.57 -25.37 8.45
N VAL A 1039 7.50 -24.77 8.94
CA VAL A 1039 6.88 -23.64 8.24
C VAL A 1039 7.62 -22.38 8.65
N PRO A 1040 8.30 -21.68 7.73
CA PRO A 1040 9.05 -20.48 8.12
C PRO A 1040 8.11 -19.38 8.58
N PRO A 1041 8.63 -18.41 9.35
CA PRO A 1041 7.82 -17.23 9.67
C PRO A 1041 7.34 -16.55 8.41
N GLN A 1042 6.08 -16.11 8.44
CA GLN A 1042 5.43 -15.32 7.40
C GLN A 1042 5.32 -16.06 6.06
N HIS A 1043 5.57 -17.37 6.05
CA HIS A 1043 5.65 -18.13 4.80
C HIS A 1043 4.27 -18.69 4.46
N SER A 1044 3.55 -17.97 3.59
CA SER A 1044 2.24 -18.39 3.10
C SER A 1044 1.87 -17.47 1.95
N SER A 1045 0.85 -17.87 1.18
CA SER A 1045 0.33 -17.04 0.10
C SER A 1045 -1.15 -17.30 -0.07
N VAL A 1046 -1.94 -16.23 -0.29
CA VAL A 1046 -3.36 -16.45 -0.56
C VAL A 1046 -3.64 -16.67 -2.03
N HIS A 1047 -2.62 -16.66 -2.88
CA HIS A 1047 -2.81 -16.81 -4.31
C HIS A 1047 -2.68 -18.26 -4.73
N THR A 1048 -3.54 -18.68 -5.65
CA THR A 1048 -3.55 -20.04 -6.15
C THR A 1048 -3.20 -20.02 -7.63
N ASP A 1049 -2.25 -20.83 -8.02
CA ASP A 1049 -1.85 -20.85 -9.42
C ASP A 1049 -3.04 -21.30 -10.28
N PRO A 1050 -3.38 -20.58 -11.34
CA PRO A 1050 -4.58 -20.94 -12.13
C PRO A 1050 -4.39 -22.19 -12.98
N VAL A 1051 -3.17 -22.51 -13.37
CA VAL A 1051 -2.97 -23.74 -14.14
C VAL A 1051 -3.09 -24.94 -13.21
N LEU A 1052 -2.58 -24.81 -11.98
CA LEU A 1052 -2.85 -25.83 -10.97
C LEU A 1052 -4.35 -26.08 -10.86
N LEU A 1053 -5.14 -25.00 -10.78
CA LEU A 1053 -6.59 -25.17 -10.64
C LEU A 1053 -7.19 -25.85 -11.87
N ASP A 1054 -6.73 -25.50 -13.08
CA ASP A 1054 -7.21 -26.17 -14.28
C ASP A 1054 -6.84 -27.64 -14.26
N PHE A 1055 -5.63 -27.96 -13.78
CA PHE A 1055 -5.21 -29.36 -13.71
C PHE A 1055 -6.05 -30.13 -12.70
N ALA A 1056 -6.34 -29.53 -11.55
CA ALA A 1056 -7.17 -30.21 -10.57
C ALA A 1056 -8.57 -30.50 -11.13
N LYS A 1057 -9.15 -29.55 -11.88
CA LYS A 1057 -10.45 -29.81 -12.52
C LYS A 1057 -10.35 -30.92 -13.55
N TRP A 1058 -9.26 -30.92 -14.32
CA TRP A 1058 -9.05 -31.98 -15.29
C TRP A 1058 -8.96 -33.34 -14.62
N LEU A 1059 -8.24 -33.42 -13.50
CA LEU A 1059 -8.16 -34.67 -12.74
C LEU A 1059 -9.53 -35.12 -12.29
N ASP A 1060 -10.34 -34.19 -11.75
CA ASP A 1060 -11.68 -34.54 -11.30
C ASP A 1060 -12.53 -35.05 -12.44
N GLY A 1061 -12.39 -34.45 -13.63
CA GLY A 1061 -13.10 -34.95 -14.80
C GLY A 1061 -12.69 -36.34 -15.23
N LYS A 1062 -11.40 -36.68 -15.04
CA LYS A 1062 -10.90 -38.01 -15.35
C LYS A 1062 -11.21 -39.04 -14.26
N GLY A 1063 -11.83 -38.62 -13.15
CA GLY A 1063 -12.13 -39.52 -12.06
C GLY A 1063 -11.03 -39.72 -11.06
N ALA A 1064 -9.91 -38.99 -11.20
CA ALA A 1064 -8.77 -39.09 -10.29
C ALA A 1064 -9.02 -38.19 -9.08
N ARG A 1065 -10.00 -38.60 -8.28
CA ARG A 1065 -10.53 -37.73 -7.24
C ARG A 1065 -9.51 -37.49 -6.13
N ALA A 1066 -8.80 -38.54 -5.71
CA ALA A 1066 -7.79 -38.35 -4.66
C ALA A 1066 -6.68 -37.42 -5.15
N GLU A 1067 -6.24 -37.59 -6.40
CA GLU A 1067 -5.17 -36.74 -6.93
C GLU A 1067 -5.64 -35.30 -7.10
N ALA A 1068 -6.91 -35.13 -7.48
CA ALA A 1068 -7.46 -33.78 -7.62
C ALA A 1068 -7.50 -33.07 -6.28
N GLU A 1069 -7.89 -33.79 -5.23
CA GLU A 1069 -7.84 -33.25 -3.87
C GLU A 1069 -6.41 -32.88 -3.47
N ALA A 1070 -5.45 -33.76 -3.75
CA ALA A 1070 -4.06 -33.44 -3.44
C ALA A 1070 -3.55 -32.26 -4.24
N ALA A 1071 -4.01 -32.11 -5.48
CA ALA A 1071 -3.64 -30.96 -6.28
C ALA A 1071 -4.18 -29.67 -5.67
N ARG A 1072 -5.45 -29.68 -5.24
CA ARG A 1072 -6.01 -28.49 -4.61
C ARG A 1072 -5.26 -28.17 -3.31
N ASN A 1073 -4.91 -29.20 -2.54
CA ASN A 1073 -4.14 -28.95 -1.33
C ASN A 1073 -2.78 -28.34 -1.63
N ALA A 1074 -2.13 -28.83 -2.69
CA ALA A 1074 -0.85 -28.24 -3.11
C ALA A 1074 -1.05 -26.78 -3.50
N GLY A 1075 -2.13 -26.48 -4.23
CA GLY A 1075 -2.40 -25.11 -4.61
C GLY A 1075 -2.52 -24.18 -3.41
N SER A 1076 -3.15 -24.66 -2.33
CA SER A 1076 -3.27 -23.87 -1.10
C SER A 1076 -1.96 -23.80 -0.34
N SER A 1077 -1.23 -24.93 -0.26
CA SER A 1077 -0.02 -24.98 0.54
C SER A 1077 1.13 -24.19 -0.08
N SER A 1078 1.13 -24.04 -1.40
CA SER A 1078 2.18 -23.30 -2.08
C SER A 1078 2.28 -21.89 -1.54
N ALA A 1079 3.50 -21.40 -1.36
CA ALA A 1079 3.70 -20.01 -1.00
C ALA A 1079 4.09 -19.15 -2.20
N LEU A 1080 3.91 -19.67 -3.42
CA LEU A 1080 4.08 -18.86 -4.62
C LEU A 1080 3.25 -17.58 -4.49
N GLY A 1081 3.89 -16.43 -4.73
CA GLY A 1081 3.18 -15.17 -4.63
C GLY A 1081 3.38 -14.44 -3.33
N LEU A 1082 4.04 -15.06 -2.35
CA LEU A 1082 4.46 -14.37 -1.15
C LEU A 1082 5.19 -13.09 -1.53
N ASP A 1083 4.85 -11.99 -0.85
CA ASP A 1083 5.39 -10.67 -1.22
C ASP A 1083 5.48 -9.84 0.05
N LEU A 1084 6.69 -9.75 0.62
CA LEU A 1084 6.90 -9.18 1.94
C LEU A 1084 7.87 -8.02 1.86
N GLU A 1085 7.73 -7.08 2.80
CA GLU A 1085 8.74 -6.07 3.03
C GLU A 1085 9.43 -6.38 4.35
N LEU A 1086 10.75 -6.48 4.31
CA LEU A 1086 11.57 -6.83 5.47
C LEU A 1086 12.04 -5.57 6.18
N PRO A 1087 12.05 -5.58 7.51
CA PRO A 1087 12.55 -4.40 8.24
C PRO A 1087 14.00 -4.12 7.94
N GLY A 1088 14.34 -2.84 7.82
CA GLY A 1088 15.70 -2.42 7.58
C GLY A 1088 15.86 -0.93 7.82
N PRO A 1089 16.90 -0.34 7.23
CA PRO A 1089 17.15 1.09 7.44
C PRO A 1089 16.11 1.97 6.74
N VAL A 1090 15.97 3.19 7.26
CA VAL A 1090 15.17 4.21 6.56
C VAL A 1090 15.79 4.51 5.19
N GLY A 1091 14.97 5.06 4.30
CA GLY A 1091 15.48 5.43 2.98
C GLY A 1091 15.73 4.25 2.06
N GLU A 1092 15.22 3.08 2.40
CA GLU A 1092 15.40 1.90 1.59
C GLU A 1092 14.16 1.04 1.77
N ARG A 1093 13.73 0.37 0.69
CA ARG A 1093 12.64 -0.59 0.74
C ARG A 1093 13.21 -1.95 0.35
N ASN A 1094 13.10 -2.92 1.24
CA ASN A 1094 13.69 -4.23 1.03
C ASN A 1094 12.59 -5.27 0.94
N LEU A 1095 12.47 -5.86 -0.25
CA LEU A 1095 11.35 -6.72 -0.61
C LEU A 1095 11.83 -8.15 -0.76
N TYR A 1096 10.97 -9.10 -0.40
CA TYR A 1096 11.28 -10.53 -0.48
C TYR A 1096 10.06 -11.21 -1.08
N THR A 1097 10.26 -11.93 -2.18
CA THR A 1097 9.14 -12.50 -2.93
C THR A 1097 9.46 -13.93 -3.36
N LEU A 1098 8.42 -14.76 -3.51
CA LEU A 1098 8.56 -16.14 -3.97
C LEU A 1098 7.93 -16.28 -5.35
N HIS A 1099 8.73 -16.76 -6.30
CA HIS A 1099 8.35 -16.91 -7.70
C HIS A 1099 8.47 -18.37 -8.12
N ALA A 1100 8.03 -18.67 -9.34
CA ALA A 1100 8.30 -19.99 -9.89
C ALA A 1100 9.80 -20.13 -10.17
N ARG A 1101 10.29 -21.37 -10.11
CA ARG A 1101 11.70 -21.64 -10.41
C ARG A 1101 11.96 -21.66 -11.90
N GLY A 1102 11.05 -22.19 -12.70
CA GLY A 1102 11.29 -22.30 -14.12
C GLY A 1102 10.69 -23.59 -14.64
N ARG A 1103 11.48 -24.40 -15.32
CA ARG A 1103 11.01 -25.68 -15.86
C ARG A 1103 11.58 -26.80 -14.99
N ILE A 1104 10.69 -27.60 -14.41
CA ILE A 1104 11.08 -28.69 -13.52
C ILE A 1104 11.09 -29.98 -14.32
N LEU A 1105 12.19 -30.74 -14.22
CA LEU A 1105 12.26 -32.08 -14.82
C LEU A 1105 11.47 -33.06 -13.95
N LEU A 1106 10.48 -33.73 -14.55
CA LEU A 1106 9.70 -34.74 -13.84
C LEU A 1106 10.13 -36.12 -14.32
N VAL A 1107 10.49 -36.98 -13.37
CA VAL A 1107 10.86 -38.35 -13.71
C VAL A 1107 9.93 -39.27 -12.95
N PRO A 1108 8.73 -39.51 -13.45
CA PRO A 1108 7.76 -40.34 -12.71
C PRO A 1108 7.98 -41.82 -13.01
N ALA A 1109 7.37 -42.65 -12.17
CA ALA A 1109 7.29 -44.08 -12.42
C ALA A 1109 5.86 -44.59 -12.60
N THR A 1110 4.88 -44.01 -11.92
CA THR A 1110 3.49 -44.44 -11.97
C THR A 1110 2.61 -43.26 -12.38
N GLU A 1111 1.41 -43.59 -12.84
CA GLU A 1111 0.45 -42.55 -13.21
C GLU A 1111 0.14 -41.63 -12.03
N SER A 1112 -0.17 -42.22 -10.87
CA SER A 1112 -0.45 -41.40 -9.69
C SER A 1112 0.77 -40.58 -9.30
N GLY A 1113 1.96 -41.16 -9.38
CA GLY A 1113 3.16 -40.38 -9.09
C GLY A 1113 3.30 -39.17 -10.00
N LEU A 1114 3.04 -39.36 -11.29
CA LEU A 1114 3.11 -38.24 -12.23
C LEU A 1114 2.11 -37.15 -11.86
N TYR A 1115 0.88 -37.52 -11.51
CA TYR A 1115 -0.12 -36.52 -11.15
C TYR A 1115 0.32 -35.75 -9.90
N HIS A 1116 0.88 -36.45 -8.90
CA HIS A 1116 1.36 -35.73 -7.71
C HIS A 1116 2.52 -34.82 -8.06
N GLN A 1117 3.45 -35.29 -8.91
CA GLN A 1117 4.58 -34.44 -9.31
C GLN A 1117 4.10 -33.21 -10.08
N LEU A 1118 3.17 -33.42 -11.02
CA LEU A 1118 2.65 -32.31 -11.81
C LEU A 1118 1.91 -31.33 -10.93
N ALA A 1119 1.13 -31.82 -9.97
CA ALA A 1119 0.43 -30.92 -9.05
C ALA A 1119 1.43 -30.07 -8.26
N ALA A 1120 2.49 -30.70 -7.74
CA ALA A 1120 3.49 -29.94 -6.99
C ALA A 1120 4.13 -28.86 -7.83
N ALA A 1121 4.50 -29.19 -9.06
CA ALA A 1121 5.19 -28.23 -9.92
C ALA A 1121 4.27 -27.10 -10.35
N LEU A 1122 3.03 -27.41 -10.72
CA LEU A 1122 2.12 -26.37 -11.20
C LEU A 1122 1.68 -25.47 -10.05
N ALA A 1123 1.48 -26.03 -8.85
CA ALA A 1123 1.08 -25.23 -7.69
C ALA A 1123 2.11 -24.18 -7.33
N THR A 1124 3.37 -24.38 -7.73
CA THR A 1124 4.45 -23.45 -7.48
C THR A 1124 4.81 -22.65 -8.72
N GLY A 1125 3.96 -22.68 -9.75
CA GLY A 1125 4.06 -21.76 -10.88
C GLY A 1125 4.96 -22.23 -12.01
N ASN A 1126 5.47 -23.45 -11.91
CA ASN A 1126 6.48 -23.94 -12.84
C ASN A 1126 5.86 -24.57 -14.07
N SER A 1127 6.67 -24.63 -15.13
CA SER A 1127 6.45 -25.53 -16.25
C SER A 1127 7.20 -26.82 -15.98
N VAL A 1128 6.96 -27.83 -16.81
CA VAL A 1128 7.58 -29.14 -16.59
C VAL A 1128 8.08 -29.72 -17.90
N ALA A 1129 9.13 -30.52 -17.81
CA ALA A 1129 9.52 -31.45 -18.86
C ALA A 1129 9.44 -32.85 -18.28
N ILE A 1130 8.60 -33.71 -18.86
CA ILE A 1130 8.34 -35.04 -18.32
C ILE A 1130 9.15 -36.06 -19.09
N ASP A 1131 9.80 -36.97 -18.36
CA ASP A 1131 10.60 -38.03 -18.97
C ASP A 1131 9.76 -38.91 -19.89
N ALA A 1132 10.02 -38.83 -21.19
CA ALA A 1132 9.26 -39.65 -22.14
C ALA A 1132 9.53 -41.14 -21.94
N ALA A 1133 10.69 -41.50 -21.39
CA ALA A 1133 10.99 -42.91 -21.16
C ALA A 1133 10.12 -43.53 -20.07
N SER A 1134 9.37 -42.72 -19.33
CA SER A 1134 8.41 -43.25 -18.36
C SER A 1134 7.29 -44.01 -19.02
N GLY A 1135 7.02 -43.76 -20.29
CA GLY A 1135 5.90 -44.39 -20.98
C GLY A 1135 4.54 -43.99 -20.47
N LEU A 1136 4.41 -42.86 -19.79
CA LEU A 1136 3.14 -42.46 -19.18
C LEU A 1136 2.39 -41.43 -20.01
N GLN A 1137 2.69 -41.33 -21.31
CA GLN A 1137 2.06 -40.30 -22.15
C GLN A 1137 0.54 -40.43 -22.16
N ALA A 1138 0.02 -41.66 -22.17
CA ALA A 1138 -1.43 -41.81 -22.21
C ALA A 1138 -2.11 -41.35 -20.93
N SER A 1139 -1.37 -41.11 -19.85
CA SER A 1139 -1.99 -40.63 -18.62
C SER A 1139 -2.37 -39.16 -18.69
N LEU A 1140 -1.89 -38.41 -19.68
CA LEU A 1140 -2.16 -36.98 -19.83
C LEU A 1140 -2.85 -36.69 -21.16
N LYS A 1141 -3.79 -37.54 -21.53
CA LYS A 1141 -4.57 -37.32 -22.75
C LYS A 1141 -5.59 -36.20 -22.52
N ASN A 1142 -5.70 -35.31 -23.51
CA ASN A 1142 -6.74 -34.28 -23.53
C ASN A 1142 -6.62 -33.31 -22.37
N LEU A 1143 -5.39 -32.85 -22.10
CA LEU A 1143 -5.19 -31.80 -21.13
C LEU A 1143 -5.83 -30.49 -21.60
N PRO A 1144 -6.36 -29.69 -20.69
CA PRO A 1144 -6.72 -28.31 -21.04
C PRO A 1144 -5.51 -27.60 -21.62
N GLN A 1145 -5.77 -26.68 -22.55
CA GLN A 1145 -4.66 -26.00 -23.21
C GLN A 1145 -3.79 -25.22 -22.23
N THR A 1146 -4.38 -24.65 -21.18
CA THR A 1146 -3.60 -23.90 -20.19
C THR A 1146 -2.54 -24.78 -19.55
N VAL A 1147 -2.90 -26.03 -19.25
CA VAL A 1147 -1.94 -26.96 -18.68
C VAL A 1147 -0.98 -27.46 -19.74
N GLY A 1148 -1.49 -27.75 -20.94
CA GLY A 1148 -0.62 -28.20 -22.01
C GLY A 1148 0.49 -27.21 -22.32
N LEU A 1149 0.18 -25.91 -22.25
CA LEU A 1149 1.20 -24.88 -22.46
C LEU A 1149 2.38 -25.05 -21.51
N ARG A 1150 2.14 -25.63 -20.34
CA ARG A 1150 3.17 -25.79 -19.32
C ARG A 1150 3.88 -27.14 -19.39
N VAL A 1151 3.43 -28.05 -20.26
CA VAL A 1151 3.89 -29.44 -20.25
C VAL A 1151 4.66 -29.70 -21.54
N SER A 1152 5.85 -30.29 -21.40
CA SER A 1152 6.58 -30.83 -22.52
C SER A 1152 7.07 -32.22 -22.15
N TRP A 1153 7.32 -33.04 -23.16
CA TRP A 1153 7.88 -34.37 -22.97
C TRP A 1153 9.31 -34.39 -23.49
N SER A 1154 10.21 -35.01 -22.71
CA SER A 1154 11.63 -34.97 -23.03
C SER A 1154 12.15 -36.40 -23.20
N LYS A 1155 12.64 -36.70 -24.40
CA LYS A 1155 13.42 -37.91 -24.61
C LYS A 1155 14.89 -37.69 -24.26
N ASP A 1156 15.42 -36.51 -24.55
CA ASP A 1156 16.83 -36.19 -24.34
C ASP A 1156 16.88 -35.04 -23.34
N TRP A 1157 17.05 -35.36 -22.06
CA TRP A 1157 16.97 -34.33 -21.02
C TRP A 1157 18.00 -33.24 -21.25
N ALA A 1158 19.21 -33.61 -21.69
CA ALA A 1158 20.27 -32.62 -21.85
C ALA A 1158 19.95 -31.62 -22.94
N ALA A 1159 19.11 -31.99 -23.91
CA ALA A 1159 18.78 -31.07 -25.00
C ALA A 1159 17.67 -30.09 -24.62
N ASP A 1160 16.89 -30.39 -23.59
CA ASP A 1160 15.70 -29.62 -23.27
C ASP A 1160 15.86 -28.74 -22.04
N GLY A 1161 17.06 -28.65 -21.48
CA GLY A 1161 17.32 -27.80 -20.34
C GLY A 1161 17.62 -26.38 -20.75
N PRO A 1162 18.06 -25.55 -19.80
CA PRO A 1162 18.29 -25.86 -18.39
C PRO A 1162 17.00 -26.01 -17.61
N PHE A 1163 17.01 -26.93 -16.66
CA PHE A 1163 15.94 -27.07 -15.70
C PHE A 1163 16.28 -26.30 -14.44
N ALA A 1164 15.28 -26.12 -13.59
CA ALA A 1164 15.43 -25.39 -12.35
C ALA A 1164 15.19 -26.28 -11.13
N GLY A 1165 15.06 -27.57 -11.34
CA GLY A 1165 14.82 -28.54 -10.28
C GLY A 1165 14.32 -29.83 -10.89
N ALA A 1166 14.15 -30.84 -10.04
CA ALA A 1166 13.67 -32.12 -10.53
C ALA A 1166 12.89 -32.85 -9.45
N LEU A 1167 11.90 -33.61 -9.89
CA LEU A 1167 11.10 -34.49 -9.04
C LEU A 1167 11.20 -35.89 -9.61
N VAL A 1168 11.56 -36.85 -8.75
CA VAL A 1168 11.84 -38.22 -9.17
C VAL A 1168 11.01 -39.18 -8.33
N GLU A 1169 10.44 -40.18 -8.98
CA GLU A 1169 9.73 -41.28 -8.32
C GLU A 1169 10.43 -42.58 -8.63
N GLY A 1170 10.71 -43.38 -7.59
CA GLY A 1170 11.23 -44.71 -7.81
C GLY A 1170 11.74 -45.33 -6.54
N ASP A 1171 12.19 -46.59 -6.67
CA ASP A 1171 12.87 -47.22 -5.56
C ASP A 1171 14.32 -46.69 -5.46
N ALA A 1172 15.06 -47.19 -4.47
CA ALA A 1172 16.38 -46.63 -4.20
C ALA A 1172 17.30 -46.73 -5.40
N GLU A 1173 17.33 -47.89 -6.07
CA GLU A 1173 18.21 -48.05 -7.23
C GLU A 1173 17.79 -47.14 -8.38
N ARG A 1174 16.48 -46.97 -8.59
CA ARG A 1174 15.99 -46.06 -9.62
C ARG A 1174 16.35 -44.63 -9.31
N ILE A 1175 16.20 -44.22 -8.04
CA ILE A 1175 16.55 -42.86 -7.64
C ILE A 1175 18.04 -42.61 -7.87
N ARG A 1176 18.89 -43.58 -7.52
CA ARG A 1176 20.33 -43.40 -7.68
C ARG A 1176 20.69 -43.24 -9.15
N ALA A 1177 20.07 -44.05 -10.01
CA ALA A 1177 20.36 -43.98 -11.44
C ALA A 1177 19.92 -42.66 -12.05
N VAL A 1178 18.72 -42.19 -11.69
CA VAL A 1178 18.24 -40.91 -12.19
C VAL A 1178 19.10 -39.77 -11.68
N ASN A 1179 19.50 -39.84 -10.41
CA ASN A 1179 20.32 -38.80 -9.81
C ASN A 1179 21.66 -38.69 -10.55
N LYS A 1180 22.25 -39.83 -10.96
CA LYS A 1180 23.47 -39.80 -11.75
C LYS A 1180 23.25 -39.16 -13.12
N ALA A 1181 22.14 -39.50 -13.78
CA ALA A 1181 21.83 -38.90 -15.07
C ALA A 1181 21.58 -37.41 -14.94
N ILE A 1182 20.91 -36.97 -13.86
CA ILE A 1182 20.66 -35.55 -13.69
C ILE A 1182 21.96 -34.80 -13.42
N ALA A 1183 22.86 -35.38 -12.62
CA ALA A 1183 24.12 -34.68 -12.36
C ALA A 1183 24.91 -34.46 -13.64
N ALA A 1184 24.73 -35.33 -14.64
CA ALA A 1184 25.45 -35.22 -15.90
C ALA A 1184 24.84 -34.22 -16.86
N LEU A 1185 23.69 -33.63 -16.53
CA LEU A 1185 23.14 -32.61 -17.41
C LEU A 1185 24.03 -31.37 -17.40
N PRO A 1186 24.24 -30.72 -18.54
CA PRO A 1186 25.06 -29.50 -18.55
C PRO A 1186 24.36 -28.36 -17.83
N GLY A 1187 25.17 -27.44 -17.30
CA GLY A 1187 24.64 -26.21 -16.76
C GLY A 1187 24.47 -26.22 -15.25
N PRO A 1188 23.31 -25.77 -14.79
CA PRO A 1188 23.13 -25.51 -13.35
C PRO A 1188 22.99 -26.79 -12.56
N LEU A 1189 23.41 -26.71 -11.30
CA LEU A 1189 23.09 -27.79 -10.36
C LEU A 1189 21.59 -27.79 -10.13
N LEU A 1190 20.97 -28.97 -10.13
CA LEU A 1190 19.54 -29.09 -9.94
C LEU A 1190 19.23 -29.56 -8.53
N LEU A 1191 18.31 -28.86 -7.87
CA LEU A 1191 17.78 -29.32 -6.60
C LEU A 1191 16.79 -30.44 -6.88
N VAL A 1192 17.19 -31.67 -6.55
CA VAL A 1192 16.44 -32.88 -6.84
C VAL A 1192 15.71 -33.33 -5.58
N GLN A 1193 14.43 -33.68 -5.72
CA GLN A 1193 13.65 -34.32 -4.68
C GLN A 1193 13.15 -35.66 -5.19
N ALA A 1194 13.30 -36.69 -4.36
CA ALA A 1194 12.93 -38.05 -4.75
C ALA A 1194 12.00 -38.65 -3.71
N ALA A 1195 11.16 -39.57 -4.16
CA ALA A 1195 10.25 -40.31 -3.28
C ALA A 1195 9.90 -41.63 -3.94
N SER A 1196 9.60 -42.62 -3.11
CA SER A 1196 9.05 -43.87 -3.62
C SER A 1196 7.57 -43.70 -3.92
N SER A 1197 7.02 -44.64 -4.70
CA SER A 1197 5.58 -44.63 -4.92
C SER A 1197 4.83 -44.72 -3.59
N GLY A 1198 5.33 -45.55 -2.67
CA GLY A 1198 4.66 -45.69 -1.38
C GLY A 1198 4.71 -44.41 -0.57
N GLU A 1199 5.84 -43.70 -0.64
CA GLU A 1199 5.96 -42.44 0.09
C GLU A 1199 5.01 -41.39 -0.48
N ILE A 1200 4.81 -41.39 -1.80
CA ILE A 1200 3.85 -40.46 -2.40
C ILE A 1200 2.45 -40.77 -1.89
N ALA A 1201 2.12 -42.05 -1.73
CA ALA A 1201 0.80 -42.43 -1.24
C ALA A 1201 0.60 -42.06 0.22
N ARG A 1202 1.66 -42.17 1.02
CA ARG A 1202 1.57 -41.96 2.48
C ARG A 1202 1.72 -40.50 2.89
N ASN A 1203 2.61 -39.77 2.23
CA ASN A 1203 3.03 -38.45 2.71
C ASN A 1203 2.63 -37.34 1.75
N PRO A 1204 1.66 -36.49 2.11
CA PRO A 1204 1.27 -35.38 1.22
C PRO A 1204 2.43 -34.45 0.89
N ASP A 1205 3.45 -34.39 1.75
CA ASP A 1205 4.62 -33.55 1.54
C ASP A 1205 5.83 -34.33 1.03
N ALA A 1206 5.60 -35.52 0.46
CA ALA A 1206 6.69 -36.29 -0.15
C ALA A 1206 7.60 -35.41 -1.01
N TYR A 1207 7.00 -34.53 -1.80
CA TYR A 1207 7.73 -33.47 -2.49
C TYR A 1207 7.44 -32.15 -1.80
N CYS A 1208 8.46 -31.50 -1.27
CA CYS A 1208 8.27 -30.30 -0.48
C CYS A 1208 8.18 -29.08 -1.38
N LEU A 1209 7.11 -28.30 -1.22
CA LEU A 1209 6.90 -27.15 -2.06
C LEU A 1209 7.89 -26.02 -1.76
N ASN A 1210 8.55 -26.06 -0.59
CA ASN A 1210 9.56 -25.06 -0.26
C ASN A 1210 10.63 -24.98 -1.33
N TRP A 1211 10.99 -26.11 -1.94
CA TRP A 1211 12.12 -26.17 -2.85
C TRP A 1211 11.71 -26.05 -4.32
N LEU A 1212 10.43 -25.80 -4.59
CA LEU A 1212 9.93 -25.63 -5.95
C LEU A 1212 9.60 -24.17 -6.27
N VAL A 1213 9.88 -23.24 -5.35
CA VAL A 1213 9.78 -21.82 -5.63
C VAL A 1213 11.17 -21.23 -5.56
N GLU A 1214 11.29 -20.03 -6.09
CA GLU A 1214 12.54 -19.30 -6.18
C GLU A 1214 12.40 -18.02 -5.37
N GLU A 1215 13.36 -17.78 -4.47
CA GLU A 1215 13.36 -16.57 -3.67
C GLU A 1215 13.99 -15.42 -4.45
N VAL A 1216 13.38 -14.24 -4.38
CA VAL A 1216 13.96 -13.04 -4.97
C VAL A 1216 13.97 -11.93 -3.94
N SER A 1217 15.13 -11.30 -3.75
CA SER A 1217 15.28 -10.14 -2.90
C SER A 1217 15.46 -8.91 -3.77
N ALA A 1218 14.79 -7.82 -3.40
CA ALA A 1218 14.96 -6.56 -4.13
C ALA A 1218 15.15 -5.44 -3.12
N SER A 1219 16.19 -4.64 -3.32
CA SER A 1219 16.50 -3.53 -2.43
C SER A 1219 16.47 -2.24 -3.26
N ILE A 1220 15.55 -1.34 -2.90
CA ILE A 1220 15.33 -0.09 -3.64
C ILE A 1220 15.76 1.08 -2.77
N ASN A 1221 16.70 1.87 -3.27
CA ASN A 1221 17.15 3.08 -2.57
C ASN A 1221 16.11 4.17 -2.79
N THR A 1222 15.26 4.39 -1.79
CA THR A 1222 14.18 5.37 -1.94
C THR A 1222 14.63 6.78 -1.60
N ALA A 1223 15.89 6.96 -1.20
CA ALA A 1223 16.45 8.29 -1.03
C ALA A 1223 17.20 8.76 -2.28
N ALA A 1224 17.13 8.00 -3.39
CA ALA A 1224 17.97 8.28 -4.54
C ALA A 1224 17.63 9.61 -5.21
N ALA A 1225 16.38 10.06 -5.11
CA ALA A 1225 16.02 11.34 -5.69
C ALA A 1225 16.56 12.53 -4.91
N GLY A 1226 17.24 12.29 -3.79
CA GLY A 1226 17.89 13.33 -3.02
C GLY A 1226 17.36 13.49 -1.61
N GLY A 1227 16.29 12.79 -1.25
CA GLY A 1227 15.71 12.93 0.07
C GLY A 1227 14.79 11.76 0.37
N ASN A 1228 14.38 11.70 1.64
CA ASN A 1228 13.53 10.64 2.16
C ASN A 1228 12.15 11.23 2.48
N ALA A 1229 11.15 10.91 1.65
CA ALA A 1229 9.82 11.49 1.82
C ALA A 1229 9.14 11.00 3.09
N SER A 1230 9.32 9.73 3.44
CA SER A 1230 8.67 9.18 4.64
C SER A 1230 9.20 9.85 5.90
N LEU A 1231 10.50 10.14 5.94
CA LEU A 1231 11.08 10.83 7.09
C LEU A 1231 10.75 12.32 7.11
N MET A 1232 10.33 12.90 5.99
CA MET A 1232 9.91 14.30 5.98
C MET A 1232 8.70 14.51 6.90
N ALA A 1233 7.92 13.46 7.12
CA ALA A 1233 6.87 13.47 8.14
C ALA A 1233 7.43 12.97 9.46
N ALA B 16 -60.75 3.76 -5.42
CA ALA B 16 -59.30 3.66 -5.30
C ALA B 16 -58.77 4.69 -4.32
N PRO B 17 -57.81 4.29 -3.48
CA PRO B 17 -57.19 5.25 -2.56
C PRO B 17 -56.52 6.38 -3.32
N ALA B 18 -56.70 7.60 -2.84
CA ALA B 18 -56.09 8.76 -3.47
C ALA B 18 -54.57 8.66 -3.35
N PRO B 19 -53.83 9.07 -4.37
CA PRO B 19 -52.36 8.92 -4.34
C PRO B 19 -51.75 9.65 -3.15
N PHE B 20 -50.91 8.92 -2.41
CA PHE B 20 -50.08 9.42 -1.31
C PHE B 20 -50.89 9.91 -0.12
N ALA B 21 -52.20 9.64 -0.10
CA ALA B 21 -53.03 10.05 1.03
C ALA B 21 -52.56 9.44 2.35
N ASP B 22 -51.96 8.25 2.32
CA ASP B 22 -51.45 7.63 3.53
C ASP B 22 -49.96 7.30 3.40
N PHE B 23 -49.16 8.25 2.90
CA PHE B 23 -47.78 7.92 2.55
C PHE B 23 -46.96 7.56 3.79
N ALA B 24 -46.90 8.48 4.76
CA ALA B 24 -46.10 8.23 5.96
C ALA B 24 -46.62 9.04 7.15
N PRO B 25 -47.85 8.82 7.59
CA PRO B 25 -48.37 9.58 8.72
C PRO B 25 -47.61 9.27 9.99
N PRO B 26 -47.25 10.29 10.78
CA PRO B 26 -46.51 10.05 12.02
C PRO B 26 -47.35 9.26 13.03
N VAL B 27 -46.65 8.59 13.95
CA VAL B 27 -47.34 7.86 15.01
C VAL B 27 -48.23 8.79 15.82
N ARG B 28 -47.77 10.02 16.06
CA ARG B 28 -48.54 10.99 16.83
C ARG B 28 -48.21 12.38 16.32
N PRO B 29 -49.09 13.36 16.55
CA PRO B 29 -48.72 14.74 16.23
C PRO B 29 -47.48 15.15 17.03
N GLN B 30 -46.56 15.82 16.34
CA GLN B 30 -45.26 16.15 16.91
C GLN B 30 -45.37 17.38 17.80
N SER B 31 -45.08 17.21 19.09
CA SER B 31 -45.10 18.30 20.06
C SER B 31 -43.98 19.30 19.77
N THR B 32 -44.02 20.43 20.47
CA THR B 32 -42.93 21.40 20.37
C THR B 32 -41.60 20.76 20.72
N LEU B 33 -41.56 19.97 21.79
CA LEU B 33 -40.32 19.32 22.20
C LEU B 33 -39.86 18.28 21.17
N ARG B 34 -40.80 17.51 20.59
CA ARG B 34 -40.38 16.54 19.57
C ARG B 34 -39.86 17.26 18.33
N ARG B 35 -40.48 18.38 17.97
CA ARG B 35 -40.01 19.12 16.81
C ARG B 35 -38.59 19.67 17.02
N ALA B 36 -38.26 20.06 18.25
CA ALA B 36 -36.92 20.57 18.50
C ALA B 36 -35.88 19.48 18.33
N ILE B 37 -36.22 18.24 18.70
CA ILE B 37 -35.34 17.10 18.43
C ILE B 37 -35.10 16.97 16.94
N THR B 38 -36.18 16.89 16.14
CA THR B 38 -36.03 16.63 14.72
C THR B 38 -35.24 17.74 14.05
N ALA B 39 -35.42 18.98 14.51
CA ALA B 39 -34.72 20.12 13.92
C ALA B 39 -33.21 20.02 14.09
N ALA B 40 -32.74 19.27 15.08
CA ALA B 40 -31.30 19.17 15.35
C ALA B 40 -30.65 17.98 14.65
N TYR B 41 -31.43 17.16 13.93
CA TYR B 41 -30.97 15.85 13.47
C TYR B 41 -29.61 15.95 12.76
N ARG B 42 -29.48 16.88 11.80
CA ARG B 42 -28.21 17.02 11.07
C ARG B 42 -27.69 18.43 11.11
N ARG B 43 -27.84 19.09 12.27
CA ARG B 43 -27.41 20.46 12.43
C ARG B 43 -25.90 20.58 12.23
N PRO B 44 -25.42 21.63 11.57
CA PRO B 44 -23.97 21.79 11.39
C PRO B 44 -23.23 21.77 12.71
N GLU B 45 -22.07 21.09 12.69
CA GLU B 45 -21.28 20.90 13.90
C GLU B 45 -20.89 22.23 14.53
N THR B 46 -20.63 23.26 13.71
CA THR B 46 -20.30 24.57 14.26
C THR B 46 -21.49 25.24 14.95
N GLU B 47 -22.72 24.87 14.63
CA GLU B 47 -23.87 25.37 15.36
C GLU B 47 -24.16 24.58 16.64
N CYS B 48 -23.81 23.29 16.65
CA CYS B 48 -24.11 22.46 17.83
C CYS B 48 -23.20 22.81 18.99
N LEU B 49 -21.93 23.10 18.73
CA LEU B 49 -20.95 23.10 19.81
C LEU B 49 -21.03 24.28 20.76
N PRO B 50 -21.26 25.52 20.31
CA PRO B 50 -21.17 26.66 21.25
C PRO B 50 -22.14 26.55 22.42
N PRO B 51 -23.42 26.18 22.22
CA PRO B 51 -24.27 25.99 23.40
C PRO B 51 -23.82 24.84 24.31
N LEU B 52 -23.20 23.80 23.74
CA LEU B 52 -22.69 22.71 24.58
C LEU B 52 -21.49 23.16 25.41
N VAL B 53 -20.57 23.90 24.79
CA VAL B 53 -19.43 24.47 25.52
C VAL B 53 -19.92 25.29 26.71
N GLU B 54 -20.91 26.16 26.47
CA GLU B 54 -21.42 27.01 27.55
C GLU B 54 -22.04 26.18 28.65
N ALA B 55 -22.81 25.14 28.28
CA ALA B 55 -23.43 24.29 29.30
C ALA B 55 -22.41 23.48 30.09
N ALA B 56 -21.31 23.09 29.46
CA ALA B 56 -20.32 22.25 30.12
C ALA B 56 -19.24 23.06 30.84
N THR B 57 -19.36 24.37 30.85
CA THR B 57 -18.35 25.22 31.50
C THR B 57 -18.43 25.08 33.01
N GLN B 58 -17.26 24.93 33.65
CA GLN B 58 -17.17 24.84 35.10
C GLN B 58 -16.09 25.78 35.61
N SER B 59 -16.24 26.22 36.86
CA SER B 59 -15.31 27.16 37.45
C SER B 59 -13.90 26.60 37.49
N LYS B 60 -12.92 27.50 37.68
CA LYS B 60 -11.53 27.06 37.78
C LYS B 60 -11.33 26.11 38.95
N GLU B 61 -12.00 26.38 40.07
CA GLU B 61 -11.86 25.53 41.24
C GLU B 61 -12.29 24.09 40.93
N ILE B 62 -13.50 23.95 40.37
CA ILE B 62 -14.01 22.62 40.05
C ILE B 62 -13.11 21.94 39.02
N ARG B 63 -12.68 22.67 37.99
CA ARG B 63 -11.81 22.10 36.97
C ARG B 63 -10.51 21.58 37.57
N ASP B 64 -9.86 22.39 38.42
CA ASP B 64 -8.66 21.94 39.11
C ASP B 64 -8.96 20.70 39.95
N ALA B 65 -10.04 20.73 40.73
CA ALA B 65 -10.42 19.58 41.54
C ALA B 65 -10.73 18.35 40.69
N ALA B 66 -11.21 18.56 39.46
CA ALA B 66 -11.52 17.41 38.60
C ALA B 66 -10.25 16.83 37.98
N ALA B 67 -9.29 17.68 37.60
CA ALA B 67 -8.05 17.18 37.02
C ALA B 67 -7.23 16.40 38.04
N SER B 68 -7.36 16.74 39.33
CA SER B 68 -6.66 15.98 40.36
C SER B 68 -7.36 14.65 40.60
N THR B 69 -8.69 14.67 40.74
CA THR B 69 -9.45 13.43 40.85
C THR B 69 -9.16 12.50 39.68
N ALA B 70 -9.16 13.06 38.46
CA ALA B 70 -8.84 12.27 37.28
C ALA B 70 -7.40 11.79 37.30
N ARG B 71 -6.48 12.59 37.82
CA ARG B 71 -5.09 12.16 37.90
C ARG B 71 -4.94 10.96 38.85
N LYS B 72 -5.59 11.01 40.01
CA LYS B 72 -5.54 9.90 40.95
C LYS B 72 -6.15 8.64 40.34
N LEU B 73 -7.24 8.79 39.57
CA LEU B 73 -7.89 7.62 38.97
C LEU B 73 -6.99 6.99 37.91
N ILE B 74 -6.34 7.81 37.07
CA ILE B 74 -5.50 7.26 36.01
C ILE B 74 -4.24 6.64 36.60
N GLU B 75 -3.62 7.29 37.59
CA GLU B 75 -2.46 6.72 38.23
C GLU B 75 -2.78 5.35 38.82
N ALA B 76 -3.86 5.26 39.59
CA ALA B 76 -4.29 3.97 40.11
C ALA B 76 -4.51 2.96 39.00
N LEU B 77 -5.12 3.39 37.88
CA LEU B 77 -5.36 2.47 36.77
C LEU B 77 -4.05 1.92 36.21
N ARG B 78 -3.08 2.80 35.97
CA ARG B 78 -1.81 2.38 35.38
C ARG B 78 -0.93 1.62 36.36
N GLY B 79 -1.29 1.60 37.65
CA GLY B 79 -0.55 0.83 38.63
C GLY B 79 -1.10 -0.55 38.93
N LYS B 80 -2.13 -1.00 38.24
CA LYS B 80 -2.75 -2.30 38.52
C LYS B 80 -2.19 -3.41 37.63
N GLY B 85 -4.04 -11.22 29.98
CA GLY B 85 -3.90 -12.65 30.08
C GLY B 85 -3.39 -13.28 28.80
N VAL B 86 -3.88 -12.78 27.67
CA VAL B 86 -3.36 -13.25 26.38
C VAL B 86 -1.97 -12.70 26.13
N GLU B 87 -1.68 -11.49 26.62
CA GLU B 87 -0.32 -10.96 26.52
C GLU B 87 0.68 -11.86 27.23
N GLY B 88 0.28 -12.42 28.38
CA GLY B 88 1.16 -13.33 29.09
C GLY B 88 1.36 -14.65 28.38
N LEU B 89 0.32 -15.14 27.68
CA LEU B 89 0.47 -16.37 26.91
C LEU B 89 1.39 -16.13 25.72
N VAL B 90 1.23 -14.99 25.04
CA VAL B 90 2.06 -14.68 23.89
C VAL B 90 3.52 -14.50 24.30
N GLN B 91 3.75 -13.91 25.48
CA GLN B 91 5.13 -13.75 25.95
C GLN B 91 5.73 -15.08 26.40
N GLU B 92 4.95 -15.89 27.13
CA GLU B 92 5.49 -17.13 27.68
C GLU B 92 5.92 -18.09 26.57
N TYR B 93 5.16 -18.15 25.47
CA TYR B 93 5.44 -19.07 24.39
C TYR B 93 6.03 -18.39 23.16
N SER B 94 6.39 -17.10 23.28
CA SER B 94 7.05 -16.34 22.24
C SER B 94 6.27 -16.41 20.93
N LEU B 95 4.97 -16.15 21.02
CA LEU B 95 4.09 -16.25 19.88
C LEU B 95 4.15 -14.98 19.05
N SER B 96 4.13 -15.15 17.74
CA SER B 96 3.82 -14.03 16.87
C SER B 96 2.35 -13.65 17.05
N SER B 97 1.98 -12.50 16.49
CA SER B 97 0.58 -12.10 16.54
C SER B 97 -0.32 -13.11 15.84
N GLN B 98 0.05 -13.51 14.62
CA GLN B 98 -0.76 -14.48 13.89
C GLN B 98 -0.81 -15.81 14.63
N GLU B 99 0.28 -16.20 15.28
CA GLU B 99 0.25 -17.44 16.06
C GLU B 99 -0.70 -17.31 17.23
N GLY B 100 -0.73 -16.15 17.88
CA GLY B 100 -1.68 -15.95 18.97
C GLY B 100 -3.12 -16.00 18.49
N VAL B 101 -3.40 -15.35 17.36
CA VAL B 101 -4.75 -15.37 16.79
C VAL B 101 -5.13 -16.80 16.41
N ALA B 102 -4.22 -17.51 15.75
CA ALA B 102 -4.50 -18.88 15.32
C ALA B 102 -4.75 -19.78 16.51
N LEU B 103 -3.99 -19.61 17.58
CA LEU B 103 -4.15 -20.46 18.76
C LEU B 103 -5.50 -20.22 19.41
N MET B 104 -5.96 -18.97 19.45
CA MET B 104 -7.25 -18.70 20.06
C MET B 104 -8.38 -19.24 19.19
N CYS B 105 -8.22 -19.19 17.87
CA CYS B 105 -9.20 -19.83 17.00
C CYS B 105 -9.27 -21.32 17.24
N LEU B 106 -8.11 -21.96 17.38
CA LEU B 106 -8.10 -23.40 17.68
C LEU B 106 -8.76 -23.66 19.02
N ALA B 107 -8.47 -22.82 20.02
CA ALA B 107 -9.06 -23.00 21.34
C ALA B 107 -10.56 -22.82 21.29
N GLU B 108 -11.04 -21.84 20.52
CA GLU B 108 -12.47 -21.64 20.35
C GLU B 108 -13.13 -22.89 19.79
N ALA B 109 -12.52 -23.50 18.76
CA ALA B 109 -13.09 -24.70 18.18
C ALA B 109 -13.07 -25.85 19.17
N LEU B 110 -12.00 -25.99 19.95
CA LEU B 110 -11.92 -27.07 20.92
C LEU B 110 -12.94 -26.92 22.04
N LEU B 111 -13.31 -25.68 22.37
CA LEU B 111 -14.31 -25.47 23.40
C LEU B 111 -15.74 -25.71 22.92
N ARG B 112 -15.93 -25.87 21.60
CA ARG B 112 -17.22 -26.33 21.11
C ARG B 112 -17.45 -27.82 21.41
N ILE B 113 -16.43 -28.52 21.90
CA ILE B 113 -16.58 -29.89 22.38
C ILE B 113 -16.97 -29.83 23.85
N PRO B 114 -18.19 -30.21 24.22
CA PRO B 114 -18.65 -29.94 25.60
C PRO B 114 -18.01 -30.82 26.66
N ASP B 115 -17.75 -32.09 26.35
CA ASP B 115 -17.21 -33.00 27.35
C ASP B 115 -15.71 -32.78 27.51
N THR B 116 -15.29 -32.44 28.73
CA THR B 116 -13.87 -32.18 28.99
C THR B 116 -13.00 -33.36 28.58
N ALA B 117 -13.41 -34.58 28.93
CA ALA B 117 -12.57 -35.75 28.64
C ALA B 117 -12.45 -35.99 27.13
N THR B 118 -13.51 -35.75 26.38
CA THR B 118 -13.44 -35.95 24.93
C THR B 118 -12.51 -34.93 24.29
N ARG B 119 -12.61 -33.67 24.71
CA ARG B 119 -11.76 -32.62 24.16
C ARG B 119 -10.31 -32.84 24.55
N ASP B 120 -10.03 -33.18 25.82
CA ASP B 120 -8.67 -33.45 26.25
C ASP B 120 -8.06 -34.60 25.47
N ALA B 121 -8.87 -35.57 25.04
CA ALA B 121 -8.34 -36.71 24.29
C ALA B 121 -8.02 -36.33 22.86
N LEU B 122 -8.89 -35.53 22.21
CA LEU B 122 -8.58 -35.06 20.87
C LEU B 122 -7.30 -34.25 20.85
N ILE B 123 -7.06 -33.46 21.90
CA ILE B 123 -5.83 -32.68 22.00
C ILE B 123 -4.61 -33.60 22.08
N ARG B 124 -4.64 -34.55 23.02
CA ARG B 124 -3.46 -35.37 23.28
C ARG B 124 -3.20 -36.37 22.17
N ASP B 125 -4.25 -36.89 21.53
CA ASP B 125 -4.10 -37.97 20.57
C ASP B 125 -4.21 -37.54 19.12
N LYS B 126 -4.63 -36.30 18.83
CA LYS B 126 -4.79 -35.89 17.45
C LYS B 126 -4.17 -34.52 17.15
N ILE B 127 -4.54 -33.50 17.94
CA ILE B 127 -4.15 -32.13 17.60
C ILE B 127 -2.67 -31.89 17.90
N ALA B 128 -2.21 -32.32 19.08
CA ALA B 128 -0.83 -32.07 19.47
C ALA B 128 0.18 -32.71 18.52
N ASP B 129 -0.24 -33.74 17.79
CA ASP B 129 0.59 -34.39 16.79
C ASP B 129 0.49 -33.72 15.42
N GLY B 130 -0.03 -32.49 15.36
CA GLY B 130 -0.07 -31.71 14.15
C GLY B 130 -1.32 -31.88 13.30
N ASN B 131 -1.96 -33.04 13.35
CA ASN B 131 -3.14 -33.30 12.53
C ASN B 131 -4.34 -32.51 13.03
N TRP B 132 -4.29 -31.18 12.90
CA TRP B 132 -5.39 -30.33 13.33
C TRP B 132 -6.40 -30.05 12.24
N LYS B 133 -6.00 -30.16 10.96
CA LYS B 133 -6.91 -29.80 9.88
C LYS B 133 -8.07 -30.78 9.78
N SER B 134 -7.77 -32.08 9.83
CA SER B 134 -8.81 -33.10 9.64
C SER B 134 -9.81 -33.10 10.79
N HIS B 135 -9.31 -33.27 12.03
CA HIS B 135 -10.17 -33.47 13.18
C HIS B 135 -11.00 -32.24 13.57
N LEU B 136 -10.74 -31.08 12.96
CA LEU B 136 -11.54 -29.88 13.22
C LEU B 136 -11.76 -29.10 11.93
N ARG B 140 -16.21 -26.17 8.05
CA ARG B 140 -16.11 -24.77 8.44
C ARG B 140 -14.68 -24.45 8.86
N SER B 141 -14.17 -23.32 8.36
CA SER B 141 -12.80 -22.93 8.68
C SER B 141 -12.63 -22.75 10.19
N LEU B 142 -11.47 -23.17 10.69
CA LEU B 142 -11.11 -22.87 12.06
C LEU B 142 -11.08 -21.38 12.33
N PHE B 143 -10.84 -20.56 11.29
CA PHE B 143 -10.53 -19.16 11.47
C PHE B 143 -11.70 -18.23 11.15
N VAL B 144 -12.93 -18.74 11.18
CA VAL B 144 -14.10 -17.92 10.85
C VAL B 144 -14.18 -16.67 11.71
N ASN B 145 -13.84 -16.78 13.01
CA ASN B 145 -13.92 -15.63 13.91
C ASN B 145 -12.56 -14.99 14.17
N ALA B 146 -11.61 -15.15 13.25
CA ALA B 146 -10.26 -14.67 13.52
C ALA B 146 -10.16 -13.15 13.59
N ALA B 147 -11.09 -12.41 12.98
CA ALA B 147 -11.06 -10.95 13.13
C ALA B 147 -11.30 -10.56 14.58
N THR B 148 -12.19 -11.28 15.27
CA THR B 148 -12.44 -11.00 16.67
C THR B 148 -11.22 -11.30 17.52
N TRP B 149 -10.62 -12.48 17.35
CA TRP B 149 -9.40 -12.78 18.09
C TRP B 149 -8.25 -11.87 17.67
N GLY B 150 -8.25 -11.43 16.42
CA GLY B 150 -7.27 -10.44 16.01
C GLY B 150 -7.37 -9.16 16.82
N LEU B 151 -8.60 -8.71 17.09
CA LEU B 151 -8.78 -7.57 17.98
C LEU B 151 -8.28 -7.89 19.39
N VAL B 152 -8.56 -9.09 19.88
CA VAL B 152 -8.11 -9.47 21.22
C VAL B 152 -6.59 -9.45 21.30
N VAL B 153 -5.92 -10.01 20.28
CA VAL B 153 -4.48 -10.25 20.36
C VAL B 153 -3.69 -8.98 20.03
N THR B 154 -4.06 -8.28 18.96
CA THR B 154 -3.26 -7.16 18.45
C THR B 154 -3.88 -5.80 18.72
N GLY B 155 -5.17 -5.73 19.03
CA GLY B 155 -5.86 -4.47 19.19
C GLY B 155 -6.30 -3.80 17.91
N LYS B 156 -6.06 -4.42 16.76
CA LYS B 156 -6.47 -3.87 15.47
C LYS B 156 -7.46 -4.82 14.82
N LEU B 157 -8.38 -4.25 14.04
CA LEU B 157 -9.42 -5.01 13.36
C LEU B 157 -9.12 -5.06 11.87
N THR B 158 -9.22 -6.25 11.28
CA THR B 158 -9.26 -6.39 9.83
C THR B 158 -10.62 -6.95 9.42
N SER B 159 -11.09 -6.55 8.24
CA SER B 159 -12.42 -6.95 7.81
C SER B 159 -12.46 -8.42 7.41
N THR B 160 -11.38 -8.93 6.84
CA THR B 160 -11.30 -10.33 6.45
C THR B 160 -10.01 -10.93 7.00
N VAL B 161 -9.89 -12.24 6.83
CA VAL B 161 -8.93 -13.06 7.55
C VAL B 161 -7.97 -13.68 6.54
N ASN B 162 -6.66 -13.58 6.81
CA ASN B 162 -5.69 -14.29 5.99
C ASN B 162 -5.57 -15.71 6.51
N ASP B 163 -6.42 -16.59 5.99
CA ASP B 163 -6.49 -17.96 6.47
C ASP B 163 -5.28 -18.80 6.07
N ARG B 164 -4.55 -18.42 5.01
CA ARG B 164 -3.31 -19.14 4.74
C ARG B 164 -2.23 -18.78 5.75
N SER B 165 -2.14 -17.50 6.12
CA SER B 165 -1.19 -17.08 7.15
C SER B 165 -1.53 -17.72 8.49
N LEU B 166 -2.81 -17.79 8.83
CA LEU B 166 -3.19 -18.39 10.10
C LEU B 166 -2.96 -19.89 10.10
N ALA B 167 -3.26 -20.57 8.99
CA ALA B 167 -3.00 -22.00 8.93
C ALA B 167 -1.50 -22.28 9.11
N ALA B 168 -0.65 -21.47 8.45
CA ALA B 168 0.80 -21.61 8.61
C ALA B 168 1.21 -21.36 10.05
N ALA B 169 0.63 -20.34 10.68
CA ALA B 169 1.01 -20.01 12.05
C ALA B 169 0.59 -21.11 13.02
N LEU B 170 -0.60 -21.68 12.83
CA LEU B 170 -1.03 -22.73 13.74
C LEU B 170 -0.16 -23.98 13.60
N THR B 171 0.14 -24.38 12.36
CA THR B 171 1.05 -25.48 12.14
C THR B 171 2.39 -25.23 12.81
N ARG B 172 2.91 -24.01 12.64
CA ARG B 172 4.20 -23.67 13.21
C ARG B 172 4.18 -23.78 14.73
N LEU B 173 3.16 -23.22 15.38
CA LEU B 173 3.20 -23.18 16.83
C LEU B 173 2.97 -24.57 17.43
N ILE B 174 2.13 -25.40 16.79
CA ILE B 174 1.91 -26.74 17.32
C ILE B 174 3.15 -27.61 17.11
N SER B 175 3.78 -27.51 15.93
CA SER B 175 4.98 -28.30 15.72
C SER B 175 6.12 -27.85 16.62
N ARG B 176 6.10 -26.60 17.07
CA ARG B 176 7.16 -26.08 17.93
C ARG B 176 6.91 -26.43 19.39
N CYS B 177 5.66 -26.34 19.85
CA CYS B 177 5.37 -26.37 21.28
C CYS B 177 4.35 -27.42 21.71
N GLY B 178 3.60 -28.03 20.80
CA GLY B 178 2.88 -29.24 21.14
C GLY B 178 1.70 -29.04 22.09
N GLU B 179 1.35 -30.12 22.79
CA GLU B 179 0.20 -30.12 23.69
C GLU B 179 0.22 -28.98 24.71
N PRO B 180 1.34 -28.67 25.39
CA PRO B 180 1.28 -27.62 26.42
C PRO B 180 0.79 -26.27 25.93
N VAL B 181 1.13 -25.84 24.71
CA VAL B 181 0.63 -24.54 24.28
C VAL B 181 -0.84 -24.64 23.91
N ILE B 182 -1.28 -25.79 23.38
CA ILE B 182 -2.70 -25.95 23.08
C ILE B 182 -3.51 -25.88 24.35
N ARG B 183 -3.03 -26.53 25.42
CA ARG B 183 -3.76 -26.54 26.68
C ARG B 183 -3.84 -25.14 27.29
N ARG B 184 -2.72 -24.40 27.28
CA ARG B 184 -2.75 -23.03 27.78
C ARG B 184 -3.71 -22.16 26.98
N GLY B 185 -3.76 -22.34 25.66
CA GLY B 185 -4.70 -21.59 24.85
C GLY B 185 -6.15 -21.92 25.18
N VAL B 186 -6.45 -23.23 25.34
CA VAL B 186 -7.80 -23.64 25.69
C VAL B 186 -8.23 -23.01 27.01
N ASP B 187 -7.36 -23.07 28.02
CA ASP B 187 -7.68 -22.49 29.33
C ASP B 187 -7.87 -20.99 29.23
N MET B 188 -7.05 -20.32 28.42
CA MET B 188 -7.15 -18.88 28.24
C MET B 188 -8.48 -18.50 27.59
N ALA B 189 -8.83 -19.18 26.51
CA ALA B 189 -10.09 -18.89 25.84
C ALA B 189 -11.28 -19.19 26.76
N MET B 190 -11.16 -20.23 27.58
CA MET B 190 -12.25 -20.55 28.49
C MET B 190 -12.49 -19.42 29.49
N ARG B 191 -11.42 -18.84 30.02
CA ARG B 191 -11.57 -17.75 30.98
C ARG B 191 -12.19 -16.53 30.32
N MET B 192 -11.68 -16.15 29.15
CA MET B 192 -12.15 -14.95 28.48
C MET B 192 -13.61 -15.08 28.07
N MET B 193 -13.96 -16.21 27.44
CA MET B 193 -15.31 -16.35 26.90
C MET B 193 -16.34 -16.69 27.98
N GLY B 194 -15.89 -17.15 29.15
CA GLY B 194 -16.82 -17.54 30.17
C GLY B 194 -16.90 -16.59 31.34
N GLU B 195 -15.88 -15.74 31.50
CA GLU B 195 -15.77 -14.93 32.72
C GLU B 195 -15.47 -13.47 32.45
N GLN B 196 -14.79 -13.16 31.34
CA GLN B 196 -14.42 -11.79 31.01
C GLN B 196 -15.36 -11.15 30.00
N PHE B 197 -15.63 -11.83 28.89
CA PHE B 197 -16.55 -11.31 27.88
C PHE B 197 -18.02 -11.39 28.32
N VAL B 198 -18.35 -12.36 29.18
CA VAL B 198 -19.69 -12.45 29.76
C VAL B 198 -19.54 -12.58 31.27
N THR B 199 -20.56 -12.14 31.99
CA THR B 199 -20.60 -12.42 33.43
C THR B 199 -20.96 -13.87 33.70
N GLY B 200 -21.62 -14.52 32.75
CA GLY B 200 -21.92 -15.93 32.88
C GLY B 200 -22.61 -16.43 31.62
N GLU B 201 -22.58 -17.75 31.46
CA GLU B 201 -23.19 -18.37 30.28
C GLU B 201 -24.71 -18.35 30.36
N THR B 202 -25.26 -18.46 31.56
CA THR B 202 -26.69 -18.40 31.80
C THR B 202 -26.97 -17.34 32.86
N ILE B 203 -28.22 -16.90 32.92
CA ILE B 203 -28.59 -15.89 33.90
C ILE B 203 -28.39 -16.41 35.32
N ARG B 204 -28.57 -17.73 35.53
CA ARG B 204 -28.31 -18.28 36.86
C ARG B 204 -26.84 -18.13 37.24
N GLU B 205 -25.93 -18.44 36.30
CA GLU B 205 -24.50 -18.31 36.57
C GLU B 205 -24.12 -16.84 36.77
N ALA B 206 -24.69 -15.95 35.96
CA ALA B 206 -24.36 -14.54 36.08
C ALA B 206 -24.83 -13.98 37.43
N LEU B 207 -26.03 -14.36 37.87
CA LEU B 207 -26.54 -13.87 39.15
C LEU B 207 -25.70 -14.37 40.31
N LYS B 208 -25.26 -15.63 40.25
CA LYS B 208 -24.42 -16.16 41.31
C LYS B 208 -23.09 -15.41 41.40
N ARG B 209 -22.49 -15.09 40.25
CA ARG B 209 -21.21 -14.40 40.25
C ARG B 209 -21.34 -12.91 40.57
N SER B 210 -22.56 -12.37 40.53
CA SER B 210 -22.74 -10.94 40.81
C SER B 210 -22.68 -10.63 42.30
N LYS B 211 -22.92 -11.61 43.17
CA LYS B 211 -22.99 -11.34 44.59
C LYS B 211 -21.69 -10.71 45.11
N GLU B 212 -20.55 -11.07 44.51
CA GLU B 212 -19.26 -10.61 45.01
C GLU B 212 -19.14 -9.09 44.95
N LEU B 213 -19.32 -8.52 43.75
CA LEU B 213 -19.18 -7.07 43.61
C LEU B 213 -20.39 -6.33 44.18
N GLU B 214 -21.55 -6.99 44.25
CA GLU B 214 -22.70 -6.36 44.90
C GLU B 214 -22.42 -6.12 46.38
N GLU B 215 -21.74 -7.06 47.04
CA GLU B 215 -21.37 -6.85 48.43
C GLU B 215 -20.40 -5.67 48.59
N LYS B 216 -19.69 -5.30 47.52
CA LYS B 216 -18.79 -4.16 47.54
C LYS B 216 -19.46 -2.84 47.20
N GLY B 217 -20.72 -2.85 46.76
CA GLY B 217 -21.43 -1.63 46.42
C GLY B 217 -21.80 -1.48 44.96
N PHE B 218 -21.41 -2.41 44.10
CA PHE B 218 -21.82 -2.39 42.71
C PHE B 218 -23.26 -2.89 42.57
N SER B 219 -23.88 -2.52 41.45
CA SER B 219 -25.16 -3.10 41.03
C SER B 219 -24.99 -3.63 39.61
N TYR B 220 -26.04 -4.23 39.06
CA TYR B 220 -25.94 -4.90 37.78
C TYR B 220 -27.12 -4.57 36.89
N SER B 221 -26.87 -4.61 35.58
CA SER B 221 -27.91 -4.60 34.57
C SER B 221 -27.53 -5.66 33.54
N TYR B 222 -28.38 -6.67 33.37
CA TYR B 222 -28.03 -7.83 32.55
C TYR B 222 -28.49 -7.64 31.11
N ASP B 223 -27.63 -8.07 30.20
CA ASP B 223 -27.84 -7.97 28.76
C ASP B 223 -27.85 -9.38 28.19
N MET B 224 -29.03 -9.87 27.80
CA MET B 224 -29.13 -11.20 27.21
C MET B 224 -28.73 -11.03 25.75
N LEU B 225 -27.51 -11.45 25.42
CA LEU B 225 -26.86 -11.08 24.16
C LEU B 225 -27.75 -11.30 22.94
N GLY B 226 -28.59 -10.31 22.63
CA GLY B 226 -29.53 -10.41 21.53
C GLY B 226 -29.90 -9.08 20.90
N GLU B 227 -30.01 -9.06 19.58
CA GLU B 227 -30.38 -7.86 18.84
C GLU B 227 -30.67 -8.24 17.40
N ALA B 228 -31.29 -7.30 16.69
CA ALA B 228 -31.52 -7.42 15.25
C ALA B 228 -32.14 -8.79 14.92
N ALA B 229 -33.38 -8.97 15.39
CA ALA B 229 -34.18 -10.09 14.91
C ALA B 229 -34.32 -10.01 13.40
N THR B 230 -34.07 -11.14 12.73
CA THR B 230 -34.26 -11.31 11.29
C THR B 230 -35.63 -11.87 10.93
N THR B 231 -36.17 -12.74 11.77
CA THR B 231 -37.43 -13.41 11.50
C THR B 231 -38.38 -13.23 12.69
N ALA B 232 -39.66 -13.52 12.45
CA ALA B 232 -40.62 -13.53 13.54
C ALA B 232 -40.21 -14.49 14.65
N ALA B 233 -39.67 -15.67 14.28
CA ALA B 233 -39.28 -16.65 15.28
C ALA B 233 -38.12 -16.14 16.14
N ASP B 234 -37.20 -15.37 15.55
CA ASP B 234 -36.12 -14.74 16.32
C ASP B 234 -36.70 -13.81 17.37
N ALA B 235 -37.61 -12.93 16.95
CA ALA B 235 -38.14 -11.93 17.86
C ALA B 235 -38.93 -12.58 18.98
N GLU B 236 -39.66 -13.64 18.65
CA GLU B 236 -40.41 -14.34 19.68
C GLU B 236 -39.47 -15.00 20.67
N ARG B 237 -38.38 -15.59 20.17
CA ARG B 237 -37.41 -16.23 21.06
C ARG B 237 -36.77 -15.21 21.98
N TYR B 238 -36.32 -14.08 21.43
CA TYR B 238 -35.69 -13.05 22.26
C TYR B 238 -36.66 -12.52 23.31
N TYR B 239 -37.94 -12.37 22.93
CA TYR B 239 -38.95 -11.98 23.91
C TYR B 239 -39.02 -12.96 25.06
N ARG B 240 -39.13 -14.26 24.74
CA ARG B 240 -39.20 -15.26 25.80
C ARG B 240 -37.93 -15.30 26.62
N ASP B 241 -36.77 -15.04 26.01
CA ASP B 241 -35.53 -15.04 26.77
C ASP B 241 -35.48 -13.87 27.75
N TYR B 242 -35.97 -12.69 27.33
CA TYR B 242 -36.08 -11.56 28.24
C TYR B 242 -37.07 -11.86 29.36
N GLU B 243 -38.23 -12.42 29.00
CA GLU B 243 -39.24 -12.77 30.01
C GLU B 243 -38.65 -13.71 31.05
N SER B 244 -37.96 -14.76 30.59
CA SER B 244 -37.34 -15.70 31.51
C SER B 244 -36.31 -15.02 32.39
N ALA B 245 -35.50 -14.14 31.80
CA ALA B 245 -34.46 -13.45 32.57
C ALA B 245 -35.06 -12.52 33.61
N ILE B 246 -36.14 -11.80 33.26
CA ILE B 246 -36.77 -10.91 34.22
C ILE B 246 -37.25 -11.68 35.44
N HIS B 247 -37.84 -12.86 35.24
CA HIS B 247 -38.25 -13.67 36.39
C HIS B 247 -37.05 -14.00 37.27
N ALA B 248 -35.93 -14.39 36.66
CA ALA B 248 -34.77 -14.77 37.45
C ALA B 248 -34.15 -13.56 38.14
N ILE B 249 -34.03 -12.44 37.42
CA ILE B 249 -33.45 -11.24 38.01
C ILE B 249 -34.36 -10.70 39.10
N GLY B 250 -35.67 -10.68 38.84
CA GLY B 250 -36.61 -10.19 39.83
C GLY B 250 -36.61 -10.99 41.12
N LYS B 251 -36.55 -12.33 41.00
CA LYS B 251 -36.49 -13.15 42.20
C LYS B 251 -35.18 -12.91 42.95
N ALA B 252 -34.07 -12.76 42.22
CA ALA B 252 -32.78 -12.48 42.85
C ALA B 252 -32.76 -11.10 43.50
N SER B 253 -33.39 -10.10 42.87
CA SER B 253 -33.48 -8.79 43.48
C SER B 253 -34.07 -8.85 44.88
N ALA B 254 -35.10 -9.68 45.07
CA ALA B 254 -35.68 -9.94 46.39
C ALA B 254 -36.08 -8.65 47.09
N GLY B 255 -36.65 -7.72 46.32
CA GLY B 255 -37.18 -6.50 46.89
C GLY B 255 -36.17 -5.41 47.18
N ARG B 256 -34.95 -5.52 46.65
CA ARG B 256 -33.94 -4.50 46.88
C ARG B 256 -34.23 -3.20 46.14
N GLY B 257 -35.19 -3.20 45.22
CA GLY B 257 -35.55 -1.98 44.51
C GLY B 257 -34.63 -1.69 43.34
N ILE B 258 -34.97 -0.62 42.63
CA ILE B 258 -34.34 -0.36 41.33
C ILE B 258 -32.93 0.22 41.44
N TYR B 259 -32.52 0.73 42.60
CA TYR B 259 -31.20 1.34 42.74
C TYR B 259 -30.15 0.37 43.27
N GLU B 260 -30.44 -0.31 44.38
CA GLU B 260 -29.52 -1.31 44.91
C GLU B 260 -29.59 -2.61 44.11
N GLY B 261 -30.79 -3.01 43.71
CA GLY B 261 -31.01 -4.28 43.07
C GLY B 261 -30.70 -4.26 41.59
N PRO B 262 -30.63 -5.45 41.00
CA PRO B 262 -30.26 -5.57 39.59
C PRO B 262 -31.41 -5.22 38.66
N GLY B 263 -31.05 -4.92 37.42
CA GLY B 263 -32.00 -4.65 36.37
C GLY B 263 -31.69 -5.42 35.09
N ILE B 264 -32.46 -5.15 34.03
CA ILE B 264 -32.25 -5.77 32.73
C ILE B 264 -32.20 -4.68 31.68
N SER B 265 -31.46 -4.94 30.60
CA SER B 265 -31.37 -4.07 29.43
C SER B 265 -31.84 -4.83 28.21
N ILE B 266 -32.60 -4.16 27.34
CA ILE B 266 -33.16 -4.78 26.16
C ILE B 266 -32.87 -3.89 24.96
N LYS B 267 -32.92 -4.51 23.77
CA LYS B 267 -32.83 -3.78 22.52
C LYS B 267 -34.15 -3.95 21.77
N LEU B 268 -34.76 -2.83 21.35
CA LEU B 268 -36.02 -2.95 20.61
C LEU B 268 -35.84 -3.72 19.31
N SER B 269 -34.67 -3.64 18.67
CA SER B 269 -34.44 -4.40 17.45
C SER B 269 -34.48 -5.91 17.67
N ALA B 270 -34.32 -6.37 18.91
CA ALA B 270 -34.46 -7.79 19.20
C ALA B 270 -35.90 -8.26 19.19
N LEU B 271 -36.85 -7.33 19.34
CA LEU B 271 -38.22 -7.68 19.63
C LEU B 271 -39.13 -7.62 18.42
N HIS B 272 -38.60 -7.21 17.26
CA HIS B 272 -39.40 -7.21 16.05
C HIS B 272 -38.46 -7.26 14.85
N PRO B 273 -38.77 -8.03 13.81
CA PRO B 273 -37.88 -8.09 12.65
C PRO B 273 -37.93 -6.85 11.75
N ARG B 274 -38.92 -5.97 11.92
CA ARG B 274 -39.02 -4.76 11.09
C ARG B 274 -39.08 -3.52 11.97
N TYR B 275 -38.09 -3.36 12.83
CA TYR B 275 -38.04 -2.21 13.74
C TYR B 275 -37.45 -1.03 12.96
N SER B 276 -38.33 -0.20 12.39
CA SER B 276 -37.88 0.92 11.58
C SER B 276 -39.02 1.90 11.39
N ARG B 277 -38.67 3.16 11.13
CA ARG B 277 -39.69 4.18 10.91
C ARG B 277 -40.61 3.81 9.75
N ALA B 278 -40.07 3.15 8.72
CA ALA B 278 -40.91 2.80 7.57
C ALA B 278 -42.03 1.83 7.96
N GLN B 279 -41.83 1.06 9.02
CA GLN B 279 -42.85 0.12 9.51
C GLN B 279 -43.39 0.55 10.88
N ALA B 280 -43.54 1.87 11.08
CA ALA B 280 -43.92 2.39 12.39
C ALA B 280 -45.25 1.81 12.87
N ALA B 281 -46.21 1.62 11.96
CA ALA B 281 -47.49 1.05 12.36
C ALA B 281 -47.32 -0.33 12.96
N ARG B 282 -46.52 -1.19 12.31
CA ARG B 282 -46.28 -2.52 12.84
C ARG B 282 -45.50 -2.45 14.16
N VAL B 283 -44.58 -1.48 14.27
CA VAL B 283 -43.82 -1.34 15.51
C VAL B 283 -44.75 -1.01 16.66
N MET B 284 -45.64 -0.04 16.48
CA MET B 284 -46.57 0.32 17.55
C MET B 284 -47.60 -0.78 17.81
N GLY B 285 -47.95 -1.55 16.79
CA GLY B 285 -48.98 -2.57 16.94
C GLY B 285 -48.48 -3.90 17.48
N GLU B 286 -47.23 -4.24 17.18
CA GLU B 286 -46.68 -5.56 17.48
C GLU B 286 -45.49 -5.53 18.43
N LEU B 287 -44.58 -4.55 18.27
CA LEU B 287 -43.43 -4.45 19.15
C LEU B 287 -43.82 -3.87 20.50
N LEU B 288 -44.53 -2.75 20.50
CA LEU B 288 -44.89 -2.08 21.75
C LEU B 288 -45.60 -3.00 22.75
N PRO B 289 -46.59 -3.81 22.37
CA PRO B 289 -47.20 -4.71 23.37
C PRO B 289 -46.20 -5.67 24.01
N ARG B 290 -45.17 -6.08 23.29
CA ARG B 290 -44.16 -6.95 23.89
C ARG B 290 -43.33 -6.21 24.92
N VAL B 291 -42.91 -4.97 24.62
CA VAL B 291 -42.17 -4.20 25.61
C VAL B 291 -43.04 -3.94 26.83
N LYS B 292 -44.33 -3.62 26.60
CA LYS B 292 -45.20 -3.35 27.75
C LYS B 292 -45.30 -4.58 28.65
N ALA B 293 -45.41 -5.77 28.04
CA ALA B 293 -45.49 -7.00 28.82
C ALA B 293 -44.23 -7.21 29.65
N LEU B 294 -43.06 -6.95 29.06
CA LEU B 294 -41.81 -7.07 29.81
C LEU B 294 -41.73 -6.03 30.91
N ALA B 295 -42.14 -4.79 30.61
CA ALA B 295 -42.12 -3.75 31.63
C ALA B 295 -43.08 -4.08 32.77
N LEU B 296 -44.22 -4.68 32.45
CA LEU B 296 -45.16 -5.05 33.51
C LEU B 296 -44.56 -6.09 34.45
N LEU B 297 -43.82 -7.06 33.90
CA LEU B 297 -43.12 -8.02 34.76
C LEU B 297 -42.04 -7.32 35.60
N ALA B 298 -41.27 -6.42 34.99
CA ALA B 298 -40.24 -5.71 35.73
C ALA B 298 -40.86 -4.90 36.86
N LYS B 299 -41.99 -4.25 36.59
CA LYS B 299 -42.67 -3.51 37.65
C LYS B 299 -43.07 -4.42 38.79
N ASN B 300 -43.59 -5.61 38.48
CA ASN B 300 -44.05 -6.52 39.52
C ASN B 300 -42.92 -6.94 40.44
N TYR B 301 -41.70 -7.05 39.91
CA TYR B 301 -40.55 -7.39 40.74
C TYR B 301 -39.83 -6.14 41.25
N ASP B 302 -40.27 -4.97 40.83
CA ASP B 302 -39.62 -3.68 41.10
C ASP B 302 -38.13 -3.71 40.76
N ILE B 303 -37.84 -4.05 39.50
CA ILE B 303 -36.50 -3.94 38.96
C ILE B 303 -36.52 -2.91 37.83
N GLY B 304 -35.32 -2.46 37.45
CA GLY B 304 -35.20 -1.57 36.32
C GLY B 304 -35.23 -2.34 35.00
N LEU B 305 -35.86 -1.73 34.01
CA LEU B 305 -35.83 -2.25 32.64
C LEU B 305 -35.42 -1.11 31.72
N ASN B 306 -34.26 -1.26 31.08
CA ASN B 306 -33.64 -0.19 30.31
C ASN B 306 -33.72 -0.47 28.82
N ILE B 307 -34.10 0.53 28.03
CA ILE B 307 -34.09 0.41 26.58
C ILE B 307 -32.76 0.94 26.05
N ASP B 308 -31.91 0.05 25.52
CA ASP B 308 -30.66 0.45 24.92
C ASP B 308 -30.89 1.29 23.68
N ALA B 309 -29.93 2.16 23.36
CA ALA B 309 -30.02 3.02 22.19
C ALA B 309 -29.22 2.42 21.03
N GLU B 310 -29.79 2.51 19.83
CA GLU B 310 -29.20 1.83 18.68
C GLU B 310 -28.85 2.85 17.59
N GLU B 311 -29.14 2.55 16.31
CA GLU B 311 -28.76 3.44 15.22
C GLU B 311 -29.53 4.77 15.30
N ALA B 312 -28.95 5.81 14.69
CA ALA B 312 -29.56 7.14 14.77
C ALA B 312 -30.96 7.18 14.16
N ASP B 313 -31.24 6.39 13.12
CA ASP B 313 -32.57 6.42 12.52
C ASP B 313 -33.61 5.65 13.32
N ARG B 314 -33.26 5.16 14.50
CA ARG B 314 -34.24 4.56 15.40
C ARG B 314 -34.49 5.41 16.64
N LEU B 315 -33.74 6.49 16.84
CA LEU B 315 -33.87 7.27 18.06
C LEU B 315 -35.29 7.79 18.23
N GLU B 316 -35.77 8.58 17.27
CA GLU B 316 -37.06 9.23 17.48
C GLU B 316 -38.20 8.21 17.52
N LEU B 317 -38.11 7.13 16.73
CA LEU B 317 -39.11 6.08 16.81
C LEU B 317 -39.21 5.51 18.22
N SER B 318 -38.06 5.28 18.87
CA SER B 318 -38.09 4.71 20.20
C SER B 318 -38.78 5.65 21.19
N LEU B 319 -38.73 6.97 20.96
CA LEU B 319 -39.41 7.91 21.83
C LEU B 319 -40.92 7.72 21.81
N ASP B 320 -41.49 7.29 20.67
CA ASP B 320 -42.92 7.03 20.65
C ASP B 320 -43.29 5.85 21.55
N LEU B 321 -42.40 4.87 21.70
CA LEU B 321 -42.68 3.78 22.63
C LEU B 321 -42.51 4.24 24.07
N LEU B 322 -41.46 5.01 24.35
CA LEU B 322 -41.24 5.54 25.69
C LEU B 322 -42.42 6.36 26.16
N GLU B 323 -42.99 7.18 25.27
CA GLU B 323 -44.16 7.98 25.62
C GLU B 323 -45.33 7.12 26.09
N VAL B 324 -45.65 6.06 25.32
CA VAL B 324 -46.79 5.22 25.66
C VAL B 324 -46.55 4.48 26.97
N LEU B 325 -45.33 3.97 27.18
CA LEU B 325 -45.04 3.25 28.42
C LEU B 325 -45.15 4.15 29.64
N CYS B 326 -44.68 5.39 29.53
CA CYS B 326 -44.72 6.30 30.67
C CYS B 326 -46.13 6.76 31.01
N LEU B 327 -47.06 6.72 30.05
CA LEU B 327 -48.45 7.08 30.27
C LEU B 327 -49.35 5.87 30.54
N ASP B 328 -48.79 4.67 30.55
CA ASP B 328 -49.57 3.45 30.76
C ASP B 328 -49.83 3.25 32.26
N GLY B 329 -51.10 3.31 32.66
CA GLY B 329 -51.46 3.19 34.06
C GLY B 329 -51.14 1.83 34.67
N ASP B 330 -51.01 0.78 33.86
CA ASP B 330 -50.62 -0.52 34.41
C ASP B 330 -49.27 -0.44 35.09
N LEU B 331 -48.41 0.48 34.65
CA LEU B 331 -47.08 0.66 35.21
C LEU B 331 -47.02 1.78 36.24
N SER B 332 -48.18 2.27 36.68
CA SER B 332 -48.22 3.42 37.58
C SER B 332 -47.43 3.16 38.86
N GLY B 333 -46.58 4.12 39.24
CA GLY B 333 -45.78 4.01 40.44
C GLY B 333 -44.40 3.41 40.26
N TRP B 334 -44.12 2.79 39.12
CA TRP B 334 -42.85 2.13 38.86
C TRP B 334 -41.85 3.12 38.28
N ASN B 335 -40.70 3.28 38.93
CA ASN B 335 -39.69 4.21 38.48
C ASN B 335 -38.50 3.50 37.82
N GLY B 336 -38.68 2.25 37.44
CA GLY B 336 -37.63 1.47 36.83
C GLY B 336 -37.49 1.57 35.33
N MET B 337 -38.36 2.29 34.63
CA MET B 337 -38.20 2.47 33.19
C MET B 337 -36.92 3.23 32.90
N GLY B 338 -36.04 2.64 32.10
CA GLY B 338 -34.77 3.24 31.76
C GLY B 338 -34.63 3.47 30.26
N PHE B 339 -33.85 4.48 29.90
CA PHE B 339 -33.74 4.88 28.51
C PHE B 339 -32.36 5.46 28.27
N VAL B 340 -31.68 4.96 27.24
CA VAL B 340 -30.32 5.41 26.90
C VAL B 340 -30.40 6.61 25.97
N VAL B 341 -29.54 7.60 26.20
CA VAL B 341 -29.31 8.68 25.24
C VAL B 341 -27.82 8.75 24.93
N GLN B 342 -27.50 8.99 23.66
CA GLN B 342 -26.14 8.93 23.13
C GLN B 342 -25.61 10.35 22.93
N ALA B 343 -24.57 10.70 23.70
CA ALA B 343 -24.03 12.05 23.66
C ALA B 343 -23.25 12.36 22.37
N TYR B 344 -22.86 11.34 21.59
CA TYR B 344 -22.27 11.67 20.29
C TYR B 344 -23.31 12.15 19.28
N GLY B 345 -24.58 12.14 19.65
CA GLY B 345 -25.64 12.54 18.73
C GLY B 345 -26.00 14.01 18.92
N LYS B 346 -26.23 14.68 17.79
CA LYS B 346 -26.55 16.10 17.82
C LYS B 346 -27.89 16.38 18.49
N ARG B 347 -28.77 15.40 18.57
CA ARG B 347 -30.07 15.66 19.17
C ARG B 347 -30.08 15.47 20.67
N CYS B 348 -28.98 14.98 21.25
CA CYS B 348 -28.97 14.51 22.64
C CYS B 348 -29.54 15.52 23.63
N PRO B 349 -29.12 16.79 23.67
CA PRO B 349 -29.72 17.69 24.68
C PRO B 349 -31.21 17.91 24.48
N PHE B 350 -31.68 17.89 23.23
CA PHE B 350 -33.10 18.09 22.96
C PHE B 350 -33.90 16.86 23.33
N VAL B 351 -33.33 15.66 23.11
CA VAL B 351 -33.94 14.42 23.60
C VAL B 351 -34.06 14.44 25.11
N LEU B 352 -33.01 14.91 25.80
CA LEU B 352 -33.08 15.00 27.26
C LEU B 352 -34.18 15.96 27.70
N ASP B 353 -34.31 17.12 27.02
CA ASP B 353 -35.42 18.02 27.30
C ASP B 353 -36.76 17.30 27.18
N PHE B 354 -36.93 16.50 26.13
CA PHE B 354 -38.16 15.76 25.93
C PHE B 354 -38.40 14.75 27.04
N ILE B 355 -37.35 14.02 27.45
CA ILE B 355 -37.49 12.99 28.48
C ILE B 355 -37.76 13.59 29.85
N ILE B 356 -37.05 14.68 30.18
CA ILE B 356 -37.27 15.33 31.47
C ILE B 356 -38.69 15.85 31.54
N ASP B 357 -39.20 16.40 30.45
CA ASP B 357 -40.58 16.86 30.43
C ASP B 357 -41.54 15.70 30.54
N LEU B 358 -41.28 14.59 29.83
CA LEU B 358 -42.13 13.41 29.92
C LEU B 358 -42.18 12.88 31.35
N ALA B 359 -41.03 12.87 32.04
CA ALA B 359 -41.02 12.41 33.41
C ALA B 359 -41.86 13.32 34.29
N ARG B 360 -41.73 14.63 34.11
CA ARG B 360 -42.48 15.58 34.92
C ARG B 360 -43.97 15.38 34.78
N ARG B 361 -44.46 15.26 33.53
CA ARG B 361 -45.90 15.23 33.34
C ARG B 361 -46.50 13.86 33.59
N SER B 362 -45.71 12.79 33.54
CA SER B 362 -46.22 11.44 33.74
C SER B 362 -46.08 10.94 35.17
N GLY B 363 -45.41 11.68 36.04
CA GLY B 363 -45.21 11.19 37.40
C GLY B 363 -44.33 9.96 37.45
N ARG B 364 -43.36 9.86 36.56
CA ARG B 364 -42.44 8.73 36.49
C ARG B 364 -41.03 9.28 36.60
N ARG B 365 -40.24 8.77 37.53
CA ARG B 365 -38.83 9.09 37.53
C ARG B 365 -38.15 8.17 36.53
N ILE B 366 -37.70 8.72 35.42
CA ILE B 366 -37.12 7.93 34.34
C ILE B 366 -35.63 7.78 34.59
N MET B 367 -35.13 6.55 34.48
CA MET B 367 -33.70 6.29 34.58
C MET B 367 -33.08 6.58 33.22
N VAL B 368 -32.10 7.47 33.18
CA VAL B 368 -31.53 7.91 31.91
C VAL B 368 -30.05 7.54 31.90
N ARG B 369 -29.69 6.58 31.03
CA ARG B 369 -28.30 6.21 30.88
C ARG B 369 -27.69 7.08 29.80
N LEU B 370 -26.72 7.92 30.18
CA LEU B 370 -25.98 8.75 29.24
C LEU B 370 -24.73 7.99 28.81
N VAL B 371 -24.67 7.64 27.53
CA VAL B 371 -23.51 7.02 26.92
C VAL B 371 -22.97 7.97 25.87
N LYS B 372 -21.78 7.66 25.36
CA LYS B 372 -21.29 8.43 24.23
C LYS B 372 -21.86 7.91 22.92
N GLY B 373 -21.75 6.61 22.66
CA GLY B 373 -22.42 6.02 21.50
C GLY B 373 -21.61 4.91 20.86
N ALA B 374 -22.25 3.82 20.46
CA ALA B 374 -21.54 2.62 20.03
C ALA B 374 -21.45 2.42 18.52
N TYR B 375 -22.07 3.30 17.70
CA TYR B 375 -22.23 3.03 16.27
C TYR B 375 -21.53 4.08 15.40
N TRP B 376 -20.47 4.72 15.91
CA TRP B 376 -19.94 5.92 15.24
C TRP B 376 -19.52 5.63 13.80
N ASP B 377 -18.69 4.60 13.59
CA ASP B 377 -18.18 4.34 12.23
C ASP B 377 -19.32 4.08 11.28
N ALA B 378 -20.32 3.34 11.73
CA ALA B 378 -21.45 3.02 10.87
C ALA B 378 -22.27 4.25 10.54
N GLU B 379 -22.39 5.19 11.49
CA GLU B 379 -23.17 6.39 11.22
C GLU B 379 -22.49 7.27 10.19
N ILE B 380 -21.15 7.34 10.23
CA ILE B 380 -20.43 8.11 9.20
C ILE B 380 -20.66 7.49 7.82
N LYS B 381 -20.47 6.17 7.73
CA LYS B 381 -20.65 5.50 6.44
C LYS B 381 -22.06 5.68 5.91
N ARG B 382 -23.07 5.51 6.78
CA ARG B 382 -24.46 5.56 6.33
C ARG B 382 -24.81 6.94 5.78
N ALA B 383 -24.43 7.99 6.50
CA ALA B 383 -24.76 9.34 6.03
C ALA B 383 -24.09 9.64 4.70
N GLN B 384 -22.85 9.17 4.52
CA GLN B 384 -22.17 9.35 3.24
C GLN B 384 -22.87 8.57 2.13
N LEU B 385 -23.20 7.30 2.37
CA LEU B 385 -23.90 6.51 1.36
C LEU B 385 -25.19 7.17 0.94
N ASP B 386 -25.93 7.72 1.91
CA ASP B 386 -27.25 8.24 1.64
C ASP B 386 -27.23 9.68 1.15
N GLY B 387 -26.06 10.30 1.05
CA GLY B 387 -25.97 11.66 0.55
C GLY B 387 -26.74 12.68 1.37
N LEU B 388 -26.76 12.52 2.69
CA LEU B 388 -27.59 13.39 3.51
C LEU B 388 -26.84 14.67 3.89
N ALA B 389 -27.58 15.62 4.48
CA ALA B 389 -27.06 16.98 4.61
C ALA B 389 -25.83 17.04 5.50
N ASP B 390 -25.77 16.19 6.50
CA ASP B 390 -24.68 16.21 7.47
C ASP B 390 -24.78 14.89 8.22
N PHE B 391 -23.88 14.68 9.15
CA PHE B 391 -23.94 13.52 10.01
C PHE B 391 -24.91 13.75 11.17
N PRO B 392 -25.50 12.68 11.70
CA PRO B 392 -26.30 12.80 12.93
C PRO B 392 -25.49 12.64 14.21
N VAL B 393 -24.17 12.53 14.08
CA VAL B 393 -23.24 12.41 15.20
C VAL B 393 -22.12 13.39 14.95
N PHE B 394 -21.37 13.70 16.02
CA PHE B 394 -20.19 14.54 15.87
C PHE B 394 -19.09 13.78 15.13
N THR B 395 -18.13 14.54 14.59
CA THR B 395 -17.02 13.96 13.85
C THR B 395 -15.67 14.13 14.54
N ARG B 396 -15.59 14.94 15.60
CA ARG B 396 -14.39 14.99 16.44
C ARG B 396 -14.73 14.40 17.79
N LYS B 397 -13.83 13.53 18.28
CA LYS B 397 -14.11 12.83 19.53
C LYS B 397 -14.25 13.81 20.70
N ILE B 398 -13.45 14.88 20.69
CA ILE B 398 -13.56 15.88 21.75
C ILE B 398 -14.94 16.54 21.76
N HIS B 399 -15.60 16.60 20.59
CA HIS B 399 -16.95 17.18 20.58
C HIS B 399 -17.94 16.30 21.32
N THR B 400 -17.83 14.97 21.15
CA THR B 400 -18.67 14.06 21.91
C THR B 400 -18.42 14.21 23.41
N ASP B 401 -17.16 14.40 23.80
CA ASP B 401 -16.83 14.55 25.21
C ASP B 401 -17.46 15.81 25.79
N VAL B 402 -17.41 16.93 25.04
CA VAL B 402 -18.06 18.15 25.50
C VAL B 402 -19.57 17.97 25.57
N SER B 403 -20.15 17.33 24.56
CA SER B 403 -21.58 17.06 24.57
C SER B 403 -21.99 16.23 25.78
N TYR B 404 -21.19 15.21 26.11
CA TYR B 404 -21.48 14.38 27.28
C TYR B 404 -21.53 15.20 28.56
N ILE B 405 -20.53 16.05 28.76
CA ILE B 405 -20.45 16.86 29.98
C ILE B 405 -21.58 17.88 30.04
N ALA B 406 -21.92 18.47 28.90
CA ALA B 406 -23.06 19.39 28.86
C ALA B 406 -24.36 18.68 29.20
N CYS B 407 -24.55 17.48 28.64
CA CYS B 407 -25.78 16.74 28.91
C CYS B 407 -25.81 16.23 30.34
N ALA B 408 -24.64 15.93 30.90
CA ALA B 408 -24.56 15.57 32.30
C ALA B 408 -25.00 16.73 33.19
N ALA B 409 -24.64 17.96 32.83
CA ALA B 409 -25.08 19.12 33.61
C ALA B 409 -26.60 19.25 33.58
N LYS B 410 -27.21 18.99 32.43
CA LYS B 410 -28.67 19.05 32.32
C LYS B 410 -29.32 17.99 33.19
N LEU B 411 -28.79 16.76 33.15
CA LEU B 411 -29.38 15.67 33.93
C LEU B 411 -29.30 15.94 35.43
N LEU B 412 -28.14 16.40 35.90
CA LEU B 412 -27.96 16.69 37.31
C LEU B 412 -28.88 17.78 37.83
N ALA B 413 -29.44 18.61 36.96
CA ALA B 413 -30.36 19.66 37.39
C ALA B 413 -31.81 19.18 37.41
N ALA B 414 -32.08 17.92 37.08
CA ALA B 414 -33.44 17.41 37.01
C ALA B 414 -33.59 16.10 37.78
N THR B 415 -32.74 15.88 38.79
CA THR B 415 -32.73 14.62 39.52
C THR B 415 -34.02 14.36 40.30
N ASP B 416 -34.93 15.33 40.39
CA ASP B 416 -36.21 15.07 41.03
C ASP B 416 -37.12 14.22 40.14
N VAL B 417 -36.97 14.32 38.82
CA VAL B 417 -37.79 13.54 37.90
C VAL B 417 -36.98 12.62 37.00
N VAL B 418 -35.64 12.67 37.02
CA VAL B 418 -34.87 11.65 36.31
C VAL B 418 -33.74 11.15 37.19
N PHE B 419 -33.37 9.88 36.97
CA PHE B 419 -32.25 9.24 37.65
C PHE B 419 -31.07 9.10 36.68
N PRO B 420 -30.08 9.99 36.74
CA PRO B 420 -29.00 9.96 35.75
C PRO B 420 -28.04 8.80 35.99
N GLN B 421 -27.63 8.17 34.91
CA GLN B 421 -26.73 7.01 34.97
C GLN B 421 -25.60 7.28 33.99
N PHE B 422 -24.41 7.59 34.50
CA PHE B 422 -23.31 8.06 33.66
C PHE B 422 -22.43 6.89 33.28
N ALA B 423 -22.64 6.37 32.07
CA ALA B 423 -21.93 5.21 31.56
C ALA B 423 -20.71 5.65 30.76
N THR B 424 -19.51 5.47 31.34
CA THR B 424 -18.27 5.83 30.67
C THR B 424 -17.11 5.13 31.36
N HIS B 425 -16.07 4.83 30.59
CA HIS B 425 -14.82 4.30 31.12
C HIS B 425 -13.73 5.34 31.13
N ASN B 426 -14.07 6.59 30.83
CA ASN B 426 -13.12 7.68 30.68
C ASN B 426 -12.95 8.37 32.02
N ALA B 427 -11.74 8.31 32.59
CA ALA B 427 -11.50 8.86 33.92
C ALA B 427 -11.64 10.38 33.94
N GLN B 428 -11.28 11.05 32.84
CA GLN B 428 -11.48 12.49 32.75
C GLN B 428 -12.97 12.84 32.78
N THR B 429 -13.77 12.17 31.94
CA THR B 429 -15.22 12.36 31.98
C THR B 429 -15.78 12.11 33.37
N LEU B 430 -15.40 10.97 33.98
CA LEU B 430 -15.93 10.61 35.29
C LEU B 430 -15.63 11.70 36.32
N ALA B 431 -14.38 12.18 36.34
CA ALA B 431 -13.98 13.16 37.35
C ALA B 431 -14.74 14.47 37.19
N ALA B 432 -14.97 14.90 35.94
CA ALA B 432 -15.68 16.15 35.70
C ALA B 432 -17.10 16.10 36.24
N ILE B 433 -17.77 14.95 36.07
CA ILE B 433 -19.14 14.83 36.56
C ILE B 433 -19.19 14.60 38.06
N TYR B 434 -18.20 13.89 38.60
CA TYR B 434 -18.13 13.68 40.04
C TYR B 434 -18.10 15.02 40.78
N HIS B 435 -17.25 15.94 40.31
CA HIS B 435 -17.18 17.24 40.96
C HIS B 435 -18.35 18.15 40.56
N MET B 436 -18.85 18.02 39.33
CA MET B 436 -20.01 18.79 38.92
C MET B 436 -21.23 18.49 39.78
N ALA B 437 -21.34 17.26 40.30
CA ALA B 437 -22.53 16.85 41.04
C ALA B 437 -22.62 17.50 42.42
N GLY B 438 -21.49 17.91 43.00
CA GLY B 438 -21.52 18.50 44.32
C GLY B 438 -21.25 17.49 45.42
N LYS B 439 -21.41 17.96 46.65
CA LYS B 439 -21.08 17.15 47.82
C LYS B 439 -22.27 16.38 48.36
N ASP B 440 -23.50 16.81 48.10
CA ASP B 440 -24.68 16.15 48.64
C ASP B 440 -25.02 14.95 47.77
N PHE B 441 -24.80 13.75 48.29
CA PHE B 441 -24.99 12.52 47.52
C PHE B 441 -25.77 11.51 48.35
N HIS B 442 -26.91 11.05 47.81
CA HIS B 442 -27.67 9.94 48.38
C HIS B 442 -27.86 8.90 47.29
N VAL B 443 -27.84 7.62 47.69
CA VAL B 443 -28.11 6.56 46.74
C VAL B 443 -29.51 6.77 46.16
N GLY B 444 -29.59 6.79 44.83
CA GLY B 444 -30.81 7.15 44.16
C GLY B 444 -30.80 8.54 43.55
N LYS B 445 -29.76 9.33 43.83
CA LYS B 445 -29.58 10.62 43.17
C LYS B 445 -29.07 10.42 41.75
N TYR B 446 -27.92 9.75 41.60
CA TYR B 446 -27.38 9.36 40.31
C TYR B 446 -26.42 8.20 40.55
N GLU B 447 -25.96 7.60 39.45
CA GLU B 447 -24.96 6.53 39.55
C GLU B 447 -24.05 6.59 38.32
N PHE B 448 -22.93 5.89 38.41
CA PHE B 448 -22.09 5.60 37.27
C PHE B 448 -22.40 4.22 36.73
N GLN B 449 -21.93 3.93 35.51
CA GLN B 449 -22.10 2.62 34.90
C GLN B 449 -20.86 2.25 34.10
N CYS B 450 -20.62 0.95 33.97
CA CYS B 450 -19.47 0.45 33.23
C CYS B 450 -19.81 -0.92 32.65
N LEU B 451 -18.97 -1.37 31.73
CA LEU B 451 -19.11 -2.69 31.12
C LEU B 451 -18.38 -3.73 31.96
N HIS B 452 -18.97 -4.91 32.05
CA HIS B 452 -18.34 -6.02 32.75
C HIS B 452 -16.98 -6.33 32.13
N GLY B 453 -16.00 -6.62 32.98
CA GLY B 453 -14.70 -7.05 32.50
C GLY B 453 -13.89 -6.00 31.77
N MET B 454 -14.33 -4.75 31.80
CA MET B 454 -13.54 -3.65 31.25
C MET B 454 -13.54 -2.42 32.13
N GLY B 455 -14.59 -2.17 32.92
CA GLY B 455 -14.68 -0.96 33.69
C GLY B 455 -14.34 -1.14 35.16
N GLU B 456 -14.38 -2.38 35.66
CA GLU B 456 -14.16 -2.59 37.09
C GLU B 456 -12.82 -2.05 37.59
N PRO B 457 -11.70 -2.18 36.85
CA PRO B 457 -10.47 -1.49 37.31
C PRO B 457 -10.68 -0.02 37.67
N LEU B 458 -11.40 0.73 36.84
CA LEU B 458 -11.63 2.14 37.14
C LEU B 458 -12.59 2.29 38.31
N TYR B 459 -13.71 1.55 38.29
CA TYR B 459 -14.73 1.79 39.29
C TYR B 459 -14.43 1.10 40.62
N GLU B 460 -13.45 0.20 40.66
CA GLU B 460 -12.91 -0.22 41.95
C GLU B 460 -12.33 0.98 42.71
N GLU B 461 -12.08 2.09 42.02
CA GLU B 461 -11.61 3.34 42.61
C GLU B 461 -12.73 4.34 42.86
N VAL B 462 -13.99 3.93 42.77
CA VAL B 462 -15.12 4.87 42.84
C VAL B 462 -16.11 4.43 43.91
N VAL B 463 -16.46 3.15 43.94
CA VAL B 463 -17.52 2.66 44.81
C VAL B 463 -17.01 2.49 46.23
N GLY B 464 -17.85 2.82 47.20
CA GLY B 464 -17.59 2.58 48.60
C GLY B 464 -17.11 3.82 49.33
N ARG B 465 -17.33 3.83 50.66
CA ARG B 465 -16.91 4.95 51.48
C ARG B 465 -15.39 5.17 51.43
N GLY B 466 -14.63 4.10 51.16
CA GLY B 466 -13.19 4.23 51.06
C GLY B 466 -12.69 4.91 49.81
N LYS B 467 -13.56 5.10 48.81
CA LYS B 467 -13.15 5.73 47.55
C LYS B 467 -13.86 7.06 47.35
N LEU B 468 -14.73 7.12 46.33
CA LEU B 468 -15.53 8.31 46.08
C LEU B 468 -16.95 8.17 46.62
N ASP B 469 -17.30 7.00 47.16
CA ASP B 469 -18.63 6.76 47.73
C ASP B 469 -19.72 6.96 46.68
N ARG B 470 -19.44 6.52 45.45
CA ARG B 470 -20.37 6.64 44.35
C ARG B 470 -20.64 5.26 43.75
N PRO B 471 -21.89 4.88 43.55
CA PRO B 471 -22.19 3.55 43.02
C PRO B 471 -21.91 3.43 41.53
N CYS B 472 -21.77 2.18 41.09
CA CYS B 472 -21.57 1.85 39.68
C CYS B 472 -22.40 0.62 39.36
N ARG B 473 -23.18 0.71 38.28
CA ARG B 473 -23.95 -0.41 37.78
C ARG B 473 -23.21 -1.05 36.62
N ILE B 474 -22.93 -2.34 36.74
CA ILE B 474 -22.19 -3.09 35.74
C ILE B 474 -23.15 -3.63 34.68
N TYR B 475 -22.90 -3.28 33.43
CA TYR B 475 -23.63 -3.83 32.29
C TYR B 475 -23.04 -5.19 31.98
N ALA B 476 -23.82 -6.25 32.21
CA ALA B 476 -23.29 -7.61 32.28
C ALA B 476 -23.84 -8.49 31.17
N PRO B 477 -23.06 -8.82 30.14
CA PRO B 477 -23.55 -9.72 29.11
C PRO B 477 -23.72 -11.14 29.65
N VAL B 478 -24.74 -11.81 29.14
CA VAL B 478 -25.07 -13.17 29.53
C VAL B 478 -25.34 -13.96 28.27
N GLY B 479 -24.59 -15.04 28.06
CA GLY B 479 -24.80 -15.84 26.88
C GLY B 479 -23.69 -16.84 26.69
N THR B 480 -23.92 -17.75 25.75
CA THR B 480 -22.94 -18.78 25.41
C THR B 480 -21.88 -18.20 24.47
N HIS B 481 -20.89 -19.04 24.14
CA HIS B 481 -19.79 -18.60 23.29
C HIS B 481 -20.28 -18.14 21.92
N GLU B 482 -21.16 -18.94 21.30
CA GLU B 482 -21.62 -18.62 19.94
C GLU B 482 -22.33 -17.29 19.90
N THR B 483 -23.27 -17.06 20.82
CA THR B 483 -23.95 -15.78 20.89
C THR B 483 -22.96 -14.66 21.21
N LEU B 484 -21.97 -14.96 22.04
CA LEU B 484 -21.03 -13.95 22.50
C LEU B 484 -20.20 -13.38 21.35
N LEU B 485 -19.61 -14.25 20.54
CA LEU B 485 -18.72 -13.79 19.47
C LEU B 485 -19.44 -13.01 18.37
N ALA B 486 -20.77 -13.13 18.28
CA ALA B 486 -21.50 -12.48 17.20
C ALA B 486 -21.42 -10.96 17.28
N TYR B 487 -21.38 -10.40 18.50
CA TYR B 487 -21.41 -8.95 18.69
C TYR B 487 -20.16 -8.45 19.42
N LEU B 488 -19.11 -9.25 19.50
CA LEU B 488 -17.97 -8.86 20.32
C LEU B 488 -17.13 -7.76 19.67
N VAL B 489 -17.13 -7.67 18.34
CA VAL B 489 -16.27 -6.71 17.65
C VAL B 489 -16.65 -5.28 18.00
N ARG B 490 -17.96 -4.96 17.93
CA ARG B 490 -18.39 -3.61 18.26
C ARG B 490 -18.03 -3.22 19.70
N ARG B 491 -18.04 -4.20 20.61
CA ARG B 491 -17.69 -3.92 22.01
C ARG B 491 -16.19 -3.64 22.15
N LEU B 492 -15.35 -4.36 21.42
CA LEU B 492 -13.90 -4.18 21.51
C LEU B 492 -13.41 -2.99 20.69
N LEU B 493 -14.12 -2.66 19.60
CA LEU B 493 -13.75 -1.49 18.80
C LEU B 493 -13.70 -0.22 19.65
N GLU B 494 -14.73 -0.01 20.47
CA GLU B 494 -14.76 1.11 21.40
C GLU B 494 -13.82 0.86 22.57
N ASN B 495 -12.56 0.55 22.27
CA ASN B 495 -11.55 0.23 23.26
C ASN B 495 -10.17 0.19 22.60
N GLY B 496 -10.13 -0.25 21.35
CA GLY B 496 -8.92 -0.30 20.56
C GLY B 496 -8.70 0.90 19.65
N ALA B 497 -9.64 1.84 19.60
CA ALA B 497 -9.47 3.04 18.80
C ALA B 497 -8.47 3.99 19.46
N ASN B 498 -7.74 4.73 18.61
CA ASN B 498 -6.68 5.60 19.12
C ASN B 498 -7.24 6.66 20.07
N SER B 499 -8.33 7.33 19.66
CA SER B 499 -8.92 8.38 20.47
C SER B 499 -9.69 7.85 21.69
N SER B 500 -9.84 6.53 21.82
CA SER B 500 -10.57 5.97 22.94
C SER B 500 -9.70 5.95 24.19
N PHE B 501 -10.33 6.19 25.34
CA PHE B 501 -9.60 6.28 26.60
C PHE B 501 -9.00 4.94 27.02
N VAL B 502 -9.64 3.82 26.65
CA VAL B 502 -9.13 2.51 27.05
C VAL B 502 -7.77 2.25 26.41
N HIS B 503 -7.65 2.51 25.11
CA HIS B 503 -6.37 2.33 24.42
C HIS B 503 -5.35 3.36 24.89
N ARG B 504 -5.79 4.59 25.13
CA ARG B 504 -4.87 5.65 25.54
C ARG B 504 -4.27 5.39 26.92
N ILE B 505 -5.04 4.76 27.82
CA ILE B 505 -4.53 4.55 29.18
C ILE B 505 -3.43 3.49 29.19
N ASN B 506 -3.43 2.59 28.21
CA ASN B 506 -2.42 1.54 28.10
C ASN B 506 -1.33 1.89 27.09
N ASP B 507 -1.28 3.14 26.64
CA ASP B 507 -0.21 3.60 25.75
C ASP B 507 0.81 4.38 26.55
N PRO B 508 2.06 3.92 26.63
CA PRO B 508 3.08 4.67 27.37
C PRO B 508 3.46 6.00 26.73
N LYS B 509 3.07 6.23 25.48
CA LYS B 509 3.39 7.49 24.79
C LYS B 509 2.47 8.64 25.18
N VAL B 510 1.34 8.35 25.84
CA VAL B 510 0.39 9.37 26.25
C VAL B 510 0.58 9.64 27.74
N SER B 511 0.84 10.90 28.09
CA SER B 511 1.04 11.25 29.49
C SER B 511 -0.30 11.43 30.20
N ILE B 512 -0.26 11.34 31.53
CA ILE B 512 -1.46 11.60 32.33
C ILE B 512 -1.94 13.03 32.08
N ASP B 513 -1.03 13.96 31.80
CA ASP B 513 -1.42 15.32 31.48
C ASP B 513 -2.28 15.38 30.23
N GLU B 514 -1.95 14.57 29.22
CA GLU B 514 -2.79 14.50 28.03
C GLU B 514 -4.15 13.89 28.33
N LEU B 515 -4.21 12.94 29.25
CA LEU B 515 -5.45 12.22 29.52
C LEU B 515 -6.41 13.04 30.37
N ILE B 516 -5.90 13.97 31.18
CA ILE B 516 -6.78 14.76 32.04
C ILE B 516 -7.07 16.10 31.40
N ALA B 517 -6.62 16.28 30.16
CA ALA B 517 -6.91 17.51 29.43
C ALA B 517 -8.41 17.76 29.39
N ASP B 518 -8.81 19.00 29.63
CA ASP B 518 -10.22 19.33 29.68
C ASP B 518 -10.74 19.51 28.26
N PRO B 519 -11.64 18.65 27.79
CA PRO B 519 -12.13 18.80 26.41
C PRO B 519 -12.88 20.10 26.20
N VAL B 520 -13.55 20.61 27.24
CA VAL B 520 -14.30 21.84 27.12
C VAL B 520 -13.36 23.00 26.76
N GLU B 521 -12.23 23.09 27.46
CA GLU B 521 -11.32 24.20 27.22
C GLU B 521 -10.52 24.02 25.94
N VAL B 522 -10.25 22.78 25.53
CA VAL B 522 -9.61 22.58 24.23
C VAL B 522 -10.54 23.04 23.11
N VAL B 523 -11.82 22.66 23.19
CA VAL B 523 -12.78 23.11 22.18
C VAL B 523 -12.90 24.63 22.21
N ARG B 524 -13.01 25.22 23.40
CA ARG B 524 -13.19 26.67 23.51
C ARG B 524 -12.07 27.43 22.81
N ALA B 525 -10.87 26.87 22.76
CA ALA B 525 -9.70 27.56 22.24
C ALA B 525 -9.44 27.24 20.77
N MET B 526 -10.32 26.49 20.12
CA MET B 526 -10.18 26.23 18.69
C MET B 526 -10.44 27.51 17.89
N PRO B 527 -9.74 27.71 16.78
CA PRO B 527 -10.00 28.90 15.95
C PRO B 527 -11.42 28.94 15.41
N VAL B 528 -12.02 27.77 15.17
CA VAL B 528 -13.41 27.66 14.75
C VAL B 528 -14.04 26.64 15.69
N VAL B 529 -14.83 27.11 16.65
CA VAL B 529 -15.47 26.20 17.60
C VAL B 529 -16.43 25.29 16.85
N GLY B 530 -16.25 23.98 17.05
CA GLY B 530 -17.14 23.01 16.44
C GLY B 530 -16.85 22.64 15.01
N ALA B 531 -15.67 22.97 14.48
CA ALA B 531 -15.34 22.62 13.12
C ALA B 531 -15.33 21.10 12.91
N LYS B 532 -15.89 20.67 11.78
CA LYS B 532 -15.87 19.27 11.37
C LYS B 532 -14.45 18.74 11.32
N HIS B 533 -14.31 17.45 11.60
CA HIS B 533 -13.02 16.78 11.45
C HIS B 533 -12.46 17.00 10.05
N ASP B 534 -11.16 17.37 10.01
CA ASP B 534 -10.53 17.75 8.75
C ASP B 534 -10.45 16.60 7.75
N ARG B 535 -10.52 15.35 8.21
CA ARG B 535 -10.28 14.19 7.36
C ARG B 535 -11.52 13.32 7.18
N ILE B 536 -12.71 13.85 7.50
CA ILE B 536 -13.97 13.17 7.23
C ILE B 536 -14.78 14.08 6.31
N ALA B 537 -15.13 13.56 5.14
CA ALA B 537 -15.84 14.34 4.16
C ALA B 537 -17.33 14.39 4.49
N LEU B 538 -17.92 15.59 4.41
CA LEU B 538 -19.37 15.65 4.39
C LEU B 538 -19.87 14.85 3.20
N PRO B 539 -21.08 14.28 3.27
CA PRO B 539 -21.57 13.51 2.12
C PRO B 539 -21.52 14.30 0.81
N ALA B 540 -21.84 15.58 0.83
CA ALA B 540 -21.81 16.38 -0.40
C ALA B 540 -20.41 16.49 -0.98
N GLU B 541 -19.37 16.30 -0.16
CA GLU B 541 -17.99 16.55 -0.57
C GLU B 541 -17.19 15.25 -0.75
N LEU B 542 -17.87 14.11 -0.96
CA LEU B 542 -17.18 12.83 -1.09
C LEU B 542 -16.16 12.82 -2.22
N PHE B 543 -16.40 13.61 -3.26
CA PHE B 543 -15.55 13.60 -4.45
C PHE B 543 -14.68 14.84 -4.53
N GLY B 544 -14.66 15.65 -3.47
CA GLY B 544 -13.76 16.79 -3.41
C GLY B 544 -14.04 17.79 -4.52
N ASP B 545 -12.95 18.32 -5.11
CA ASP B 545 -13.06 19.35 -6.13
C ASP B 545 -13.60 18.83 -7.46
N ALA B 546 -13.66 17.50 -7.65
CA ALA B 546 -14.06 16.95 -8.93
C ALA B 546 -15.51 17.29 -9.25
N ARG B 547 -16.40 17.09 -8.29
CA ARG B 547 -17.83 17.30 -8.50
C ARG B 547 -18.53 17.23 -7.16
N THR B 548 -19.74 17.75 -7.15
CA THR B 548 -20.60 17.72 -5.99
C THR B 548 -21.44 16.44 -5.99
N ASN B 549 -21.40 15.71 -4.88
CA ASN B 549 -22.22 14.51 -4.75
C ASN B 549 -23.71 14.87 -4.78
N SER B 550 -24.51 14.01 -5.40
CA SER B 550 -25.96 14.18 -5.29
C SER B 550 -26.40 14.05 -3.84
N ALA B 551 -27.50 14.72 -3.50
CA ALA B 551 -28.06 14.62 -2.16
C ALA B 551 -29.31 13.77 -2.17
N GLY B 552 -29.50 12.99 -1.11
CA GLY B 552 -30.69 12.20 -0.94
C GLY B 552 -31.66 12.87 0.01
N LEU B 553 -32.56 12.06 0.56
CA LEU B 553 -33.62 12.53 1.45
C LEU B 553 -33.71 11.53 2.58
N ASP B 554 -33.87 12.04 3.80
CA ASP B 554 -33.85 11.19 5.00
C ASP B 554 -35.28 10.77 5.31
N LEU B 555 -35.62 9.52 4.99
CA LEU B 555 -36.98 9.04 5.22
C LEU B 555 -37.22 8.64 6.67
N SER B 556 -36.29 8.98 7.58
CA SER B 556 -36.53 8.85 9.01
C SER B 556 -36.76 10.20 9.67
N ASN B 557 -36.71 11.29 8.90
CA ASN B 557 -36.86 12.63 9.42
C ASN B 557 -38.31 13.06 9.24
N GLU B 558 -39.00 13.37 10.34
CA GLU B 558 -40.42 13.68 10.23
C GLU B 558 -40.67 14.95 9.45
N GLU B 559 -39.75 15.93 9.50
CA GLU B 559 -39.93 17.13 8.68
C GLU B 559 -39.90 16.74 7.21
N THR B 560 -38.92 15.91 6.84
CA THR B 560 -38.81 15.44 5.47
C THR B 560 -40.05 14.66 5.05
N LEU B 561 -40.54 13.77 5.92
CA LEU B 561 -41.71 12.97 5.55
C LEU B 561 -42.95 13.85 5.38
N ALA B 562 -43.11 14.87 6.23
CA ALA B 562 -44.28 15.73 6.11
C ALA B 562 -44.20 16.58 4.83
N SER B 563 -43.03 17.12 4.51
CA SER B 563 -42.92 17.92 3.29
C SER B 563 -43.00 17.04 2.04
N LEU B 564 -42.38 15.85 2.08
CA LEU B 564 -42.49 14.92 0.96
C LEU B 564 -43.93 14.52 0.72
N THR B 565 -44.67 14.20 1.79
CA THR B 565 -46.08 13.86 1.66
C THR B 565 -46.82 14.91 0.83
N GLU B 566 -46.63 16.18 1.16
CA GLU B 566 -47.34 17.23 0.45
C GLU B 566 -46.86 17.33 -1.00
N ALA B 567 -45.55 17.26 -1.22
CA ALA B 567 -45.05 17.37 -2.59
C ALA B 567 -45.50 16.19 -3.44
N LEU B 568 -45.58 15.00 -2.84
CA LEU B 568 -46.02 13.83 -3.60
C LEU B 568 -47.50 13.94 -3.95
N ARG B 569 -48.32 14.36 -2.99
CA ARG B 569 -49.73 14.62 -3.28
C ARG B 569 -49.89 15.65 -4.40
N GLU B 570 -49.12 16.74 -4.34
CA GLU B 570 -49.21 17.77 -5.37
C GLU B 570 -48.77 17.25 -6.72
N SER B 571 -47.79 16.34 -6.75
CA SER B 571 -47.32 15.79 -8.01
C SER B 571 -48.41 15.00 -8.70
N ALA B 572 -49.31 14.38 -7.92
CA ALA B 572 -50.37 13.58 -8.49
C ALA B 572 -51.45 14.45 -9.12
N ALA B 573 -51.54 15.72 -8.73
CA ALA B 573 -52.54 16.63 -9.28
C ALA B 573 -52.09 17.32 -10.56
N MET B 574 -50.82 17.17 -10.95
CA MET B 574 -50.30 17.81 -12.15
C MET B 574 -50.72 17.02 -13.39
N LYS B 575 -50.86 17.74 -14.51
CA LYS B 575 -51.14 17.10 -15.79
C LYS B 575 -49.81 16.68 -16.43
N TRP B 576 -49.53 15.38 -16.40
CA TRP B 576 -48.29 14.83 -16.95
C TRP B 576 -48.54 14.34 -18.38
N THR B 577 -47.71 14.82 -19.31
CA THR B 577 -47.83 14.47 -20.71
C THR B 577 -46.45 14.14 -21.27
N ALA B 578 -46.46 13.40 -22.38
CA ALA B 578 -45.24 13.16 -23.13
C ALA B 578 -45.62 13.19 -24.60
N LEU B 579 -44.91 13.98 -25.38
CA LEU B 579 -45.22 14.23 -26.77
C LEU B 579 -43.99 13.98 -27.62
N PRO B 580 -44.15 13.75 -28.92
CA PRO B 580 -42.98 13.78 -29.81
C PRO B 580 -42.49 15.21 -29.91
N GLN B 581 -41.39 15.50 -29.22
CA GLN B 581 -40.83 16.85 -29.16
C GLN B 581 -39.73 16.96 -30.19
N LEU B 582 -40.07 17.44 -31.38
CA LEU B 582 -39.10 17.65 -32.43
C LEU B 582 -38.51 19.06 -32.31
N ALA B 583 -37.48 19.33 -33.10
CA ALA B 583 -36.82 20.64 -33.02
C ALA B 583 -37.79 21.78 -33.32
N THR B 584 -38.79 21.52 -34.16
CA THR B 584 -39.73 22.53 -34.59
C THR B 584 -40.98 22.61 -33.71
N GLY B 585 -41.07 21.79 -32.68
CA GLY B 585 -42.22 21.77 -31.81
C GLY B 585 -42.78 20.39 -31.67
N PRO B 586 -43.79 20.23 -30.83
CA PRO B 586 -44.41 18.92 -30.65
C PRO B 586 -45.21 18.52 -31.87
N ALA B 587 -45.13 17.23 -32.20
CA ALA B 587 -45.83 16.67 -33.36
C ALA B 587 -47.08 15.94 -32.92
N ALA B 588 -48.05 15.84 -33.82
CA ALA B 588 -49.26 15.08 -33.56
C ALA B 588 -48.97 13.58 -33.65
N GLY B 589 -49.81 12.79 -33.01
CA GLY B 589 -49.65 11.35 -33.05
C GLY B 589 -50.77 10.67 -32.30
N GLU B 590 -50.63 9.35 -32.14
CA GLU B 590 -51.63 8.56 -31.43
C GLU B 590 -51.43 8.69 -29.92
N THR B 591 -52.51 8.99 -29.19
CA THR B 591 -52.43 9.26 -27.76
C THR B 591 -53.13 8.17 -26.96
N ARG B 592 -52.52 7.81 -25.82
CA ARG B 592 -53.12 6.86 -24.90
C ARG B 592 -52.72 7.23 -23.48
N THR B 593 -53.39 6.62 -22.52
CA THR B 593 -53.11 6.88 -21.11
C THR B 593 -51.96 6.03 -20.61
N VAL B 594 -51.27 6.56 -19.61
CA VAL B 594 -50.20 5.88 -18.90
C VAL B 594 -50.76 5.52 -17.53
N LEU B 595 -50.69 4.24 -17.17
CA LEU B 595 -51.33 3.72 -15.97
C LEU B 595 -50.29 3.31 -14.93
N ASN B 596 -50.68 3.41 -13.67
CA ASN B 596 -49.85 2.98 -12.55
C ASN B 596 -49.76 1.45 -12.57
N PRO B 597 -48.57 0.85 -12.66
CA PRO B 597 -48.50 -0.62 -12.68
C PRO B 597 -48.99 -1.26 -11.39
N GLY B 598 -49.00 -0.49 -10.29
CA GLY B 598 -49.51 -1.01 -9.04
C GLY B 598 -51.03 -0.92 -8.90
N ASP B 599 -51.68 -0.23 -9.82
CA ASP B 599 -53.12 -0.01 -9.74
C ASP B 599 -53.56 0.65 -11.03
N HIS B 600 -54.09 -0.14 -11.97
CA HIS B 600 -54.43 0.39 -13.28
C HIS B 600 -55.57 1.41 -13.23
N ARG B 601 -56.26 1.53 -12.10
CA ARG B 601 -57.26 2.59 -11.95
C ARG B 601 -56.63 3.96 -11.77
N ASP B 602 -55.34 4.01 -11.44
CA ASP B 602 -54.62 5.26 -11.20
C ASP B 602 -54.02 5.69 -12.52
N VAL B 603 -54.65 6.70 -13.14
CA VAL B 603 -54.15 7.24 -14.40
C VAL B 603 -53.08 8.28 -14.10
N VAL B 604 -51.87 8.04 -14.58
CA VAL B 604 -50.75 8.93 -14.26
C VAL B 604 -50.66 10.07 -15.26
N GLY B 605 -50.94 9.80 -16.52
CA GLY B 605 -50.78 10.83 -17.54
C GLY B 605 -51.13 10.28 -18.90
N SER B 606 -50.68 10.98 -19.94
CA SER B 606 -51.01 10.61 -21.31
C SER B 606 -49.80 10.80 -22.19
N VAL B 607 -49.61 9.88 -23.13
CA VAL B 607 -48.46 9.92 -24.04
C VAL B 607 -48.99 9.98 -25.47
N THR B 608 -48.37 10.84 -26.27
CA THR B 608 -48.62 10.90 -27.71
C THR B 608 -47.40 10.30 -28.38
N GLU B 609 -47.61 9.25 -29.17
CA GLU B 609 -46.48 8.48 -29.66
C GLU B 609 -46.11 8.92 -31.08
N THR B 610 -44.85 8.66 -31.43
CA THR B 610 -44.21 9.22 -32.61
C THR B 610 -44.48 8.36 -33.84
N SER B 611 -44.87 8.99 -34.95
CA SER B 611 -44.95 8.25 -36.20
C SER B 611 -43.55 7.93 -36.71
N GLU B 612 -43.46 6.84 -37.49
CA GLU B 612 -42.16 6.48 -38.07
C GLU B 612 -41.64 7.58 -38.98
N GLU B 613 -42.55 8.24 -39.72
CA GLU B 613 -42.15 9.36 -40.56
C GLU B 613 -41.58 10.50 -39.72
N ASP B 614 -42.18 10.78 -38.56
CA ASP B 614 -41.66 11.86 -37.73
C ASP B 614 -40.35 11.47 -37.05
N ALA B 615 -40.15 10.17 -36.78
CA ALA B 615 -38.86 9.73 -36.27
C ALA B 615 -37.76 10.03 -37.28
N ARG B 616 -38.00 9.73 -38.55
CA ARG B 616 -36.99 10.05 -39.57
C ARG B 616 -36.81 11.56 -39.70
N ARG B 617 -37.90 12.33 -39.63
CA ARG B 617 -37.77 13.78 -39.69
C ARG B 617 -36.91 14.30 -38.55
N ALA B 618 -37.09 13.75 -37.35
CA ALA B 618 -36.27 14.18 -36.23
C ALA B 618 -34.79 13.94 -36.49
N VAL B 619 -34.43 12.81 -37.09
CA VAL B 619 -33.01 12.55 -37.32
C VAL B 619 -32.46 13.55 -38.32
N ARG B 620 -33.26 13.91 -39.34
CA ARG B 620 -32.81 14.92 -40.29
C ARG B 620 -32.62 16.28 -39.62
N LEU B 621 -33.53 16.66 -38.72
CA LEU B 621 -33.38 17.92 -38.00
C LEU B 621 -32.16 17.90 -37.10
N ALA B 622 -31.88 16.74 -36.49
CA ALA B 622 -30.68 16.63 -35.67
C ALA B 622 -29.43 16.79 -36.51
N ALA B 623 -29.42 16.19 -37.71
CA ALA B 623 -28.26 16.32 -38.58
C ALA B 623 -28.05 17.76 -39.01
N ASP B 624 -29.13 18.47 -39.33
CA ASP B 624 -29.02 19.87 -39.72
C ASP B 624 -28.39 20.70 -38.61
N ALA B 625 -28.72 20.42 -37.36
CA ALA B 625 -28.24 21.21 -36.24
C ALA B 625 -26.94 20.69 -35.65
N ALA B 626 -26.41 19.57 -36.15
CA ALA B 626 -25.24 18.98 -35.51
C ALA B 626 -24.03 19.89 -35.48
N PRO B 627 -23.68 20.63 -36.55
CA PRO B 627 -22.52 21.54 -36.42
C PRO B 627 -22.70 22.63 -35.37
N ASP B 628 -23.91 23.18 -35.21
CA ASP B 628 -24.09 24.24 -34.22
C ASP B 628 -23.87 23.72 -32.80
N TRP B 629 -24.32 22.50 -32.52
CA TRP B 629 -24.13 21.97 -31.17
C TRP B 629 -22.67 21.58 -30.93
N ALA B 630 -22.03 20.99 -31.94
CA ALA B 630 -20.61 20.65 -31.77
C ALA B 630 -19.77 21.90 -31.53
N ALA B 631 -20.24 23.05 -32.02
CA ALA B 631 -19.47 24.28 -31.86
C ALA B 631 -19.63 24.92 -30.50
N VAL B 632 -20.57 24.44 -29.67
CA VAL B 632 -20.63 24.91 -28.28
C VAL B 632 -19.42 24.35 -27.54
N PRO B 633 -18.62 25.19 -26.88
CA PRO B 633 -17.40 24.69 -26.26
C PRO B 633 -17.71 23.59 -25.27
N PRO B 634 -16.82 22.61 -25.13
CA PRO B 634 -17.10 21.49 -24.21
C PRO B 634 -17.40 21.94 -22.79
N SER B 635 -16.71 22.98 -22.28
CA SER B 635 -16.98 23.44 -20.93
C SER B 635 -18.39 24.03 -20.81
N GLU B 636 -18.90 24.66 -21.88
CA GLU B 636 -20.26 25.15 -21.84
C GLU B 636 -21.28 24.04 -21.99
N ARG B 637 -20.97 23.01 -22.79
CA ARG B 637 -21.87 21.86 -22.83
C ARG B 637 -21.92 21.20 -21.46
N ALA B 638 -20.78 21.09 -20.77
CA ALA B 638 -20.75 20.54 -19.43
C ALA B 638 -21.53 21.41 -18.45
N ALA B 639 -21.49 22.75 -18.63
CA ALA B 639 -22.25 23.63 -17.75
C ALA B 639 -23.76 23.40 -17.88
N CYS B 640 -24.23 23.04 -19.09
CA CYS B 640 -25.63 22.66 -19.25
C CYS B 640 -25.97 21.44 -18.41
N LEU B 641 -25.11 20.43 -18.43
CA LEU B 641 -25.35 19.24 -17.62
C LEU B 641 -25.41 19.59 -16.14
N ASP B 642 -24.46 20.42 -15.68
CA ASP B 642 -24.42 20.81 -14.27
C ASP B 642 -25.69 21.58 -13.88
N ARG B 643 -26.17 22.46 -14.76
CA ARG B 643 -27.42 23.16 -14.49
C ARG B 643 -28.57 22.19 -14.41
N ALA B 644 -28.61 21.21 -15.32
CA ALA B 644 -29.69 20.23 -15.28
C ALA B 644 -29.65 19.46 -13.96
N ALA B 645 -28.45 19.15 -13.46
CA ALA B 645 -28.35 18.43 -12.19
C ALA B 645 -28.90 19.26 -11.04
N GLU B 646 -28.63 20.58 -11.04
CA GLU B 646 -29.18 21.46 -10.01
C GLU B 646 -30.70 21.45 -10.04
N LEU B 647 -31.28 21.45 -11.24
CA LEU B 647 -32.73 21.43 -11.35
C LEU B 647 -33.32 20.11 -10.86
N MET B 648 -32.70 18.98 -11.23
CA MET B 648 -33.21 17.70 -10.75
C MET B 648 -33.10 17.59 -9.24
N GLN B 649 -32.02 18.11 -8.66
CA GLN B 649 -31.87 18.08 -7.21
C GLN B 649 -32.99 18.87 -6.54
N ALA B 650 -33.25 20.09 -7.03
CA ALA B 650 -34.25 20.95 -6.42
C ALA B 650 -35.65 20.39 -6.62
N ARG B 651 -35.87 19.68 -7.74
CA ARG B 651 -37.19 19.16 -8.04
C ARG B 651 -37.33 17.70 -7.69
N MET B 652 -36.39 17.13 -6.95
CA MET B 652 -36.45 15.71 -6.62
C MET B 652 -37.79 15.26 -6.04
N PRO B 653 -38.44 15.97 -5.10
CA PRO B 653 -39.70 15.45 -4.55
C PRO B 653 -40.76 15.23 -5.60
N THR B 654 -40.88 16.14 -6.57
CA THR B 654 -41.85 15.98 -7.65
C THR B 654 -41.47 14.84 -8.59
N LEU B 655 -40.19 14.72 -8.93
CA LEU B 655 -39.74 13.60 -9.77
C LEU B 655 -40.00 12.27 -9.09
N LEU B 656 -39.81 12.20 -7.78
CA LEU B 656 -40.13 10.99 -7.02
C LEU B 656 -41.57 10.55 -7.24
N GLY B 657 -42.51 11.50 -7.11
CA GLY B 657 -43.91 11.16 -7.24
C GLY B 657 -44.21 10.55 -8.59
N LEU B 658 -43.59 11.08 -9.65
CA LEU B 658 -43.80 10.53 -10.98
C LEU B 658 -43.16 9.15 -11.13
N ILE B 659 -41.95 8.95 -10.60
CA ILE B 659 -41.30 7.66 -10.72
C ILE B 659 -42.04 6.60 -9.92
N ILE B 660 -42.54 6.96 -8.74
CA ILE B 660 -43.30 6.02 -7.93
C ILE B 660 -44.53 5.54 -8.69
N ARG B 661 -45.28 6.47 -9.28
CA ARG B 661 -46.56 6.10 -9.86
C ARG B 661 -46.47 5.58 -11.29
N GLU B 662 -45.56 6.11 -12.11
CA GLU B 662 -45.47 5.62 -13.49
C GLU B 662 -44.66 4.34 -13.59
N ALA B 663 -43.59 4.23 -12.81
CA ALA B 663 -42.68 3.10 -12.92
C ALA B 663 -42.88 2.06 -11.83
N GLY B 664 -43.76 2.31 -10.87
CA GLY B 664 -44.02 1.35 -9.82
C GLY B 664 -42.93 1.21 -8.77
N LYS B 665 -42.13 2.25 -8.58
CA LYS B 665 -40.99 2.17 -7.65
C LYS B 665 -41.37 2.63 -6.25
N SER B 666 -40.63 2.11 -5.27
CA SER B 666 -40.73 2.61 -3.91
C SER B 666 -40.05 3.97 -3.81
N ALA B 667 -40.41 4.73 -2.77
CA ALA B 667 -39.81 6.05 -2.57
C ALA B 667 -38.29 5.95 -2.43
N LEU B 668 -37.82 4.94 -1.68
CA LEU B 668 -36.40 4.77 -1.47
C LEU B 668 -35.68 4.55 -2.81
N ASN B 669 -36.24 3.68 -3.66
CA ASN B 669 -35.60 3.43 -4.94
C ASN B 669 -35.73 4.63 -5.87
N ALA B 670 -36.84 5.38 -5.78
CA ALA B 670 -36.99 6.57 -6.60
C ALA B 670 -35.96 7.63 -6.24
N ILE B 671 -35.67 7.82 -4.95
CA ILE B 671 -34.63 8.75 -4.53
C ILE B 671 -33.29 8.35 -5.14
N ALA B 672 -32.94 7.08 -5.01
CA ALA B 672 -31.68 6.60 -5.57
C ALA B 672 -31.63 6.80 -7.07
N GLU B 673 -32.77 6.68 -7.75
CA GLU B 673 -32.80 6.88 -9.19
C GLU B 673 -32.53 8.33 -9.55
N VAL B 674 -33.20 9.27 -8.89
CA VAL B 674 -32.94 10.69 -9.16
C VAL B 674 -31.50 11.04 -8.82
N ARG B 675 -30.98 10.49 -7.72
CA ARG B 675 -29.57 10.73 -7.39
C ARG B 675 -28.66 10.25 -8.51
N GLU B 676 -28.93 9.04 -9.05
CA GLU B 676 -28.06 8.51 -10.12
C GLU B 676 -28.12 9.40 -11.35
N ALA B 677 -29.30 9.91 -11.70
CA ALA B 677 -29.39 10.83 -12.83
C ALA B 677 -28.54 12.07 -12.58
N ILE B 678 -28.63 12.65 -11.37
CA ILE B 678 -27.83 13.82 -11.01
C ILE B 678 -26.35 13.48 -11.10
N ASP B 679 -25.96 12.31 -10.59
CA ASP B 679 -24.56 11.89 -10.61
C ASP B 679 -24.05 11.70 -12.05
N PHE B 680 -24.85 11.08 -12.93
CA PHE B 680 -24.44 10.99 -14.33
C PHE B 680 -24.17 12.37 -14.92
N LEU B 681 -25.09 13.30 -14.69
CA LEU B 681 -24.92 14.63 -15.26
C LEU B 681 -23.63 15.26 -14.79
N ARG B 682 -23.39 15.23 -13.48
CA ARG B 682 -22.20 15.89 -12.93
C ARG B 682 -20.93 15.14 -13.27
N TYR B 683 -21.00 13.82 -13.33
CA TYR B 683 -19.81 13.04 -13.65
C TYR B 683 -19.39 13.26 -15.10
N TYR B 684 -20.34 13.14 -16.04
CA TYR B 684 -19.96 13.35 -17.44
C TYR B 684 -19.56 14.80 -17.68
N ALA B 685 -20.12 15.76 -16.94
CA ALA B 685 -19.66 17.14 -17.03
C ALA B 685 -18.20 17.25 -16.60
N GLU B 686 -17.84 16.64 -15.47
CA GLU B 686 -16.46 16.72 -15.02
C GLU B 686 -15.52 15.98 -15.95
N GLN B 687 -15.90 14.78 -16.42
CA GLN B 687 -15.03 14.06 -17.35
C GLN B 687 -14.80 14.87 -18.61
N THR B 688 -15.84 15.58 -19.08
CA THR B 688 -15.68 16.47 -20.23
C THR B 688 -14.66 17.57 -19.94
N ARG B 689 -14.79 18.23 -18.80
CA ARG B 689 -13.84 19.29 -18.44
C ARG B 689 -12.41 18.77 -18.34
N ARG B 690 -12.23 17.49 -17.99
CA ARG B 690 -10.90 16.92 -17.89
C ARG B 690 -10.31 16.47 -19.23
N THR B 691 -11.14 16.31 -20.27
CA THR B 691 -10.62 15.61 -21.45
C THR B 691 -10.87 16.28 -22.79
N LEU B 692 -12.05 16.84 -23.06
CA LEU B 692 -12.43 17.08 -24.44
C LEU B 692 -11.83 18.38 -24.99
N GLY B 693 -11.23 18.26 -26.17
CA GLY B 693 -10.61 19.37 -26.85
C GLY B 693 -11.05 19.42 -28.29
N PRO B 694 -10.51 20.38 -29.05
CA PRO B 694 -11.00 20.59 -30.42
C PRO B 694 -10.79 19.40 -31.34
N GLY B 695 -9.80 18.54 -31.06
CA GLY B 695 -9.55 17.38 -31.90
C GLY B 695 -10.41 16.17 -31.61
N HIS B 696 -11.26 16.23 -30.58
CA HIS B 696 -12.15 15.11 -30.28
C HIS B 696 -13.53 15.44 -30.85
N GLY B 697 -13.65 15.21 -32.16
CA GLY B 697 -14.84 15.62 -32.88
C GLY B 697 -16.03 14.72 -32.60
N PRO B 698 -17.23 15.25 -32.74
CA PRO B 698 -18.42 14.46 -32.45
C PRO B 698 -18.73 13.46 -33.57
N LEU B 699 -19.53 12.45 -33.21
CA LEU B 699 -19.99 11.50 -34.21
C LEU B 699 -21.06 12.11 -35.11
N GLY B 700 -21.98 12.88 -34.51
CA GLY B 700 -23.21 13.25 -35.19
C GLY B 700 -24.42 12.80 -34.41
N PRO B 701 -25.59 12.74 -35.05
CA PRO B 701 -26.82 12.38 -34.33
C PRO B 701 -26.71 11.02 -33.66
N ILE B 702 -27.00 10.99 -32.36
CA ILE B 702 -26.97 9.76 -31.59
CA ILE B 702 -26.97 9.76 -31.57
C ILE B 702 -28.38 9.41 -31.17
N VAL B 703 -28.76 8.18 -31.40
CA VAL B 703 -30.06 7.65 -31.01
C VAL B 703 -29.89 6.96 -29.66
N CYS B 704 -30.60 7.44 -28.64
CA CYS B 704 -30.48 6.93 -27.29
C CYS B 704 -31.76 6.20 -26.97
N ILE B 705 -31.67 4.89 -26.80
CA ILE B 705 -32.84 4.04 -26.56
C ILE B 705 -32.72 3.49 -25.15
N SER B 706 -33.75 3.71 -24.33
CA SER B 706 -33.63 3.45 -22.90
C SER B 706 -34.74 2.54 -22.41
N PRO B 707 -34.53 1.92 -21.23
CA PRO B 707 -35.49 0.94 -20.72
C PRO B 707 -36.46 1.52 -19.69
N TRP B 708 -37.45 0.72 -19.27
CA TRP B 708 -38.47 1.19 -18.33
C TRP B 708 -38.05 1.03 -16.88
N ASN B 709 -36.94 0.33 -16.60
CA ASN B 709 -36.62 -0.01 -15.23
C ASN B 709 -35.75 1.03 -14.54
N PHE B 710 -35.03 1.85 -15.29
CA PHE B 710 -34.41 3.06 -14.76
C PHE B 710 -34.80 4.19 -15.69
N PRO B 711 -36.08 4.59 -15.64
CA PRO B 711 -36.66 5.43 -16.69
C PRO B 711 -36.21 6.88 -16.62
N LEU B 712 -35.57 7.30 -15.53
CA LEU B 712 -34.87 8.57 -15.50
C LEU B 712 -33.37 8.44 -15.52
N ALA B 713 -32.80 7.50 -14.76
CA ALA B 713 -31.35 7.50 -14.58
C ALA B 713 -30.64 7.04 -15.85
N ILE B 714 -31.06 5.90 -16.42
CA ILE B 714 -30.38 5.44 -17.63
C ILE B 714 -30.74 6.33 -18.81
N PHE B 715 -32.01 6.76 -18.88
CA PHE B 715 -32.42 7.75 -19.85
C PHE B 715 -31.49 8.96 -19.84
N THR B 716 -31.28 9.55 -18.65
CA THR B 716 -30.46 10.75 -18.54
C THR B 716 -28.99 10.46 -18.80
N GLY B 717 -28.49 9.34 -18.28
CA GLY B 717 -27.06 9.06 -18.43
C GLY B 717 -26.65 8.93 -19.88
N GLN B 718 -27.41 8.17 -20.67
CA GLN B 718 -27.04 8.01 -22.07
C GLN B 718 -27.11 9.36 -22.79
N ILE B 719 -28.21 10.10 -22.57
CA ILE B 719 -28.41 11.35 -23.27
C ILE B 719 -27.35 12.37 -22.89
N ALA B 720 -27.05 12.46 -21.58
CA ALA B 720 -26.09 13.46 -21.13
C ALA B 720 -24.72 13.21 -21.73
N ALA B 721 -24.29 11.94 -21.76
CA ALA B 721 -22.98 11.61 -22.32
C ALA B 721 -22.93 11.97 -23.81
N ALA B 722 -23.96 11.57 -24.56
CA ALA B 722 -23.94 11.89 -25.98
C ALA B 722 -23.90 13.40 -26.21
N LEU B 723 -24.74 14.15 -25.47
CA LEU B 723 -24.80 15.60 -25.63
C LEU B 723 -23.47 16.26 -25.31
N VAL B 724 -22.89 15.90 -24.16
CA VAL B 724 -21.71 16.62 -23.71
C VAL B 724 -20.51 16.26 -24.58
N ALA B 725 -20.54 15.10 -25.23
CA ALA B 725 -19.52 14.78 -26.22
C ALA B 725 -19.68 15.57 -27.52
N GLY B 726 -20.72 16.38 -27.65
CA GLY B 726 -20.89 17.22 -28.83
C GLY B 726 -21.88 16.71 -29.86
N ASN B 727 -22.72 15.73 -29.50
CA ASN B 727 -23.66 15.12 -30.42
C ASN B 727 -25.10 15.52 -30.11
N PRO B 728 -25.90 15.87 -31.12
CA PRO B 728 -27.33 16.02 -30.88
C PRO B 728 -27.95 14.64 -30.69
N VAL B 729 -29.04 14.58 -29.94
CA VAL B 729 -29.60 13.32 -29.46
C VAL B 729 -31.06 13.17 -29.89
N LEU B 730 -31.42 11.96 -30.30
CA LEU B 730 -32.80 11.53 -30.48
C LEU B 730 -33.08 10.58 -29.32
N ALA B 731 -33.96 10.97 -28.42
CA ALA B 731 -34.20 10.20 -27.20
C ALA B 731 -35.49 9.40 -27.34
N LYS B 732 -35.37 8.06 -27.34
CA LYS B 732 -36.51 7.17 -27.49
C LYS B 732 -36.71 6.41 -26.18
N PRO B 733 -37.59 6.86 -25.29
CA PRO B 733 -37.78 6.18 -24.02
C PRO B 733 -38.64 4.93 -24.18
N ALA B 734 -38.56 4.06 -23.18
CA ALA B 734 -39.39 2.86 -23.21
C ALA B 734 -40.86 3.23 -23.30
N GLU B 735 -41.64 2.39 -23.98
CA GLU B 735 -43.05 2.72 -24.15
C GLU B 735 -43.80 2.74 -22.81
N GLU B 736 -43.29 2.02 -21.81
CA GLU B 736 -43.97 1.95 -20.53
C GLU B 736 -43.82 3.23 -19.72
N THR B 737 -42.73 3.99 -19.91
CA THR B 737 -42.38 5.06 -18.98
C THR B 737 -42.03 6.38 -19.70
N PRO B 738 -42.94 6.89 -20.54
CA PRO B 738 -42.61 8.11 -21.29
C PRO B 738 -42.71 9.39 -20.47
N LEU B 739 -43.48 9.41 -19.38
CA LEU B 739 -43.74 10.67 -18.70
C LEU B 739 -42.49 11.18 -17.99
N ILE B 740 -41.76 10.29 -17.31
CA ILE B 740 -40.56 10.76 -16.61
C ILE B 740 -39.47 11.13 -17.62
N ALA B 741 -39.44 10.44 -18.76
CA ALA B 741 -38.53 10.84 -19.83
C ALA B 741 -38.85 12.24 -20.35
N ALA B 742 -40.13 12.54 -20.56
CA ALA B 742 -40.51 13.88 -21.02
C ALA B 742 -40.07 14.93 -20.01
N GLU B 743 -40.19 14.61 -18.72
CA GLU B 743 -39.74 15.54 -17.69
C GLU B 743 -38.22 15.73 -17.71
N GLY B 744 -37.48 14.63 -17.94
CA GLY B 744 -36.04 14.76 -18.09
C GLY B 744 -35.66 15.70 -19.24
N VAL B 745 -36.37 15.57 -20.37
CA VAL B 745 -36.09 16.45 -21.51
C VAL B 745 -36.48 17.88 -21.18
N ARG B 746 -37.60 18.09 -20.48
CA ARG B 746 -37.93 19.45 -20.05
C ARG B 746 -36.79 20.06 -19.24
N ILE B 747 -36.23 19.27 -18.33
CA ILE B 747 -35.19 19.81 -17.44
C ILE B 747 -33.91 20.08 -18.21
N LEU B 748 -33.52 19.18 -19.11
CA LEU B 748 -32.29 19.44 -19.89
C LEU B 748 -32.46 20.64 -20.81
N ARG B 749 -33.65 20.79 -21.42
CA ARG B 749 -33.87 21.97 -22.25
C ARG B 749 -33.85 23.25 -21.41
N GLU B 750 -34.45 23.21 -20.22
CA GLU B 750 -34.44 24.39 -19.36
C GLU B 750 -33.03 24.76 -18.95
N ALA B 751 -32.17 23.75 -18.80
CA ALA B 751 -30.78 23.94 -18.43
C ALA B 751 -29.91 24.46 -19.57
N GLY B 752 -30.44 24.51 -20.79
CA GLY B 752 -29.68 25.10 -21.89
C GLY B 752 -29.48 24.21 -23.10
N ILE B 753 -29.90 22.94 -23.09
CA ILE B 753 -29.75 22.11 -24.29
C ILE B 753 -30.77 22.59 -25.33
N PRO B 754 -30.31 23.00 -26.52
CA PRO B 754 -31.25 23.53 -27.52
C PRO B 754 -32.23 22.45 -27.98
N ALA B 755 -33.42 22.87 -28.41
CA ALA B 755 -34.42 21.90 -28.86
C ALA B 755 -33.90 21.07 -30.03
N SER B 756 -33.12 21.68 -30.93
CA SER B 756 -32.56 20.92 -32.04
C SER B 756 -31.53 19.89 -31.59
N ALA B 757 -30.91 20.05 -30.41
CA ALA B 757 -29.94 19.09 -29.91
C ALA B 757 -30.55 17.96 -29.08
N LEU B 758 -31.80 18.08 -28.65
CA LEU B 758 -32.41 17.04 -27.81
C LEU B 758 -33.90 16.96 -28.16
N GLN B 759 -34.24 15.93 -28.92
CA GLN B 759 -35.61 15.66 -29.33
C GLN B 759 -36.10 14.39 -28.66
N LEU B 760 -37.38 14.37 -28.26
CA LEU B 760 -38.00 13.24 -27.57
C LEU B 760 -38.96 12.55 -28.51
N LEU B 761 -38.82 11.22 -28.68
CA LEU B 761 -39.67 10.44 -29.58
C LEU B 761 -40.29 9.29 -28.80
N PRO B 762 -41.39 9.53 -28.10
CA PRO B 762 -42.06 8.42 -27.40
C PRO B 762 -42.60 7.39 -28.39
N GLY B 763 -42.66 6.16 -27.92
CA GLY B 763 -43.30 5.11 -28.70
C GLY B 763 -42.65 3.77 -28.42
N ASP B 764 -43.02 2.79 -29.23
CA ASP B 764 -42.61 1.42 -28.98
C ASP B 764 -41.34 1.12 -29.78
N GLY B 765 -41.02 -0.18 -29.92
CA GLY B 765 -39.78 -0.54 -30.56
C GLY B 765 -39.74 -0.25 -32.06
N ARG B 766 -40.90 -0.07 -32.70
CA ARG B 766 -40.89 0.37 -34.10
C ARG B 766 -40.36 1.80 -34.23
N VAL B 767 -40.64 2.66 -33.25
CA VAL B 767 -40.06 3.99 -33.26
C VAL B 767 -38.54 3.91 -33.06
N GLY B 768 -38.09 3.06 -32.12
CA GLY B 768 -36.66 2.88 -31.97
C GLY B 768 -36.02 2.39 -33.25
N ALA B 769 -36.66 1.43 -33.92
CA ALA B 769 -36.09 0.89 -35.14
C ALA B 769 -36.02 1.95 -36.25
N ALA B 770 -37.07 2.77 -36.37
CA ALA B 770 -37.04 3.83 -37.38
C ALA B 770 -35.89 4.79 -37.13
N LEU B 771 -35.63 5.09 -35.86
CA LEU B 771 -34.51 5.97 -35.54
C LEU B 771 -33.18 5.32 -35.90
N VAL B 772 -33.00 4.06 -35.51
CA VAL B 772 -31.74 3.37 -35.77
C VAL B 772 -31.44 3.30 -37.26
N ALA B 773 -32.46 3.04 -38.08
CA ALA B 773 -32.26 2.85 -39.52
C ALA B 773 -32.14 4.15 -40.29
N ALA B 774 -32.38 5.30 -39.66
CA ALA B 774 -32.34 6.56 -40.38
C ALA B 774 -30.95 6.85 -40.94
N ALA B 775 -30.92 7.55 -42.07
CA ALA B 775 -29.68 7.67 -42.84
C ALA B 775 -28.60 8.44 -42.07
N GLU B 776 -28.97 9.46 -41.31
CA GLU B 776 -28.02 10.34 -40.65
C GLU B 776 -27.62 9.88 -39.25
N THR B 777 -28.14 8.75 -38.77
CA THR B 777 -27.78 8.26 -37.44
C THR B 777 -26.30 7.87 -37.40
N ALA B 778 -25.58 8.44 -36.42
CA ALA B 778 -24.12 8.31 -36.33
C ALA B 778 -23.68 7.45 -35.15
N GLY B 779 -24.61 6.98 -34.34
CA GLY B 779 -24.28 6.12 -33.21
C GLY B 779 -25.56 5.80 -32.47
N VAL B 780 -25.52 4.69 -31.72
CA VAL B 780 -26.68 4.26 -30.94
C VAL B 780 -26.21 3.89 -29.54
N MET B 781 -26.95 4.36 -28.54
CA MET B 781 -26.76 3.98 -27.15
C MET B 781 -28.02 3.24 -26.72
N PHE B 782 -27.87 2.00 -26.26
CA PHE B 782 -29.02 1.13 -26.01
C PHE B 782 -28.86 0.43 -24.67
N THR B 783 -29.94 0.36 -23.91
CA THR B 783 -30.00 -0.46 -22.71
C THR B 783 -31.31 -1.22 -22.73
N GLY B 784 -31.22 -2.55 -22.60
CA GLY B 784 -32.39 -3.40 -22.72
C GLY B 784 -31.99 -4.84 -22.97
N SER B 785 -32.76 -5.55 -23.77
CA SER B 785 -32.57 -6.99 -23.97
C SER B 785 -31.42 -7.30 -24.93
N THR B 786 -30.82 -8.48 -24.72
CA THR B 786 -29.80 -8.97 -25.65
CA THR B 786 -29.80 -8.95 -25.64
C THR B 786 -30.36 -9.12 -27.05
N GLU B 787 -31.61 -9.61 -27.17
CA GLU B 787 -32.20 -9.84 -28.48
C GLU B 787 -32.30 -8.55 -29.28
N VAL B 788 -32.75 -7.47 -28.64
CA VAL B 788 -32.96 -6.24 -29.37
C VAL B 788 -31.63 -5.59 -29.70
N ALA B 789 -30.66 -5.67 -28.78
CA ALA B 789 -29.34 -5.13 -29.09
C ALA B 789 -28.77 -5.80 -30.34
N ARG B 790 -28.98 -7.12 -30.47
CA ARG B 790 -28.48 -7.81 -31.66
C ARG B 790 -29.17 -7.32 -32.91
N LEU B 791 -30.48 -7.09 -32.86
CA LEU B 791 -31.19 -6.55 -34.03
C LEU B 791 -30.63 -5.18 -34.41
N ILE B 792 -30.33 -4.36 -33.40
CA ILE B 792 -29.78 -3.03 -33.69
C ILE B 792 -28.40 -3.15 -34.33
N GLN B 793 -27.54 -4.02 -33.78
CA GLN B 793 -26.21 -4.22 -34.35
C GLN B 793 -26.29 -4.64 -35.81
N ALA B 794 -27.23 -5.53 -36.13
CA ALA B 794 -27.37 -5.97 -37.52
C ALA B 794 -27.78 -4.82 -38.43
N GLN B 795 -28.72 -3.99 -37.96
CA GLN B 795 -29.17 -2.88 -38.79
C GLN B 795 -28.05 -1.88 -39.02
N LEU B 796 -27.26 -1.58 -37.98
CA LEU B 796 -26.18 -0.61 -38.14
C LEU B 796 -25.10 -1.12 -39.08
N ALA B 797 -24.86 -2.43 -39.09
CA ALA B 797 -23.78 -2.97 -39.91
C ALA B 797 -24.06 -2.88 -41.39
N ASP B 798 -25.28 -2.54 -41.79
CA ASP B 798 -25.57 -2.34 -43.20
C ASP B 798 -24.96 -1.05 -43.73
N ARG B 799 -24.58 -0.12 -42.84
CA ARG B 799 -24.17 1.22 -43.24
C ARG B 799 -22.81 1.53 -42.65
N LEU B 800 -22.20 2.58 -43.16
CA LEU B 800 -20.97 3.13 -42.60
C LEU B 800 -21.18 4.60 -42.29
N SER B 801 -20.33 5.12 -41.39
CA SER B 801 -20.33 6.54 -41.11
C SER B 801 -19.93 7.32 -42.37
N PRO B 802 -20.16 8.63 -42.38
CA PRO B 802 -19.65 9.44 -43.50
C PRO B 802 -18.15 9.25 -43.74
N ALA B 803 -17.38 9.01 -42.69
CA ALA B 803 -15.95 8.78 -42.79
C ALA B 803 -15.60 7.34 -43.13
N GLY B 804 -16.58 6.51 -43.46
CA GLY B 804 -16.29 5.13 -43.86
C GLY B 804 -15.97 4.17 -42.74
N ARG B 805 -16.48 4.41 -41.53
CA ARG B 805 -16.17 3.61 -40.36
C ARG B 805 -17.45 3.00 -39.76
N PRO B 806 -17.35 1.87 -39.05
CA PRO B 806 -18.55 1.31 -38.43
C PRO B 806 -19.22 2.31 -37.49
N ILE B 807 -20.54 2.30 -37.50
CA ILE B 807 -21.34 3.17 -36.62
C ILE B 807 -21.31 2.58 -35.21
N PRO B 808 -20.93 3.36 -34.18
CA PRO B 808 -20.75 2.78 -32.85
C PRO B 808 -22.07 2.40 -32.19
N LEU B 809 -22.06 1.28 -31.48
CA LEU B 809 -23.18 0.87 -30.64
C LEU B 809 -22.63 0.64 -29.24
N ILE B 810 -23.23 1.32 -28.25
CA ILE B 810 -22.95 1.05 -26.84
C ILE B 810 -24.19 0.40 -26.29
N ALA B 811 -24.06 -0.85 -25.83
CA ALA B 811 -25.23 -1.63 -25.42
C ALA B 811 -24.97 -2.28 -24.07
N GLU B 812 -25.90 -2.08 -23.13
CA GLU B 812 -25.89 -2.83 -21.87
C GLU B 812 -27.11 -3.71 -21.84
N THR B 813 -26.91 -5.01 -21.65
CA THR B 813 -27.95 -5.99 -21.93
C THR B 813 -28.13 -7.00 -20.80
N GLY B 814 -27.91 -6.61 -19.56
CA GLY B 814 -28.36 -7.44 -18.45
C GLY B 814 -27.39 -8.52 -18.04
N GLY B 815 -27.89 -9.47 -17.26
CA GLY B 815 -26.99 -10.44 -16.65
C GLY B 815 -27.75 -11.63 -16.10
N GLN B 816 -26.99 -12.62 -15.69
CA GLN B 816 -27.47 -13.79 -14.95
C GLN B 816 -26.67 -13.86 -13.67
N ASN B 817 -26.93 -12.93 -12.75
CA ASN B 817 -25.95 -12.58 -11.73
C ASN B 817 -26.00 -13.52 -10.54
N ALA B 818 -24.84 -13.99 -10.11
CA ALA B 818 -24.71 -14.94 -9.02
C ALA B 818 -24.10 -14.28 -7.79
N MET B 819 -24.40 -14.85 -6.63
CA MET B 819 -23.70 -14.56 -5.40
C MET B 819 -23.26 -15.89 -4.80
N ILE B 820 -21.98 -16.00 -4.45
CA ILE B 820 -21.43 -17.20 -3.81
C ILE B 820 -21.21 -16.91 -2.33
N VAL B 821 -21.70 -17.81 -1.48
CA VAL B 821 -21.64 -17.69 -0.03
C VAL B 821 -20.98 -18.95 0.51
N ASP B 822 -19.90 -18.81 1.29
CA ASP B 822 -19.30 -19.97 1.92
C ASP B 822 -19.67 -20.02 3.41
N SER B 823 -19.15 -21.03 4.11
CA SER B 823 -19.57 -21.27 5.49
C SER B 823 -18.96 -20.28 6.49
N SER B 824 -18.09 -19.38 6.05
CA SER B 824 -17.55 -18.35 6.95
C SER B 824 -18.39 -17.09 6.94
N ALA B 825 -19.31 -16.94 5.99
CA ALA B 825 -20.12 -15.73 5.90
C ALA B 825 -21.08 -15.63 7.09
N LEU B 826 -21.42 -14.41 7.45
CA LEU B 826 -22.39 -14.16 8.53
C LEU B 826 -23.81 -14.24 7.96
N ALA B 827 -24.61 -15.18 8.47
CA ALA B 827 -25.90 -15.47 7.84
C ALA B 827 -26.81 -14.25 7.80
N GLU B 828 -26.89 -13.50 8.89
CA GLU B 828 -27.76 -12.32 8.93
C GLU B 828 -27.36 -11.31 7.86
N GLN B 829 -26.06 -11.12 7.65
CA GLN B 829 -25.61 -10.19 6.62
C GLN B 829 -25.95 -10.70 5.22
N VAL B 830 -25.72 -11.98 4.99
CA VAL B 830 -26.09 -12.61 3.72
C VAL B 830 -27.56 -12.39 3.45
N VAL B 831 -28.41 -12.71 4.43
CA VAL B 831 -29.84 -12.64 4.17
C VAL B 831 -30.26 -11.21 3.83
N GLY B 832 -29.77 -10.23 4.58
CA GLY B 832 -30.09 -8.85 4.25
C GLY B 832 -29.65 -8.47 2.84
N ASP B 833 -28.45 -8.89 2.44
CA ASP B 833 -27.96 -8.54 1.11
C ASP B 833 -28.66 -9.33 0.03
N VAL B 834 -29.15 -10.53 0.34
CA VAL B 834 -29.89 -11.30 -0.66
C VAL B 834 -31.27 -10.71 -0.87
N ILE B 835 -31.97 -10.37 0.23
CA ILE B 835 -33.31 -9.82 0.11
C ILE B 835 -33.29 -8.56 -0.73
N THR B 836 -32.30 -7.70 -0.48
CA THR B 836 -32.14 -6.48 -1.27
C THR B 836 -31.77 -6.80 -2.71
N SER B 837 -30.73 -7.61 -2.91
CA SER B 837 -30.23 -7.83 -4.27
C SER B 837 -31.26 -8.52 -5.16
N ALA B 838 -32.01 -9.47 -4.61
CA ALA B 838 -32.92 -10.26 -5.42
C ALA B 838 -34.28 -9.61 -5.62
N PHE B 839 -34.79 -8.89 -4.62
CA PHE B 839 -36.19 -8.51 -4.64
C PHE B 839 -36.45 -7.01 -4.58
N ASP B 840 -35.44 -6.19 -4.27
CA ASP B 840 -35.55 -4.76 -4.46
C ASP B 840 -35.97 -4.47 -5.89
N SER B 841 -36.89 -3.50 -6.05
CA SER B 841 -37.41 -3.10 -7.35
C SER B 841 -38.06 -4.28 -8.06
N ALA B 842 -38.60 -5.22 -7.28
CA ALA B 842 -39.22 -6.46 -7.77
C ALA B 842 -38.28 -7.21 -8.71
N GLY B 843 -36.97 -7.16 -8.40
CA GLY B 843 -35.97 -7.84 -9.19
C GLY B 843 -35.81 -7.30 -10.60
N GLN B 844 -36.27 -6.06 -10.84
CA GLN B 844 -36.24 -5.48 -12.18
C GLN B 844 -35.01 -4.60 -12.38
N ARG B 845 -33.88 -5.05 -11.86
CA ARG B 845 -32.58 -4.44 -12.08
C ARG B 845 -31.74 -5.35 -12.96
N ALA B 846 -31.01 -4.77 -13.91
CA ALA B 846 -30.01 -5.57 -14.62
C ALA B 846 -29.03 -6.24 -13.65
N SER B 847 -28.74 -5.58 -12.53
CA SER B 847 -27.79 -6.02 -11.52
C SER B 847 -28.38 -7.04 -10.53
N ALA B 848 -29.67 -7.33 -10.62
CA ALA B 848 -30.33 -8.10 -9.57
C ALA B 848 -29.72 -9.49 -9.41
N LEU B 849 -29.73 -9.98 -8.17
CA LEU B 849 -29.28 -11.33 -7.86
C LEU B 849 -30.23 -12.38 -8.42
N ARG B 850 -29.72 -13.25 -9.29
CA ARG B 850 -30.51 -14.29 -9.93
C ARG B 850 -30.23 -15.69 -9.41
N VAL B 851 -29.01 -15.97 -9.00
CA VAL B 851 -28.62 -17.31 -8.55
C VAL B 851 -27.82 -17.15 -7.27
N LEU B 852 -28.40 -17.60 -6.15
CA LEU B 852 -27.70 -17.65 -4.88
C LEU B 852 -27.05 -19.02 -4.73
N CYS B 853 -25.73 -19.04 -4.50
CA CYS B 853 -24.96 -20.28 -4.40
C CYS B 853 -24.48 -20.43 -2.96
N LEU B 854 -25.00 -21.44 -2.26
CA LEU B 854 -24.75 -21.60 -0.84
C LEU B 854 -23.94 -22.87 -0.59
N GLN B 855 -22.84 -22.74 0.16
CA GLN B 855 -22.08 -23.92 0.57
C GLN B 855 -23.01 -24.88 1.31
N GLU B 856 -22.87 -26.18 1.00
CA GLU B 856 -23.90 -27.16 1.37
C GLU B 856 -24.16 -27.16 2.87
N ASP B 857 -23.12 -26.98 3.67
CA ASP B 857 -23.29 -27.16 5.11
C ASP B 857 -23.90 -25.97 5.82
N VAL B 858 -24.08 -24.82 5.15
CA VAL B 858 -24.84 -23.73 5.71
C VAL B 858 -26.10 -23.42 4.94
N ALA B 859 -26.40 -24.18 3.87
CA ALA B 859 -27.51 -23.83 2.98
C ALA B 859 -28.85 -23.83 3.71
N ASP B 860 -29.10 -24.86 4.54
CA ASP B 860 -30.40 -24.98 5.18
C ASP B 860 -30.67 -23.82 6.14
N ARG B 861 -29.70 -23.49 6.98
CA ARG B 861 -29.94 -22.42 7.96
C ARG B 861 -30.12 -21.07 7.28
N ILE B 862 -29.33 -20.79 6.24
CA ILE B 862 -29.50 -19.52 5.52
C ILE B 862 -30.85 -19.48 4.81
N LEU B 863 -31.27 -20.61 4.22
CA LEU B 863 -32.58 -20.64 3.55
C LEU B 863 -33.71 -20.43 4.54
N THR B 864 -33.62 -21.03 5.73
CA THR B 864 -34.66 -20.82 6.73
C THR B 864 -34.75 -19.36 7.13
N MET B 865 -33.59 -18.72 7.35
CA MET B 865 -33.58 -17.31 7.72
C MET B 865 -34.09 -16.44 6.57
N LEU B 866 -33.69 -16.78 5.34
CA LEU B 866 -34.15 -16.03 4.16
C LEU B 866 -35.67 -16.11 4.04
N LYS B 867 -36.24 -17.30 4.19
CA LYS B 867 -37.68 -17.45 4.07
C LYS B 867 -38.40 -16.69 5.19
N GLY B 868 -37.85 -16.70 6.40
CA GLY B 868 -38.46 -15.92 7.47
C GLY B 868 -38.42 -14.44 7.21
N ALA B 869 -37.30 -13.94 6.67
CA ALA B 869 -37.20 -12.54 6.34
C ALA B 869 -38.15 -12.16 5.22
N LEU B 870 -38.34 -13.07 4.24
CA LEU B 870 -39.22 -12.77 3.13
C LEU B 870 -40.65 -12.56 3.60
N HIS B 871 -41.07 -13.32 4.62
CA HIS B 871 -42.44 -13.21 5.08
C HIS B 871 -42.72 -11.89 5.79
N GLU B 872 -41.71 -11.08 6.07
CA GLU B 872 -41.89 -9.78 6.68
C GLU B 872 -41.97 -8.64 5.67
N LEU B 873 -41.84 -8.94 4.37
CA LEU B 873 -41.93 -7.89 3.36
C LEU B 873 -43.37 -7.52 3.06
N HIS B 874 -43.57 -6.24 2.75
CA HIS B 874 -44.87 -5.70 2.39
C HIS B 874 -44.88 -5.41 0.89
N ILE B 875 -45.77 -6.07 0.16
CA ILE B 875 -45.87 -5.91 -1.30
C ILE B 875 -47.17 -5.16 -1.59
N GLY B 876 -47.08 -4.09 -2.39
CA GLY B 876 -48.29 -3.36 -2.74
C GLY B 876 -47.98 -2.12 -3.56
N ARG B 877 -49.03 -1.32 -3.77
CA ARG B 877 -48.87 -0.04 -4.48
C ARG B 877 -47.90 0.86 -3.71
N THR B 878 -46.96 1.46 -4.42
CA THR B 878 -45.75 2.01 -3.80
C THR B 878 -45.92 3.45 -3.31
N ASP B 879 -47.14 3.97 -3.20
CA ASP B 879 -47.31 5.30 -2.61
C ASP B 879 -47.53 5.25 -1.10
N ARG B 880 -47.00 4.23 -0.43
CA ARG B 880 -46.92 4.16 1.02
C ARG B 880 -45.48 3.83 1.40
N LEU B 881 -44.94 4.55 2.40
CA LEU B 881 -43.58 4.30 2.86
C LEU B 881 -43.40 2.86 3.32
N SER B 882 -44.45 2.23 3.86
CA SER B 882 -44.34 0.89 4.39
C SER B 882 -44.18 -0.19 3.32
N VAL B 883 -44.30 0.14 2.03
CA VAL B 883 -44.20 -0.89 0.99
C VAL B 883 -42.74 -1.16 0.67
N ASP B 884 -42.37 -2.43 0.70
CA ASP B 884 -41.00 -2.87 0.42
C ASP B 884 -40.80 -3.22 -1.05
N VAL B 885 -41.79 -3.87 -1.66
CA VAL B 885 -41.68 -4.38 -3.02
C VAL B 885 -42.95 -3.98 -3.77
N GLY B 886 -42.80 -3.34 -4.92
CA GLY B 886 -43.92 -2.95 -5.73
C GLY B 886 -44.20 -3.90 -6.86
N PRO B 887 -44.97 -3.44 -7.84
CA PRO B 887 -45.40 -4.29 -8.95
C PRO B 887 -44.28 -4.49 -9.97
N VAL B 888 -44.52 -5.48 -10.86
CA VAL B 888 -43.73 -5.56 -12.08
C VAL B 888 -44.40 -4.68 -13.13
N ILE B 889 -43.66 -4.35 -14.19
CA ILE B 889 -44.02 -3.15 -14.97
C ILE B 889 -45.30 -3.34 -15.79
N THR B 890 -45.56 -4.54 -16.30
CA THR B 890 -46.71 -4.79 -17.18
C THR B 890 -47.28 -6.17 -16.95
N SER B 891 -48.47 -6.40 -17.53
CA SER B 891 -49.05 -7.73 -17.57
C SER B 891 -48.18 -8.68 -18.36
N GLU B 892 -47.60 -8.21 -19.47
CA GLU B 892 -46.70 -9.03 -20.28
C GLU B 892 -45.51 -9.51 -19.46
N ALA B 893 -44.89 -8.59 -18.71
CA ALA B 893 -43.77 -8.99 -17.86
C ALA B 893 -44.21 -10.01 -16.83
N LYS B 894 -45.35 -9.76 -16.19
CA LYS B 894 -45.85 -10.68 -15.19
C LYS B 894 -46.08 -12.07 -15.79
N ASP B 895 -46.70 -12.13 -16.97
CA ASP B 895 -46.94 -13.42 -17.60
C ASP B 895 -45.63 -14.13 -17.96
N ASN B 896 -44.63 -13.37 -18.41
CA ASN B 896 -43.35 -13.97 -18.78
C ASN B 896 -42.67 -14.59 -17.56
N ILE B 897 -42.67 -13.85 -16.45
CA ILE B 897 -42.09 -14.34 -15.19
C ILE B 897 -42.83 -15.57 -14.72
N GLU B 898 -44.17 -15.50 -14.70
CA GLU B 898 -44.95 -16.63 -14.22
C GLU B 898 -44.78 -17.85 -15.10
N LYS B 899 -44.59 -17.67 -16.42
CA LYS B 899 -44.39 -18.82 -17.30
C LYS B 899 -43.13 -19.58 -16.90
N HIS B 900 -42.07 -18.86 -16.57
CA HIS B 900 -40.85 -19.51 -16.08
C HIS B 900 -41.09 -20.21 -14.75
N ILE B 901 -41.76 -19.54 -13.82
CA ILE B 901 -42.02 -20.14 -12.52
C ILE B 901 -42.80 -21.44 -12.68
N GLU B 902 -43.84 -21.42 -13.52
CA GLU B 902 -44.63 -22.63 -13.72
C GLU B 902 -43.86 -23.71 -14.47
N ARG B 903 -42.97 -23.32 -15.39
CA ARG B 903 -42.13 -24.31 -16.04
C ARG B 903 -41.19 -24.98 -15.05
N MET B 904 -40.60 -24.20 -14.15
CA MET B 904 -39.75 -24.78 -13.10
C MET B 904 -40.57 -25.71 -12.22
N ARG B 905 -41.77 -25.30 -11.85
CA ARG B 905 -42.62 -26.16 -11.04
C ARG B 905 -42.98 -27.44 -11.79
N GLY B 906 -43.35 -27.33 -13.07
CA GLY B 906 -43.73 -28.50 -13.84
C GLY B 906 -42.61 -29.50 -14.03
N LEU B 907 -41.36 -29.02 -14.06
CA LEU B 907 -40.20 -29.90 -14.09
C LEU B 907 -39.87 -30.50 -12.73
N GLY B 908 -40.61 -30.16 -11.69
CA GLY B 908 -40.41 -30.74 -10.38
C GLY B 908 -39.45 -30.02 -9.47
N ARG B 909 -38.99 -28.83 -9.84
CA ARG B 909 -38.14 -28.06 -8.95
C ARG B 909 -38.97 -27.50 -7.80
N LYS B 910 -38.33 -27.34 -6.65
CA LYS B 910 -38.99 -26.78 -5.48
C LYS B 910 -39.16 -25.27 -5.65
N VAL B 911 -40.39 -24.79 -5.51
CA VAL B 911 -40.77 -23.40 -5.73
C VAL B 911 -41.52 -22.91 -4.51
N GLU B 912 -41.02 -21.86 -3.87
CA GLU B 912 -41.67 -21.23 -2.72
C GLU B 912 -41.97 -19.77 -3.02
N GLN B 913 -43.17 -19.31 -2.64
CA GLN B 913 -43.56 -17.91 -2.77
C GLN B 913 -44.21 -17.43 -1.49
N ILE B 914 -44.27 -16.10 -1.35
CA ILE B 914 -45.03 -15.48 -0.28
C ILE B 914 -46.39 -15.04 -0.81
N GLY B 915 -47.33 -14.80 0.10
CA GLY B 915 -48.69 -14.45 -0.28
C GLY B 915 -48.84 -12.96 -0.57
N LEU B 916 -49.77 -12.65 -1.46
CA LEU B 916 -50.04 -11.28 -1.87
C LEU B 916 -51.40 -10.84 -1.32
N ALA B 917 -51.48 -9.59 -0.89
CA ALA B 917 -52.73 -9.03 -0.39
C ALA B 917 -53.74 -8.86 -1.52
N SER B 918 -55.03 -8.91 -1.17
CA SER B 918 -56.07 -8.77 -2.17
C SER B 918 -55.93 -7.47 -2.96
N GLU B 919 -55.39 -6.42 -2.32
CA GLU B 919 -55.27 -5.13 -2.97
C GLU B 919 -54.35 -5.16 -4.19
N THR B 920 -53.51 -6.19 -4.32
CA THR B 920 -52.63 -6.26 -5.49
C THR B 920 -53.36 -6.64 -6.77
N GLY B 921 -54.60 -7.12 -6.68
CA GLY B 921 -55.31 -7.55 -7.87
C GLY B 921 -55.55 -6.47 -8.90
N VAL B 922 -55.55 -5.20 -8.48
CA VAL B 922 -55.78 -4.10 -9.43
C VAL B 922 -54.53 -3.69 -10.18
N GLY B 923 -53.37 -4.24 -9.83
CA GLY B 923 -52.13 -3.99 -10.54
C GLY B 923 -51.49 -5.28 -11.01
N THR B 924 -50.23 -5.23 -11.42
CA THR B 924 -49.53 -6.41 -11.92
C THR B 924 -48.38 -6.75 -10.97
N PHE B 925 -48.61 -7.72 -10.07
CA PHE B 925 -47.62 -8.09 -9.07
C PHE B 925 -47.20 -9.54 -9.23
N VAL B 926 -45.93 -9.78 -8.93
CA VAL B 926 -45.37 -11.12 -8.75
C VAL B 926 -44.77 -11.18 -7.36
N PRO B 927 -45.14 -12.15 -6.52
CA PRO B 927 -44.53 -12.22 -5.20
C PRO B 927 -43.08 -12.67 -5.27
N PRO B 928 -42.24 -12.24 -4.33
CA PRO B 928 -40.90 -12.81 -4.21
C PRO B 928 -40.94 -14.34 -4.19
N THR B 929 -40.09 -14.94 -5.03
CA THR B 929 -40.13 -16.37 -5.32
C THR B 929 -38.71 -16.95 -5.20
N ILE B 930 -38.63 -18.14 -4.61
CA ILE B 930 -37.37 -18.89 -4.48
C ILE B 930 -37.52 -20.24 -5.16
N ILE B 931 -36.57 -20.56 -6.03
CA ILE B 931 -36.61 -21.79 -6.84
C ILE B 931 -35.29 -22.51 -6.67
N GLU B 932 -35.33 -23.76 -6.19
CA GLU B 932 -34.12 -24.54 -5.99
C GLU B 932 -33.76 -25.26 -7.29
N LEU B 933 -32.53 -25.08 -7.73
CA LEU B 933 -32.03 -25.73 -8.94
C LEU B 933 -31.08 -26.86 -8.56
N GLU B 934 -30.97 -27.83 -9.47
CA GLU B 934 -29.95 -28.86 -9.31
C GLU B 934 -28.61 -28.39 -9.87
N LYS B 935 -28.64 -27.56 -10.90
CA LYS B 935 -27.44 -27.09 -11.56
C LYS B 935 -27.75 -25.75 -12.21
N LEU B 936 -26.74 -24.87 -12.24
CA LEU B 936 -26.98 -23.55 -12.81
C LEU B 936 -27.47 -23.65 -14.25
N SER B 937 -27.02 -24.67 -15.00
CA SER B 937 -27.48 -24.84 -16.37
C SER B 937 -28.97 -25.13 -16.48
N ASP B 938 -29.66 -25.39 -15.36
CA ASP B 938 -31.12 -25.49 -15.40
C ASP B 938 -31.78 -24.15 -15.71
N LEU B 939 -31.05 -23.06 -15.53
CA LEU B 939 -31.55 -21.71 -15.78
C LEU B 939 -31.00 -21.26 -17.13
N GLN B 940 -31.89 -21.05 -18.11
CA GLN B 940 -31.47 -20.87 -19.49
C GLN B 940 -31.76 -19.49 -20.06
N ARG B 941 -32.42 -18.60 -19.31
CA ARG B 941 -32.66 -17.26 -19.81
C ARG B 941 -32.76 -16.31 -18.61
N GLU B 942 -32.59 -15.02 -18.87
CA GLU B 942 -32.74 -14.02 -17.82
C GLU B 942 -34.23 -13.88 -17.51
N VAL B 943 -34.61 -14.07 -16.24
CA VAL B 943 -35.99 -13.92 -15.80
C VAL B 943 -36.06 -12.63 -14.99
N PHE B 944 -36.67 -11.60 -15.58
CA PHE B 944 -36.51 -10.22 -15.12
C PHE B 944 -37.59 -9.86 -14.10
N GLY B 945 -37.51 -10.52 -12.95
CA GLY B 945 -38.54 -10.40 -11.94
C GLY B 945 -38.00 -10.80 -10.59
N PRO B 946 -38.87 -10.84 -9.58
CA PRO B 946 -38.41 -11.14 -8.21
C PRO B 946 -38.30 -12.64 -7.97
N VAL B 947 -37.39 -13.29 -8.70
CA VAL B 947 -37.28 -14.75 -8.73
C VAL B 947 -35.83 -15.13 -8.46
N LEU B 948 -35.58 -15.66 -7.26
CA LEU B 948 -34.25 -16.05 -6.84
C LEU B 948 -34.09 -17.55 -7.03
N HIS B 949 -33.05 -17.95 -7.73
CA HIS B 949 -32.71 -19.36 -7.87
C HIS B 949 -31.60 -19.68 -6.88
N VAL B 950 -31.64 -20.90 -6.33
CA VAL B 950 -30.69 -21.28 -5.29
C VAL B 950 -30.02 -22.58 -5.70
N ILE B 951 -28.70 -22.63 -5.60
CA ILE B 951 -27.99 -23.88 -5.78
C ILE B 951 -27.06 -24.10 -4.59
N ARG B 952 -26.85 -25.37 -4.26
CA ARG B 952 -25.97 -25.75 -3.17
C ARG B 952 -24.71 -26.35 -3.75
N TYR B 953 -23.57 -26.13 -3.09
CA TYR B 953 -22.32 -26.63 -3.63
C TYR B 953 -21.40 -27.13 -2.53
N ARG B 954 -20.55 -28.08 -2.89
CA ARG B 954 -19.48 -28.53 -1.99
C ARG B 954 -18.28 -27.62 -2.15
N ARG B 955 -17.62 -27.28 -1.03
CA ARG B 955 -16.51 -26.32 -1.12
C ARG B 955 -15.43 -26.80 -2.07
N ASP B 956 -15.22 -28.13 -2.18
CA ASP B 956 -14.25 -28.67 -3.11
C ASP B 956 -14.59 -28.35 -4.56
N ASP B 957 -15.86 -28.09 -4.86
CA ASP B 957 -16.31 -27.80 -6.21
C ASP B 957 -16.38 -26.31 -6.51
N LEU B 958 -15.80 -25.46 -5.65
CA LEU B 958 -15.92 -24.01 -5.83
C LEU B 958 -15.42 -23.58 -7.20
N ASP B 959 -14.27 -24.10 -7.64
CA ASP B 959 -13.74 -23.67 -8.93
C ASP B 959 -14.66 -24.07 -10.08
N ARG B 960 -15.26 -25.27 -10.00
CA ARG B 960 -16.22 -25.69 -11.02
C ARG B 960 -17.48 -24.83 -10.98
N LEU B 961 -17.90 -24.43 -9.78
CA LEU B 961 -19.04 -23.54 -9.65
C LEU B 961 -18.78 -22.19 -10.32
N VAL B 962 -17.56 -21.66 -10.20
CA VAL B 962 -17.23 -20.42 -10.88
C VAL B 962 -17.34 -20.61 -12.38
N ASP B 963 -16.86 -21.74 -12.89
CA ASP B 963 -17.07 -22.09 -14.31
C ASP B 963 -18.54 -22.05 -14.68
N ASP B 964 -19.38 -22.66 -13.83
CA ASP B 964 -20.82 -22.71 -14.11
C ASP B 964 -21.41 -21.31 -14.19
N VAL B 965 -20.98 -20.41 -13.31
CA VAL B 965 -21.44 -19.03 -13.37
C VAL B 965 -20.99 -18.38 -14.67
N ASN B 966 -19.71 -18.52 -15.01
CA ASN B 966 -19.22 -17.91 -16.25
C ASN B 966 -19.89 -18.52 -17.48
N ALA B 967 -20.34 -19.78 -17.38
CA ALA B 967 -20.82 -20.51 -18.56
C ALA B 967 -22.13 -19.97 -19.11
N THR B 968 -22.86 -19.14 -18.36
CA THR B 968 -24.08 -18.56 -18.92
C THR B 968 -23.76 -17.64 -20.09
N GLY B 969 -22.52 -17.15 -20.18
CA GLY B 969 -22.14 -16.18 -21.17
C GLY B 969 -22.35 -14.73 -20.76
N TYR B 970 -23.05 -14.48 -19.66
CA TYR B 970 -23.21 -13.15 -19.08
C TYR B 970 -22.04 -12.82 -18.15
N GLY B 971 -21.95 -11.56 -17.76
CA GLY B 971 -20.89 -11.15 -16.85
C GLY B 971 -21.09 -9.73 -16.39
N LEU B 972 -22.21 -9.47 -15.72
CA LEU B 972 -22.52 -8.13 -15.24
C LEU B 972 -22.12 -7.98 -13.77
N THR B 973 -23.00 -8.34 -12.84
CA THR B 973 -22.65 -8.22 -11.42
C THR B 973 -22.39 -9.61 -10.83
N PHE B 974 -21.62 -9.61 -9.75
CA PHE B 974 -21.29 -10.84 -9.03
C PHE B 974 -21.00 -10.51 -7.58
N GLY B 975 -21.51 -11.31 -6.66
CA GLY B 975 -21.27 -11.13 -5.25
C GLY B 975 -20.57 -12.30 -4.60
N LEU B 976 -19.73 -12.00 -3.60
CA LEU B 976 -19.07 -13.04 -2.82
C LEU B 976 -19.18 -12.65 -1.34
N HIS B 977 -19.68 -13.59 -0.53
CA HIS B 977 -19.72 -13.41 0.92
C HIS B 977 -18.82 -14.46 1.52
N THR B 978 -17.70 -14.01 2.10
CA THR B 978 -16.72 -14.86 2.75
C THR B 978 -15.85 -13.97 3.61
N ARG B 979 -15.33 -14.54 4.70
CA ARG B 979 -14.36 -13.84 5.51
C ARG B 979 -12.92 -14.25 5.19
N LEU B 980 -12.71 -15.13 4.23
CA LEU B 980 -11.42 -15.79 4.03
C LEU B 980 -10.71 -15.22 2.82
N ASP B 981 -9.52 -14.65 3.04
CA ASP B 981 -8.76 -14.02 1.96
C ASP B 981 -8.45 -14.99 0.82
N GLU B 982 -8.14 -16.26 1.14
CA GLU B 982 -7.82 -17.21 0.07
C GLU B 982 -9.02 -17.42 -0.84
N THR B 983 -10.23 -17.48 -0.26
CA THR B 983 -11.43 -17.61 -1.09
C THR B 983 -11.68 -16.36 -1.93
N ILE B 984 -11.45 -15.19 -1.34
CA ILE B 984 -11.58 -13.95 -2.11
C ILE B 984 -10.62 -13.95 -3.30
N ALA B 985 -9.36 -14.29 -3.06
CA ALA B 985 -8.38 -14.28 -4.16
C ALA B 985 -8.77 -15.28 -5.23
N HIS B 986 -9.15 -16.50 -4.83
CA HIS B 986 -9.52 -17.54 -5.79
C HIS B 986 -10.69 -17.06 -6.63
N VAL B 987 -11.78 -16.69 -5.98
CA VAL B 987 -13.01 -16.40 -6.72
C VAL B 987 -12.85 -15.16 -7.60
N THR B 988 -12.27 -14.08 -7.05
CA THR B 988 -12.14 -12.87 -7.87
C THR B 988 -11.14 -13.03 -9.01
N SER B 989 -10.21 -13.99 -8.93
CA SER B 989 -9.28 -14.25 -10.03
C SER B 989 -9.91 -15.10 -11.13
N ARG B 990 -11.03 -15.77 -10.86
CA ARG B 990 -11.60 -16.71 -11.84
C ARG B 990 -12.94 -16.26 -12.38
N ILE B 991 -13.69 -15.43 -11.65
CA ILE B 991 -14.98 -14.96 -12.13
C ILE B 991 -14.75 -13.95 -13.26
N LYS B 992 -15.66 -13.95 -14.23
CA LYS B 992 -15.55 -13.05 -15.38
C LYS B 992 -16.79 -12.16 -15.41
N ALA B 993 -16.79 -11.12 -14.57
CA ALA B 993 -17.89 -10.18 -14.49
C ALA B 993 -17.34 -8.78 -14.31
N GLY B 994 -18.14 -7.79 -14.70
CA GLY B 994 -17.66 -6.42 -14.71
C GLY B 994 -17.74 -5.70 -13.38
N ASN B 995 -18.69 -6.08 -12.53
CA ASN B 995 -18.93 -5.42 -11.25
C ASN B 995 -18.94 -6.50 -10.17
N LEU B 996 -17.88 -6.53 -9.38
CA LEU B 996 -17.73 -7.48 -8.29
C LEU B 996 -18.05 -6.79 -6.98
N TYR B 997 -18.66 -7.55 -6.05
CA TYR B 997 -19.05 -7.02 -4.74
C TYR B 997 -18.68 -8.03 -3.69
N ILE B 998 -17.97 -7.60 -2.65
CA ILE B 998 -17.49 -8.50 -1.62
CA ILE B 998 -17.47 -8.48 -1.61
C ILE B 998 -18.11 -8.08 -0.30
N ASN B 999 -18.89 -9.00 0.29
CA ASN B 999 -19.49 -8.82 1.61
C ASN B 999 -20.48 -7.65 1.67
N ARG B 1000 -21.22 -7.47 0.57
CA ARG B 1000 -22.28 -6.47 0.48
C ARG B 1000 -23.26 -6.92 -0.59
N ASN B 1001 -24.31 -6.12 -0.81
CA ASN B 1001 -25.25 -6.45 -1.87
C ASN B 1001 -24.60 -6.14 -3.23
N ILE B 1002 -25.28 -6.56 -4.30
CA ILE B 1002 -24.70 -6.44 -5.65
C ILE B 1002 -25.45 -5.45 -6.51
N ILE B 1003 -26.27 -4.59 -5.92
CA ILE B 1003 -27.09 -3.65 -6.66
C ILE B 1003 -26.69 -2.22 -6.31
N GLY B 1004 -27.25 -1.27 -7.05
CA GLY B 1004 -27.05 0.12 -6.71
C GLY B 1004 -25.65 0.63 -6.95
N ALA B 1005 -25.01 0.17 -8.03
CA ALA B 1005 -23.72 0.74 -8.43
C ALA B 1005 -23.81 2.26 -8.51
N VAL B 1006 -22.75 2.91 -8.04
CA VAL B 1006 -22.70 4.36 -7.91
C VAL B 1006 -21.79 4.94 -8.98
N VAL B 1007 -22.29 5.96 -9.69
CA VAL B 1007 -21.54 6.61 -10.76
C VAL B 1007 -20.17 7.05 -10.25
N GLY B 1008 -19.13 6.73 -11.02
CA GLY B 1008 -17.77 7.13 -10.71
C GLY B 1008 -17.14 6.45 -9.51
N VAL B 1009 -17.86 5.53 -8.86
CA VAL B 1009 -17.37 4.80 -7.71
C VAL B 1009 -17.35 3.30 -7.98
N GLN B 1010 -18.46 2.76 -8.48
CA GLN B 1010 -18.50 1.47 -9.16
C GLN B 1010 -18.98 1.68 -10.59
N PRO B 1011 -18.11 2.18 -11.48
CA PRO B 1011 -18.46 2.26 -12.90
C PRO B 1011 -19.10 0.94 -13.34
N PHE B 1012 -20.20 1.04 -14.08
CA PHE B 1012 -21.13 -0.07 -14.21
C PHE B 1012 -21.17 -0.60 -15.64
N GLY B 1013 -20.97 -1.90 -15.80
CA GLY B 1013 -21.12 -2.57 -17.06
C GLY B 1013 -20.26 -3.81 -17.09
N GLY B 1014 -20.62 -4.72 -17.99
CA GLY B 1014 -19.92 -5.99 -18.03
C GLY B 1014 -19.47 -6.40 -19.42
N ARG B 1015 -19.34 -7.71 -19.61
CA ARG B 1015 -18.77 -8.30 -20.80
C ARG B 1015 -19.68 -9.42 -21.28
N GLY B 1016 -19.30 -10.06 -22.38
CA GLY B 1016 -20.10 -11.18 -22.87
C GLY B 1016 -21.48 -10.72 -23.30
N LEU B 1017 -22.50 -11.51 -22.95
CA LEU B 1017 -23.90 -11.19 -23.24
C LEU B 1017 -24.42 -10.02 -22.42
N SER B 1018 -23.61 -9.46 -21.51
CA SER B 1018 -24.01 -8.31 -20.72
C SER B 1018 -23.75 -6.99 -21.43
N GLY B 1019 -23.01 -6.98 -22.52
CA GLY B 1019 -22.96 -5.80 -23.35
C GLY B 1019 -21.58 -5.55 -23.92
N THR B 1020 -21.44 -4.38 -24.53
CA THR B 1020 -20.26 -3.98 -25.27
C THR B 1020 -19.24 -3.22 -24.44
N GLY B 1021 -19.67 -2.57 -23.37
CA GLY B 1021 -18.88 -1.52 -22.78
C GLY B 1021 -18.84 -0.32 -23.71
N PRO B 1022 -18.14 0.73 -23.31
CA PRO B 1022 -17.45 0.91 -22.03
C PRO B 1022 -18.44 1.12 -20.88
N LYS B 1023 -17.97 1.07 -19.64
CA LYS B 1023 -18.82 1.18 -18.47
C LYS B 1023 -19.48 2.56 -18.38
N ALA B 1024 -20.79 2.56 -18.09
CA ALA B 1024 -21.49 3.80 -17.74
C ALA B 1024 -20.95 4.33 -16.42
N GLY B 1025 -20.87 5.65 -16.31
CA GLY B 1025 -20.37 6.20 -15.08
C GLY B 1025 -18.90 5.92 -14.85
N GLY B 1026 -18.17 5.68 -15.93
CA GLY B 1026 -16.75 5.41 -15.86
C GLY B 1026 -15.98 6.24 -16.89
N PRO B 1027 -14.65 6.17 -16.81
CA PRO B 1027 -13.83 7.16 -17.51
C PRO B 1027 -13.61 6.87 -18.99
N LEU B 1028 -13.96 5.70 -19.48
CA LEU B 1028 -13.84 5.41 -20.91
C LEU B 1028 -15.10 5.72 -21.70
N TYR B 1029 -16.18 6.13 -21.04
CA TYR B 1029 -17.49 6.19 -21.70
C TYR B 1029 -17.53 7.25 -22.79
N LEU B 1030 -17.09 8.48 -22.47
CA LEU B 1030 -17.24 9.57 -23.42
C LEU B 1030 -16.39 9.34 -24.67
N GLY B 1031 -15.27 8.62 -24.53
CA GLY B 1031 -14.39 8.42 -25.67
C GLY B 1031 -15.01 7.61 -26.78
N ARG B 1032 -16.06 6.85 -26.48
CA ARG B 1032 -16.77 6.13 -27.52
C ARG B 1032 -17.70 7.01 -28.34
N LEU B 1033 -17.97 8.23 -27.88
CA LEU B 1033 -18.97 9.09 -28.49
C LEU B 1033 -18.33 10.24 -29.26
N VAL B 1034 -17.03 10.14 -29.53
CA VAL B 1034 -16.29 11.07 -30.38
C VAL B 1034 -15.49 10.26 -31.39
N THR B 1035 -15.05 10.92 -32.46
CA THR B 1035 -14.36 10.19 -33.52
C THR B 1035 -12.91 9.92 -33.19
N THR B 1036 -12.29 10.73 -32.33
CA THR B 1036 -10.97 10.49 -31.79
C THR B 1036 -11.06 10.51 -30.26
N ALA B 1037 -10.73 9.38 -29.63
CA ALA B 1037 -10.89 9.30 -28.17
C ALA B 1037 -9.80 10.08 -27.45
N PRO B 1038 -10.13 10.77 -26.35
CA PRO B 1038 -9.11 11.38 -25.50
C PRO B 1038 -8.48 10.37 -24.57
N VAL B 1039 -7.44 10.83 -23.87
CA VAL B 1039 -6.82 10.07 -22.80
C VAL B 1039 -7.62 10.33 -21.53
N PRO B 1040 -8.30 9.33 -20.96
CA PRO B 1040 -9.08 9.60 -19.76
C PRO B 1040 -8.18 9.95 -18.58
N PRO B 1041 -8.73 10.62 -17.58
CA PRO B 1041 -7.98 10.84 -16.33
C PRO B 1041 -7.46 9.53 -15.75
N GLN B 1042 -6.21 9.58 -15.28
CA GLN B 1042 -5.53 8.48 -14.60
C GLN B 1042 -5.35 7.23 -15.46
N HIS B 1043 -5.53 7.35 -16.78
CA HIS B 1043 -5.54 6.19 -17.67
C HIS B 1043 -4.13 5.96 -18.20
N SER B 1044 -3.37 5.10 -17.51
CA SER B 1044 -2.02 4.72 -17.92
C SER B 1044 -1.64 3.48 -17.13
N SER B 1045 -0.54 2.86 -17.52
CA SER B 1045 0.00 1.71 -16.79
C SER B 1045 1.50 1.66 -17.00
N VAL B 1046 2.24 1.32 -15.94
CA VAL B 1046 3.69 1.17 -16.08
C VAL B 1046 4.07 -0.23 -16.56
N HIS B 1047 3.11 -1.13 -16.71
CA HIS B 1047 3.46 -2.49 -17.10
CA HIS B 1047 3.34 -2.53 -17.10
C HIS B 1047 3.43 -2.65 -18.61
N THR B 1048 4.33 -3.49 -19.10
CA THR B 1048 4.43 -3.79 -20.52
C THR B 1048 4.19 -5.28 -20.72
N ASP B 1049 3.29 -5.61 -21.64
CA ASP B 1049 2.99 -7.02 -21.87
C ASP B 1049 4.24 -7.73 -22.38
N PRO B 1050 4.61 -8.88 -21.80
CA PRO B 1050 5.87 -9.52 -22.22
C PRO B 1050 5.79 -10.15 -23.59
N VAL B 1051 4.61 -10.58 -24.03
CA VAL B 1051 4.49 -11.15 -25.37
C VAL B 1051 4.61 -10.05 -26.42
N LEU B 1052 4.02 -8.87 -26.15
CA LEU B 1052 4.30 -7.71 -27.00
C LEU B 1052 5.79 -7.48 -27.13
N LEU B 1053 6.53 -7.53 -26.01
CA LEU B 1053 7.97 -7.31 -26.08
C LEU B 1053 8.64 -8.35 -26.97
N ASP B 1054 8.28 -9.62 -26.83
CA ASP B 1054 8.84 -10.65 -27.68
C ASP B 1054 8.50 -10.42 -29.15
N PHE B 1055 7.27 -9.96 -29.42
CA PHE B 1055 6.87 -9.67 -30.80
C PHE B 1055 7.70 -8.53 -31.38
N ALA B 1056 7.94 -7.47 -30.59
CA ALA B 1056 8.74 -6.36 -31.08
C ALA B 1056 10.15 -6.79 -31.45
N LYS B 1057 10.76 -7.65 -30.63
CA LYS B 1057 12.11 -8.14 -30.94
C LYS B 1057 12.10 -8.97 -32.22
N TRP B 1058 11.08 -9.81 -32.38
CA TRP B 1058 10.92 -10.58 -33.61
C TRP B 1058 10.84 -9.66 -34.83
N LEU B 1059 10.03 -8.60 -34.74
CA LEU B 1059 9.94 -7.64 -35.84
C LEU B 1059 11.28 -6.97 -36.12
N ASP B 1060 12.03 -6.62 -35.07
CA ASP B 1060 13.36 -6.05 -35.25
C ASP B 1060 14.24 -7.00 -36.05
N GLY B 1061 14.19 -8.29 -35.73
CA GLY B 1061 15.05 -9.25 -36.41
C GLY B 1061 14.76 -9.34 -37.89
N LYS B 1062 13.50 -9.15 -38.27
CA LYS B 1062 13.08 -9.20 -39.67
C LYS B 1062 13.37 -7.92 -40.43
N GLY B 1063 13.87 -6.88 -39.77
CA GLY B 1063 14.03 -5.59 -40.39
C GLY B 1063 12.75 -4.79 -40.56
N ALA B 1064 11.66 -5.21 -39.90
CA ALA B 1064 10.39 -4.49 -39.98
C ALA B 1064 10.41 -3.36 -38.96
N ARG B 1065 11.23 -2.34 -39.27
CA ARG B 1065 11.58 -1.33 -38.28
C ARG B 1065 10.39 -0.44 -37.93
N ALA B 1066 9.59 -0.05 -38.93
CA ALA B 1066 8.40 0.75 -38.64
C ALA B 1066 7.42 -0.01 -37.76
N GLU B 1067 7.22 -1.31 -38.05
CA GLU B 1067 6.27 -2.08 -37.26
C GLU B 1067 6.80 -2.34 -35.86
N ALA B 1068 8.10 -2.56 -35.72
CA ALA B 1068 8.68 -2.75 -34.39
C ALA B 1068 8.52 -1.51 -33.54
N GLU B 1069 8.68 -0.33 -34.16
CA GLU B 1069 8.46 0.93 -33.46
C GLU B 1069 6.99 1.05 -33.04
N ALA B 1070 6.07 0.72 -33.94
CA ALA B 1070 4.66 0.75 -33.58
C ALA B 1070 4.36 -0.21 -32.44
N ALA B 1071 5.03 -1.37 -32.41
CA ALA B 1071 4.77 -2.33 -31.35
C ALA B 1071 5.27 -1.79 -30.01
N ARG B 1072 6.46 -1.21 -29.99
CA ARG B 1072 6.98 -0.63 -28.74
CA ARG B 1072 6.97 -0.66 -28.74
C ARG B 1072 6.08 0.49 -28.25
N ASN B 1073 5.59 1.32 -29.16
CA ASN B 1073 4.71 2.42 -28.76
C ASN B 1073 3.40 1.90 -28.22
N ALA B 1074 2.82 0.87 -28.86
CA ALA B 1074 1.62 0.24 -28.32
C ALA B 1074 1.88 -0.32 -26.93
N GLY B 1075 3.04 -0.94 -26.74
CA GLY B 1075 3.37 -1.52 -25.44
C GLY B 1075 3.36 -0.47 -24.35
N SER B 1076 3.87 0.73 -24.65
CA SER B 1076 3.88 1.79 -23.65
C SER B 1076 2.51 2.42 -23.48
N SER B 1077 1.79 2.67 -24.57
CA SER B 1077 0.56 3.44 -24.42
C SER B 1077 -0.60 2.60 -23.90
N SER B 1078 -0.48 1.27 -23.95
CA SER B 1078 -1.46 0.39 -23.35
C SER B 1078 -1.66 0.75 -21.88
N ALA B 1079 -2.92 0.73 -21.44
CA ALA B 1079 -3.21 0.89 -20.03
C ALA B 1079 -3.55 -0.44 -19.36
N LEU B 1080 -3.26 -1.55 -20.03
CA LEU B 1080 -3.36 -2.86 -19.38
C LEU B 1080 -2.57 -2.89 -18.07
N GLY B 1081 -3.22 -3.31 -16.97
CA GLY B 1081 -2.56 -3.34 -15.67
C GLY B 1081 -2.89 -2.14 -14.77
N LEU B 1082 -3.61 -1.15 -15.30
CA LEU B 1082 -4.11 -0.07 -14.46
CA LEU B 1082 -4.11 -0.07 -14.46
C LEU B 1082 -4.83 -0.63 -13.24
N ASP B 1083 -4.54 -0.04 -12.08
CA ASP B 1083 -5.11 -0.56 -10.82
C ASP B 1083 -5.29 0.63 -9.88
N LEU B 1084 -6.52 1.12 -9.79
CA LEU B 1084 -6.83 2.36 -9.08
C LEU B 1084 -7.80 2.09 -7.95
N GLU B 1085 -7.71 2.92 -6.90
CA GLU B 1085 -8.77 3.02 -5.91
C GLU B 1085 -9.52 4.32 -6.16
N LEU B 1086 -10.84 4.23 -6.29
CA LEU B 1086 -11.67 5.41 -6.56
C LEU B 1086 -12.21 6.00 -5.27
N PRO B 1087 -12.33 7.34 -5.21
CA PRO B 1087 -12.88 7.98 -4.00
C PRO B 1087 -14.33 7.58 -3.77
N GLY B 1088 -14.67 7.34 -2.51
CA GLY B 1088 -16.02 6.97 -2.15
C GLY B 1088 -16.23 7.05 -0.65
N PRO B 1089 -17.26 6.35 -0.16
CA PRO B 1089 -17.57 6.40 1.27
C PRO B 1089 -16.55 5.65 2.11
N VAL B 1090 -16.46 6.04 3.39
CA VAL B 1090 -15.66 5.27 4.33
C VAL B 1090 -16.26 3.88 4.49
N GLY B 1091 -15.44 2.95 4.97
CA GLY B 1091 -15.92 1.58 5.19
C GLY B 1091 -16.11 0.77 3.93
N GLU B 1092 -15.59 1.26 2.81
CA GLU B 1092 -15.69 0.58 1.53
C GLU B 1092 -14.39 0.86 0.76
N ARG B 1093 -13.93 -0.13 0.01
CA ARG B 1093 -12.80 0.07 -0.90
C ARG B 1093 -13.29 -0.22 -2.31
N ASN B 1094 -13.19 0.77 -3.17
CA ASN B 1094 -13.77 0.69 -4.51
C ASN B 1094 -12.63 0.75 -5.51
N LEU B 1095 -12.42 -0.36 -6.22
CA LEU B 1095 -11.27 -0.58 -7.08
C LEU B 1095 -11.69 -0.63 -8.55
N TYR B 1096 -10.77 -0.15 -9.41
CA TYR B 1096 -11.03 -0.13 -10.85
C TYR B 1096 -9.77 -0.60 -11.54
N THR B 1097 -9.89 -1.63 -12.39
CA THR B 1097 -8.71 -2.25 -12.98
C THR B 1097 -8.96 -2.50 -14.45
N LEU B 1098 -7.88 -2.52 -15.23
CA LEU B 1098 -7.99 -2.81 -16.66
C LEU B 1098 -7.23 -4.10 -16.97
N HIS B 1099 -7.94 -5.06 -17.57
CA HIS B 1099 -7.46 -6.39 -17.88
C HIS B 1099 -7.51 -6.62 -19.39
N ALA B 1100 -6.88 -7.72 -19.81
CA ALA B 1100 -7.03 -8.15 -21.20
C ALA B 1100 -8.50 -8.49 -21.46
N ARG B 1101 -8.94 -8.29 -22.71
CA ARG B 1101 -10.33 -8.59 -23.05
C ARG B 1101 -10.56 -10.06 -23.35
N GLY B 1102 -9.59 -10.73 -23.99
CA GLY B 1102 -9.77 -12.10 -24.43
C GLY B 1102 -9.09 -12.39 -25.74
N ARG B 1103 -9.81 -12.99 -26.70
CA ARG B 1103 -9.24 -13.27 -28.01
C ARG B 1103 -9.84 -12.29 -29.00
N ILE B 1104 -8.98 -11.54 -29.69
CA ILE B 1104 -9.42 -10.51 -30.63
C ILE B 1104 -9.43 -11.11 -32.04
N LEU B 1105 -10.53 -10.93 -32.75
CA LEU B 1105 -10.57 -11.32 -34.16
C LEU B 1105 -9.80 -10.30 -34.99
N LEU B 1106 -8.78 -10.76 -35.72
CA LEU B 1106 -8.00 -9.91 -36.60
C LEU B 1106 -8.39 -10.20 -38.05
N VAL B 1107 -8.79 -9.16 -38.77
CA VAL B 1107 -9.14 -9.28 -40.19
C VAL B 1107 -8.21 -8.36 -40.98
N PRO B 1108 -6.96 -8.78 -41.22
CA PRO B 1108 -6.03 -7.92 -41.96
C PRO B 1108 -6.22 -8.04 -43.47
N ALA B 1109 -5.67 -7.07 -44.17
CA ALA B 1109 -5.53 -7.12 -45.62
C ALA B 1109 -4.08 -7.27 -46.05
N THR B 1110 -3.15 -6.65 -45.34
CA THR B 1110 -1.74 -6.62 -45.72
C THR B 1110 -0.88 -7.12 -44.56
N GLU B 1111 0.34 -7.53 -44.92
CA GLU B 1111 1.27 -8.00 -43.90
C GLU B 1111 1.54 -6.93 -42.86
N SER B 1112 1.78 -5.70 -43.31
CA SER B 1112 2.06 -4.62 -42.36
C SER B 1112 0.84 -4.34 -41.49
N GLY B 1113 -0.36 -4.37 -42.08
CA GLY B 1113 -1.57 -4.20 -41.29
C GLY B 1113 -1.71 -5.28 -40.23
N LEU B 1114 -1.40 -6.53 -40.58
CA LEU B 1114 -1.43 -7.63 -39.62
C LEU B 1114 -0.46 -7.38 -38.46
N TYR B 1115 0.76 -6.96 -38.78
CA TYR B 1115 1.73 -6.67 -37.73
C TYR B 1115 1.23 -5.58 -36.79
N HIS B 1116 0.61 -4.53 -37.34
CA HIS B 1116 0.07 -3.46 -36.50
C HIS B 1116 -1.10 -3.96 -35.65
N GLN B 1117 -2.00 -4.76 -36.24
CA GLN B 1117 -3.12 -5.29 -35.47
C GLN B 1117 -2.62 -6.20 -34.36
N LEU B 1118 -1.67 -7.06 -34.66
CA LEU B 1118 -1.10 -7.95 -33.65
C LEU B 1118 -0.46 -7.14 -32.53
N ALA B 1119 0.28 -6.08 -32.87
CA ALA B 1119 0.90 -5.27 -31.82
C ALA B 1119 -0.15 -4.66 -30.90
N ALA B 1120 -1.23 -4.13 -31.47
CA ALA B 1120 -2.30 -3.55 -30.66
C ALA B 1120 -2.92 -4.59 -29.75
N ALA B 1121 -3.24 -5.78 -30.28
CA ALA B 1121 -3.86 -6.81 -29.46
C ALA B 1121 -2.92 -7.35 -28.40
N LEU B 1122 -1.64 -7.58 -28.76
CA LEU B 1122 -0.70 -8.14 -27.79
C LEU B 1122 -0.41 -7.15 -26.68
N ALA B 1123 -0.30 -5.87 -27.03
CA ALA B 1123 0.04 -4.84 -26.05
C ALA B 1123 -1.01 -4.72 -24.96
N THR B 1124 -2.24 -5.11 -25.27
CA THR B 1124 -3.34 -5.06 -24.33
C THR B 1124 -3.64 -6.44 -23.74
N GLY B 1125 -2.70 -7.38 -23.88
CA GLY B 1125 -2.77 -8.65 -23.17
C GLY B 1125 -3.61 -9.71 -23.83
N ASN B 1126 -4.08 -9.47 -25.04
CA ASN B 1126 -5.02 -10.38 -25.67
C ASN B 1126 -4.32 -11.48 -26.47
N SER B 1127 -5.08 -12.55 -26.73
CA SER B 1127 -4.73 -13.47 -27.80
C SER B 1127 -5.48 -13.05 -29.07
N VAL B 1128 -5.17 -13.72 -30.18
CA VAL B 1128 -5.80 -13.36 -31.44
C VAL B 1128 -6.26 -14.59 -32.20
N ALA B 1129 -7.26 -14.37 -33.06
CA ALA B 1129 -7.65 -15.31 -34.10
C ALA B 1129 -7.57 -14.54 -35.41
N ILE B 1130 -6.69 -14.95 -36.30
CA ILE B 1130 -6.42 -14.22 -37.53
C ILE B 1130 -7.24 -14.85 -38.65
N ASP B 1131 -7.92 -14.00 -39.42
CA ASP B 1131 -8.71 -14.48 -40.55
C ASP B 1131 -7.84 -15.23 -41.56
N ALA B 1132 -8.07 -16.54 -41.72
CA ALA B 1132 -7.28 -17.34 -42.64
C ALA B 1132 -7.49 -16.94 -44.09
N ALA B 1133 -8.63 -16.33 -44.41
CA ALA B 1133 -8.87 -15.91 -45.79
C ALA B 1133 -7.96 -14.77 -46.19
N SER B 1134 -7.29 -14.10 -45.24
CA SER B 1134 -6.35 -13.06 -45.59
C SER B 1134 -5.17 -13.58 -46.41
N GLY B 1135 -4.87 -14.87 -46.30
CA GLY B 1135 -3.75 -15.45 -47.03
C GLY B 1135 -2.39 -15.03 -46.52
N LEU B 1136 -2.30 -14.52 -45.29
CA LEU B 1136 -1.06 -13.96 -44.78
C LEU B 1136 -0.29 -14.93 -43.89
N GLN B 1137 -0.59 -16.24 -43.96
CA GLN B 1137 0.04 -17.21 -43.06
C GLN B 1137 1.56 -17.17 -43.12
N ALA B 1138 2.12 -16.96 -44.32
CA ALA B 1138 3.58 -16.94 -44.45
C ALA B 1138 4.22 -15.75 -43.76
N SER B 1139 3.44 -14.76 -43.33
CA SER B 1139 3.99 -13.57 -42.69
C SER B 1139 4.38 -13.79 -41.24
N LEU B 1140 3.94 -14.90 -40.63
CA LEU B 1140 4.29 -15.22 -39.24
C LEU B 1140 5.22 -16.43 -39.19
N LYS B 1141 6.13 -16.53 -40.16
CA LYS B 1141 7.12 -17.59 -40.15
C LYS B 1141 8.16 -17.33 -39.06
N ASN B 1142 8.44 -18.35 -38.26
CA ASN B 1142 9.48 -18.33 -37.23
C ASN B 1142 9.12 -17.43 -36.05
N LEU B 1143 7.84 -17.34 -35.71
CA LEU B 1143 7.42 -16.59 -34.53
C LEU B 1143 7.98 -17.23 -33.27
N PRO B 1144 8.35 -16.43 -32.26
CA PRO B 1144 8.71 -17.01 -30.96
C PRO B 1144 7.52 -17.78 -30.39
N GLN B 1145 7.84 -18.88 -29.68
CA GLN B 1145 6.78 -19.71 -29.11
C GLN B 1145 5.87 -18.91 -28.18
N THR B 1146 6.44 -17.91 -27.47
CA THR B 1146 5.61 -17.10 -26.59
C THR B 1146 4.55 -16.33 -27.38
N VAL B 1147 4.91 -15.84 -28.57
CA VAL B 1147 3.91 -15.13 -29.37
C VAL B 1147 2.99 -16.13 -30.06
N GLY B 1148 3.55 -17.20 -30.62
CA GLY B 1148 2.74 -18.16 -31.33
C GLY B 1148 1.64 -18.77 -30.48
N LEU B 1149 1.90 -18.96 -29.18
CA LEU B 1149 0.88 -19.54 -28.32
C LEU B 1149 -0.30 -18.61 -28.10
N ARG B 1150 -0.16 -17.32 -28.44
CA ARG B 1150 -1.29 -16.39 -28.41
C ARG B 1150 -1.98 -16.27 -29.76
N VAL B 1151 -1.51 -16.97 -30.79
CA VAL B 1151 -1.96 -16.77 -32.16
C VAL B 1151 -2.68 -18.02 -32.64
N SER B 1152 -3.88 -17.84 -33.16
CA SER B 1152 -4.55 -18.90 -33.90
C SER B 1152 -5.04 -18.32 -35.22
N TRP B 1153 -5.34 -19.20 -36.16
CA TRP B 1153 -5.87 -18.84 -37.46
C TRP B 1153 -7.27 -19.41 -37.56
N SER B 1154 -8.22 -18.60 -38.04
CA SER B 1154 -9.62 -19.04 -38.10
C SER B 1154 -10.13 -19.07 -39.53
N LYS B 1155 -10.65 -20.22 -39.93
CA LYS B 1155 -11.35 -20.38 -41.20
C LYS B 1155 -12.87 -20.45 -40.99
N ASP B 1156 -13.32 -20.13 -39.77
CA ASP B 1156 -14.73 -20.28 -39.40
C ASP B 1156 -14.91 -19.38 -38.16
N TRP B 1157 -15.24 -18.11 -38.39
CA TRP B 1157 -15.27 -17.14 -37.29
C TRP B 1157 -16.35 -17.51 -36.27
N ALA B 1158 -17.51 -17.96 -36.74
CA ALA B 1158 -18.59 -18.25 -35.80
C ALA B 1158 -18.29 -19.46 -34.93
N ALA B 1159 -17.57 -20.45 -35.46
CA ALA B 1159 -17.27 -21.64 -34.69
C ALA B 1159 -16.11 -21.42 -33.72
N ASP B 1160 -15.22 -20.49 -34.03
CA ASP B 1160 -13.99 -20.28 -33.27
C ASP B 1160 -14.13 -19.23 -32.19
N GLY B 1161 -15.26 -18.53 -32.13
CA GLY B 1161 -15.52 -17.58 -31.09
C GLY B 1161 -15.97 -18.25 -29.81
N PRO B 1162 -16.44 -17.45 -28.84
CA PRO B 1162 -16.67 -16.01 -28.94
C PRO B 1162 -15.38 -15.22 -28.87
N PHE B 1163 -15.33 -14.13 -29.60
CA PHE B 1163 -14.22 -13.19 -29.51
C PHE B 1163 -14.61 -12.06 -28.58
N ALA B 1164 -13.63 -11.21 -28.29
CA ALA B 1164 -13.82 -10.08 -27.37
C ALA B 1164 -13.69 -8.73 -28.06
N GLY B 1165 -13.53 -8.72 -29.38
CA GLY B 1165 -13.31 -7.50 -30.14
C GLY B 1165 -12.78 -7.87 -31.51
N ALA B 1166 -12.69 -6.88 -32.38
CA ALA B 1166 -12.21 -7.16 -33.72
C ALA B 1166 -11.48 -5.95 -34.29
N LEU B 1167 -10.42 -6.23 -35.04
CA LEU B 1167 -9.67 -5.20 -35.75
C LEU B 1167 -9.72 -5.54 -37.24
N VAL B 1168 -10.09 -4.57 -38.06
CA VAL B 1168 -10.31 -4.80 -39.48
C VAL B 1168 -9.50 -3.79 -40.29
N GLU B 1169 -8.88 -4.28 -41.36
CA GLU B 1169 -8.13 -3.46 -42.31
C GLU B 1169 -8.78 -3.61 -43.68
N GLY B 1170 -9.06 -2.50 -44.35
CA GLY B 1170 -9.57 -2.57 -45.70
C GLY B 1170 -10.17 -1.26 -46.17
N ASP B 1171 -10.66 -1.27 -47.40
CA ASP B 1171 -11.36 -0.10 -47.91
C ASP B 1171 -12.81 -0.12 -47.40
N ALA B 1172 -13.57 0.91 -47.79
CA ALA B 1172 -14.93 1.05 -47.30
C ALA B 1172 -15.76 -0.20 -47.59
N GLU B 1173 -15.67 -0.72 -48.82
CA GLU B 1173 -16.45 -1.90 -49.18
C GLU B 1173 -16.07 -3.12 -48.35
N ARG B 1174 -14.78 -3.34 -48.16
CA ARG B 1174 -14.30 -4.43 -47.30
C ARG B 1174 -14.78 -4.25 -45.86
N ILE B 1175 -14.70 -3.03 -45.33
CA ILE B 1175 -15.10 -2.81 -43.94
C ILE B 1175 -16.58 -3.12 -43.75
N ARG B 1176 -17.43 -2.65 -44.67
CA ARG B 1176 -18.85 -2.92 -44.56
C ARG B 1176 -19.14 -4.42 -44.59
N ALA B 1177 -18.47 -5.15 -45.49
CA ALA B 1177 -18.72 -6.58 -45.62
C ALA B 1177 -18.28 -7.32 -44.37
N VAL B 1178 -17.11 -6.95 -43.82
CA VAL B 1178 -16.64 -7.60 -42.61
C VAL B 1178 -17.53 -7.24 -41.44
N ASN B 1179 -17.91 -5.96 -41.34
CA ASN B 1179 -18.75 -5.52 -40.24
C ASN B 1179 -20.08 -6.26 -40.25
N LYS B 1180 -20.68 -6.44 -41.44
CA LYS B 1180 -21.90 -7.24 -41.53
C LYS B 1180 -21.67 -8.67 -41.06
N ALA B 1181 -20.55 -9.28 -41.46
CA ALA B 1181 -20.31 -10.67 -41.06
C ALA B 1181 -20.09 -10.78 -39.56
N ILE B 1182 -19.41 -9.81 -38.96
CA ILE B 1182 -19.19 -9.84 -37.52
C ILE B 1182 -20.52 -9.67 -36.79
N ALA B 1183 -21.39 -8.79 -37.29
CA ALA B 1183 -22.69 -8.60 -36.66
C ALA B 1183 -23.54 -9.85 -36.70
N ALA B 1184 -23.26 -10.78 -37.61
CA ALA B 1184 -24.01 -12.03 -37.70
C ALA B 1184 -23.41 -13.15 -36.85
N LEU B 1185 -22.32 -12.91 -36.14
CA LEU B 1185 -21.76 -13.96 -35.30
C LEU B 1185 -22.64 -14.18 -34.08
N PRO B 1186 -22.76 -15.41 -33.59
CA PRO B 1186 -23.54 -15.66 -32.39
C PRO B 1186 -22.81 -15.14 -31.16
N GLY B 1187 -23.57 -15.00 -30.07
CA GLY B 1187 -22.98 -14.67 -28.79
C GLY B 1187 -22.87 -13.18 -28.55
N PRO B 1188 -21.74 -12.75 -27.99
CA PRO B 1188 -21.59 -11.35 -27.58
C PRO B 1188 -21.47 -10.42 -28.78
N LEU B 1189 -21.87 -9.17 -28.56
CA LEU B 1189 -21.69 -8.12 -29.56
C LEU B 1189 -20.25 -7.62 -29.53
N LEU B 1190 -19.57 -7.68 -30.67
CA LEU B 1190 -18.17 -7.28 -30.71
C LEU B 1190 -18.00 -5.79 -30.98
N LEU B 1191 -17.02 -5.19 -30.29
CA LEU B 1191 -16.57 -3.84 -30.60
C LEU B 1191 -15.61 -3.91 -31.79
N VAL B 1192 -16.03 -3.39 -32.94
CA VAL B 1192 -15.27 -3.48 -34.18
C VAL B 1192 -14.56 -2.16 -34.42
N GLN B 1193 -13.23 -2.22 -34.65
CA GLN B 1193 -12.44 -1.08 -35.04
C GLN B 1193 -11.89 -1.33 -36.44
N ALA B 1194 -11.99 -0.31 -37.30
CA ALA B 1194 -11.60 -0.45 -38.70
C ALA B 1194 -10.67 0.69 -39.12
N ALA B 1195 -9.81 0.37 -40.09
CA ALA B 1195 -8.86 1.32 -40.63
C ALA B 1195 -8.48 0.88 -42.03
N SER B 1196 -8.19 1.84 -42.89
CA SER B 1196 -7.62 1.55 -44.19
C SER B 1196 -6.13 1.28 -44.05
N SER B 1197 -5.57 0.62 -45.07
CA SER B 1197 -4.13 0.39 -45.07
C SER B 1197 -3.37 1.71 -44.99
N GLY B 1198 -3.89 2.74 -45.65
CA GLY B 1198 -3.22 4.03 -45.61
C GLY B 1198 -3.27 4.69 -44.25
N GLU B 1199 -4.41 4.53 -43.55
CA GLU B 1199 -4.53 5.09 -42.20
C GLU B 1199 -3.59 4.39 -41.23
N ILE B 1200 -3.47 3.07 -41.34
CA ILE B 1200 -2.54 2.35 -40.47
C ILE B 1200 -1.12 2.86 -40.67
N ALA B 1201 -0.78 3.22 -41.90
CA ALA B 1201 0.57 3.71 -42.20
C ALA B 1201 0.78 5.13 -41.70
N ARG B 1202 -0.25 5.99 -41.78
CA ARG B 1202 -0.10 7.39 -41.45
C ARG B 1202 -0.40 7.71 -40.00
N ASN B 1203 -1.30 6.95 -39.37
CA ASN B 1203 -1.82 7.31 -38.04
C ASN B 1203 -1.43 6.27 -37.01
N PRO B 1204 -0.54 6.60 -36.06
CA PRO B 1204 -0.19 5.63 -35.02
C PRO B 1204 -1.37 5.20 -34.16
N ASP B 1205 -2.43 6.01 -34.09
CA ASP B 1205 -3.62 5.68 -33.33
C ASP B 1205 -4.75 5.16 -34.22
N ALA B 1206 -4.40 4.53 -35.34
CA ALA B 1206 -5.41 3.97 -36.24
C ALA B 1206 -6.34 3.02 -35.49
N TYR B 1207 -5.78 2.18 -34.62
CA TYR B 1207 -6.56 1.35 -33.71
C TYR B 1207 -6.36 1.88 -32.29
N CYS B 1208 -7.45 2.04 -31.57
CA CYS B 1208 -7.43 2.66 -30.25
C CYS B 1208 -7.32 1.57 -29.20
N LEU B 1209 -6.28 1.67 -28.35
CA LEU B 1209 -6.10 0.65 -27.32
C LEU B 1209 -7.12 0.75 -26.20
N ASN B 1210 -7.87 1.85 -26.12
CA ASN B 1210 -8.88 1.99 -25.07
C ASN B 1210 -9.90 0.87 -25.15
N TRP B 1211 -10.18 0.36 -26.35
CA TRP B 1211 -11.27 -0.60 -26.56
C TRP B 1211 -10.77 -2.05 -26.55
N LEU B 1212 -9.48 -2.26 -26.30
CA LEU B 1212 -8.89 -3.59 -26.31
C LEU B 1212 -8.59 -4.12 -24.90
N VAL B 1213 -9.02 -3.40 -23.86
CA VAL B 1213 -8.91 -3.85 -22.49
C VAL B 1213 -10.32 -3.97 -21.91
N GLU B 1214 -10.43 -4.74 -20.83
CA GLU B 1214 -11.70 -4.93 -20.13
C GLU B 1214 -11.65 -4.21 -18.79
N GLU B 1215 -12.69 -3.43 -18.51
CA GLU B 1215 -12.80 -2.74 -17.22
C GLU B 1215 -13.42 -3.65 -16.18
N VAL B 1216 -12.85 -3.66 -14.98
CA VAL B 1216 -13.44 -4.39 -13.86
C VAL B 1216 -13.53 -3.47 -12.65
N SER B 1217 -14.72 -3.41 -12.05
CA SER B 1217 -14.96 -2.69 -10.81
C SER B 1217 -15.13 -3.70 -9.69
N ALA B 1218 -14.51 -3.43 -8.54
CA ALA B 1218 -14.71 -4.28 -7.37
C ALA B 1218 -14.96 -3.40 -6.15
N SER B 1219 -16.04 -3.68 -5.44
CA SER B 1219 -16.41 -2.93 -4.25
C SER B 1219 -16.39 -3.86 -3.06
N ILE B 1220 -15.51 -3.57 -2.09
CA ILE B 1220 -15.33 -4.41 -0.90
C ILE B 1220 -15.84 -3.64 0.31
N ASN B 1221 -16.76 -4.26 1.06
CA ASN B 1221 -17.27 -3.72 2.31
C ASN B 1221 -16.24 -4.00 3.41
N THR B 1222 -15.46 -2.99 3.79
CA THR B 1222 -14.41 -3.17 4.80
C THR B 1222 -14.91 -2.93 6.21
N ALA B 1223 -16.20 -2.64 6.37
CA ALA B 1223 -16.84 -2.60 7.68
C ALA B 1223 -17.55 -3.90 8.01
N ALA B 1224 -17.35 -4.95 7.20
CA ALA B 1224 -18.23 -6.11 7.26
C ALA B 1224 -18.01 -6.94 8.53
N ALA B 1225 -16.82 -6.87 9.13
CA ALA B 1225 -16.56 -7.63 10.35
C ALA B 1225 -17.15 -6.99 11.60
N GLY B 1226 -17.74 -5.80 11.50
CA GLY B 1226 -18.33 -5.17 12.66
C GLY B 1226 -17.91 -3.73 12.87
N GLY B 1227 -16.98 -3.25 12.04
CA GLY B 1227 -16.55 -1.87 12.16
C GLY B 1227 -15.47 -1.55 11.15
N ASN B 1228 -14.95 -0.33 11.27
CA ASN B 1228 -14.01 0.22 10.30
C ASN B 1228 -12.58 0.17 10.85
#